data_6LPR
# 
_entry.id   6LPR 
# 
_audit_conform.dict_name       mmcif_pdbx.dic 
_audit_conform.dict_version    5.404 
_audit_conform.dict_location   http://mmcif.pdb.org/dictionaries/ascii/mmcif_pdbx.dic 
# 
loop_
_database_2.database_id 
_database_2.database_code 
_database_2.pdbx_database_accession 
_database_2.pdbx_DOI 
PDB   6LPR         pdb_00006lpr 10.2210/pdb6lpr/pdb 
WWPDB D_1000179839 ?            ?                   
# 
loop_
_pdbx_audit_revision_history.ordinal 
_pdbx_audit_revision_history.data_content_type 
_pdbx_audit_revision_history.major_revision 
_pdbx_audit_revision_history.minor_revision 
_pdbx_audit_revision_history.revision_date 
_pdbx_audit_revision_history.part_number 
1 'Structure model' 1 0 1993-01-15 ? 
2 'Structure model' 1 1 2008-03-25 ? 
3 'Structure model' 1 2 2011-07-13 ? 
4 'Structure model' 1 3 2012-12-12 ? 
5 'Structure model' 1 4 2024-06-05 ? 
6 'Structure model' 2 0 2025-08-13 ? 
# 
_pdbx_audit_revision_details.ordinal             1 
_pdbx_audit_revision_details.revision_ordinal    1 
_pdbx_audit_revision_details.data_content_type   'Structure model' 
_pdbx_audit_revision_details.provider            repository 
_pdbx_audit_revision_details.type                'Initial release' 
_pdbx_audit_revision_details.description         ? 
_pdbx_audit_revision_details.details             ? 
# 
loop_
_pdbx_audit_revision_group.ordinal 
_pdbx_audit_revision_group.revision_ordinal 
_pdbx_audit_revision_group.data_content_type 
_pdbx_audit_revision_group.group 
1  2 'Structure model' 'Version format compliance' 
2  3 'Structure model' 'Atomic model'              
3  3 'Structure model' 'Database references'       
4  3 'Structure model' 'Derived calculations'      
5  3 'Structure model' 'Non-polymer description'   
6  3 'Structure model' 'Structure summary'         
7  3 'Structure model' 'Version format compliance' 
8  4 'Structure model' Other                       
9  5 'Structure model' 'Data collection'           
10 5 'Structure model' 'Database references'       
11 5 'Structure model' 'Derived calculations'      
12 5 'Structure model' Other                       
13 6 'Structure model' 'Data collection'           
14 6 'Structure model' 'Polymer sequence'          
15 6 'Structure model' 'Structure summary'         
# 
loop_
_pdbx_audit_revision_category.ordinal 
_pdbx_audit_revision_category.revision_ordinal 
_pdbx_audit_revision_category.data_content_type 
_pdbx_audit_revision_category.category 
1  5 'Structure model' chem_comp_atom            
2  5 'Structure model' chem_comp_bond            
3  5 'Structure model' database_2                
4  5 'Structure model' pdbx_database_status      
5  5 'Structure model' struct_conn               
6  5 'Structure model' struct_ref_seq            
7  5 'Structure model' struct_ref_seq_dif        
8  5 'Structure model' struct_sheet              
9  5 'Structure model' struct_site               
10 6 'Structure model' chem_comp                 
11 6 'Structure model' entity_poly               
12 6 'Structure model' pdbx_entry_details        
13 6 'Structure model' pdbx_modification_feature 
# 
loop_
_pdbx_audit_revision_item.ordinal 
_pdbx_audit_revision_item.revision_ordinal 
_pdbx_audit_revision_item.data_content_type 
_pdbx_audit_revision_item.item 
1  5 'Structure model' '_database_2.pdbx_DOI'                         
2  5 'Structure model' '_database_2.pdbx_database_accession'          
3  5 'Structure model' '_pdbx_database_status.process_site'           
4  5 'Structure model' '_struct_conn.pdbx_dist_value'                 
5  5 'Structure model' '_struct_conn.pdbx_leaving_atom_flag'          
6  5 'Structure model' '_struct_conn.ptnr1_auth_asym_id'              
7  5 'Structure model' '_struct_conn.ptnr1_auth_comp_id'              
8  5 'Structure model' '_struct_conn.ptnr1_auth_seq_id'               
9  5 'Structure model' '_struct_conn.ptnr1_label_asym_id'             
10 5 'Structure model' '_struct_conn.ptnr1_label_atom_id'             
11 5 'Structure model' '_struct_conn.ptnr1_label_comp_id'             
12 5 'Structure model' '_struct_conn.ptnr1_label_seq_id'              
13 5 'Structure model' '_struct_conn.ptnr2_auth_asym_id'              
14 5 'Structure model' '_struct_conn.ptnr2_auth_comp_id'              
15 5 'Structure model' '_struct_conn.ptnr2_auth_seq_id'               
16 5 'Structure model' '_struct_conn.ptnr2_label_asym_id'             
17 5 'Structure model' '_struct_conn.ptnr2_label_atom_id'             
18 5 'Structure model' '_struct_conn.ptnr2_label_comp_id'             
19 5 'Structure model' '_struct_conn.ptnr2_label_seq_id'              
20 5 'Structure model' '_struct_ref_seq.db_align_beg'                 
21 5 'Structure model' '_struct_ref_seq.db_align_end'                 
22 5 'Structure model' '_struct_ref_seq_dif.details'                  
23 5 'Structure model' '_struct_sheet.number_strands'                 
24 5 'Structure model' '_struct_site.pdbx_auth_asym_id'               
25 5 'Structure model' '_struct_site.pdbx_auth_comp_id'               
26 5 'Structure model' '_struct_site.pdbx_auth_seq_id'                
27 6 'Structure model' '_chem_comp.mon_nstd_flag'                     
28 6 'Structure model' '_entity_poly.pdbx_seq_one_letter_code_can'    
29 6 'Structure model' '_pdbx_entry_details.has_protein_modification' 
# 
_pdbx_database_status.status_code                     REL 
_pdbx_database_status.entry_id                        6LPR 
_pdbx_database_status.recvd_initial_deposition_date   1991-08-05 
_pdbx_database_status.deposit_site                    ? 
_pdbx_database_status.process_site                    BNL 
_pdbx_database_status.SG_entry                        . 
_pdbx_database_status.status_code_sf                  ? 
_pdbx_database_status.status_code_mr                  ? 
_pdbx_database_status.status_code_cs                  ? 
_pdbx_database_status.pdb_format_compatible           Y 
_pdbx_database_status.status_code_nmr_data            ? 
_pdbx_database_status.methods_development_category    ? 
# 
loop_
_audit_author.name 
_audit_author.pdbx_ordinal 
'Bone, R.'    1 
'Agard, D.A.' 2 
# 
loop_
_citation.id 
_citation.title 
_citation.journal_abbrev 
_citation.journal_volume 
_citation.page_first 
_citation.page_last 
_citation.year 
_citation.journal_id_ASTM 
_citation.country 
_citation.journal_id_ISSN 
_citation.journal_id_CSD 
_citation.book_publisher 
_citation.pdbx_database_id_PubMed 
_citation.pdbx_database_id_DOI 
primary 'Structural basis for broad specificity in alpha-lytic protease mutants.' Biochemistry 30  10388 10398 1991 BICHAW US 
0006-2960 0033 ? 1931963 10.1021/bi00107a005 
1       'Structural Analysis of Specificity: Alpha-Lytic Protease Complexes with Analogues of Reaction Intermediates' Biochemistry 
28  7600  ?     1989 BICHAW US 0006-2960 0033 ? ?       ?                   
2       'Structural Plasticity Broadens the Specificity of an Engineered Protease' Nature       339 191   ?     1989 NATUAS UK 
0028-0836 0006 ? ?       ?                   
3       'Kinetic Properties of the Binding of Alpha-Lytic Protease to Peptide Boronic Acids' Biochemistry 27  7682  ?     1988 
BICHAW US 0006-2960 0033 ? ?       ?                   
4       
'Serine Protease Mechanism: Structure of an Inhibitory Complex of Alpha-Lytic Protease and a Tightly Bound Peptide Boronic Acid' 
Biochemistry 26  7609  ?     1987 BICHAW US 0006-2960 0033 ? ?       ?                   
5       
'Refined Structure of Alpha-Lytic Protease at 1.7 Angstroms Resolution. Analysis of Hydrogen Bonding and Solvent Structure'      
J.Mol.Biol.  184 479   ?     1985 JMOBAK UK 0022-2836 0070 ? ?       ?                   
6       'Molecular Structure of the Alpha-Lytic Protease from Myxobacter 495 at 2.8 Angstroms Resolution' J.Mol.Biol.  131 743   ? 
1979 JMOBAK UK 0022-2836 0070 ? ?       ?                   
# 
loop_
_citation_author.citation_id 
_citation_author.name 
_citation_author.ordinal 
_citation_author.identifier_ORCID 
primary 'Bone, R.'         1  ? 
primary 'Fujishige, A.'    2  ? 
primary 'Kettner, C.A.'    3  ? 
primary 'Agard, D.A.'      4  ? 
1       'Bone, R.'         5  ? 
1       'Frank, D.'        6  ? 
1       'Kettner, D.'      7  ? 
1       'Agard, D.A.'      8  ? 
2       'Bone, R.'         9  ? 
2       'Silen, J.L.'      10 ? 
2       'Agard, D.A.'      11 ? 
3       'Kettner, D.A.'    12 ? 
3       'Bone, R.'         13 ? 
3       'Agard, D.A.'      14 ? 
3       'Bachovchin, W.W.' 15 ? 
4       'Bone, R.'         16 ? 
4       'Shenvi, A.B.'     17 ? 
4       'Kettner, C.A.'    18 ? 
4       'Agard, D.A.'      19 ? 
5       'Fujinaga, M.'     20 ? 
5       'Delbaere, L.T.J.' 21 ? 
5       'Brayer, G.D.'     22 ? 
5       'James, M.N.G.'    23 ? 
6       'Brayer, G.D.'     24 ? 
6       'Delbaere, L.T.J.' 25 ? 
6       'James, M.N.G.'    26 ? 
# 
loop_
_entity.id 
_entity.type 
_entity.src_method 
_entity.pdbx_description 
_entity.formula_weight 
_entity.pdbx_number_of_molecules 
_entity.pdbx_ec 
_entity.pdbx_mutation 
_entity.pdbx_fragment 
_entity.details 
1 polymer     man 'ALPHA-LYTIC PROTEASE'                                          19815.014 1   3.4.21.12 ? ? ? 
2 polymer     syn 'METHOXYSUCCINYL-ALA-ALA-PRO-NORLEUCINE BORONIC ACID INHIBITOR' 484.351   1   ?         ? ? ? 
3 non-polymer syn 'SULFATE ION'                                                   96.063    1   ?         ? ? ? 
4 water       nat water                                                           18.015    174 ?         ? ? ? 
# 
loop_
_entity_poly.entity_id 
_entity_poly.type 
_entity_poly.nstd_linkage 
_entity_poly.nstd_monomer 
_entity_poly.pdbx_seq_one_letter_code 
_entity_poly.pdbx_seq_one_letter_code_can 
_entity_poly.pdbx_strand_id 
_entity_poly.pdbx_target_identifier 
1 'polypeptide(L)' no no  
;ANIVGGIEYSINNASLCSVGFSVTRGATKGFVTAGHCGTVNATARIGGAVVGTFAARVFPGNDRAWVSLTSAQTLLPRVA
NGSSFVTVRGSTEAAVGAAVCRSGRTTGYQCGTITAKNVTANYAEGAVRGLTQGNACMGRGDSGGSWITSAGQAQGVASG
GNVQSNGNNCGIPASQRSSLFERLQPILSQYGLSLVTG
;
;ANIVGGIEYSINNASLCSVGFSVTRGATKGFVTAGHCGTVNATARIGGAVVGTFAARVFPGNDRAWVSLTSAQTLLPRVA
NGSSFVTVRGSTEAAVGAAVCRSGRTTGYQCGTITAKNVTANYAEGAVRGLTQGNACMGRGDSGGSWITSAGQAQGVASG
GNVQSNGNNCGIPASQRSSLFERLQPILSQYGLSLVTG
;
A ? 
2 'polypeptide(L)' no yes '(MSU)AAP(BNO)' XAAPL P ? 
# 
loop_
_pdbx_entity_nonpoly.entity_id 
_pdbx_entity_nonpoly.name 
_pdbx_entity_nonpoly.comp_id 
3 'SULFATE ION' SO4 
4 water         HOH 
# 
loop_
_entity_poly_seq.entity_id 
_entity_poly_seq.num 
_entity_poly_seq.mon_id 
_entity_poly_seq.hetero 
1 1   ALA n 
1 2   ASN n 
1 3   ILE n 
1 4   VAL n 
1 5   GLY n 
1 6   GLY n 
1 7   ILE n 
1 8   GLU n 
1 9   TYR n 
1 10  SER n 
1 11  ILE n 
1 12  ASN n 
1 13  ASN n 
1 14  ALA n 
1 15  SER n 
1 16  LEU n 
1 17  CYS n 
1 18  SER n 
1 19  VAL n 
1 20  GLY n 
1 21  PHE n 
1 22  SER n 
1 23  VAL n 
1 24  THR n 
1 25  ARG n 
1 26  GLY n 
1 27  ALA n 
1 28  THR n 
1 29  LYS n 
1 30  GLY n 
1 31  PHE n 
1 32  VAL n 
1 33  THR n 
1 34  ALA n 
1 35  GLY n 
1 36  HIS n 
1 37  CYS n 
1 38  GLY n 
1 39  THR n 
1 40  VAL n 
1 41  ASN n 
1 42  ALA n 
1 43  THR n 
1 44  ALA n 
1 45  ARG n 
1 46  ILE n 
1 47  GLY n 
1 48  GLY n 
1 49  ALA n 
1 50  VAL n 
1 51  VAL n 
1 52  GLY n 
1 53  THR n 
1 54  PHE n 
1 55  ALA n 
1 56  ALA n 
1 57  ARG n 
1 58  VAL n 
1 59  PHE n 
1 60  PRO n 
1 61  GLY n 
1 62  ASN n 
1 63  ASP n 
1 64  ARG n 
1 65  ALA n 
1 66  TRP n 
1 67  VAL n 
1 68  SER n 
1 69  LEU n 
1 70  THR n 
1 71  SER n 
1 72  ALA n 
1 73  GLN n 
1 74  THR n 
1 75  LEU n 
1 76  LEU n 
1 77  PRO n 
1 78  ARG n 
1 79  VAL n 
1 80  ALA n 
1 81  ASN n 
1 82  GLY n 
1 83  SER n 
1 84  SER n 
1 85  PHE n 
1 86  VAL n 
1 87  THR n 
1 88  VAL n 
1 89  ARG n 
1 90  GLY n 
1 91  SER n 
1 92  THR n 
1 93  GLU n 
1 94  ALA n 
1 95  ALA n 
1 96  VAL n 
1 97  GLY n 
1 98  ALA n 
1 99  ALA n 
1 100 VAL n 
1 101 CYS n 
1 102 ARG n 
1 103 SER n 
1 104 GLY n 
1 105 ARG n 
1 106 THR n 
1 107 THR n 
1 108 GLY n 
1 109 TYR n 
1 110 GLN n 
1 111 CYS n 
1 112 GLY n 
1 113 THR n 
1 114 ILE n 
1 115 THR n 
1 116 ALA n 
1 117 LYS n 
1 118 ASN n 
1 119 VAL n 
1 120 THR n 
1 121 ALA n 
1 122 ASN n 
1 123 TYR n 
1 124 ALA n 
1 125 GLU n 
1 126 GLY n 
1 127 ALA n 
1 128 VAL n 
1 129 ARG n 
1 130 GLY n 
1 131 LEU n 
1 132 THR n 
1 133 GLN n 
1 134 GLY n 
1 135 ASN n 
1 136 ALA n 
1 137 CYS n 
1 138 MET n 
1 139 GLY n 
1 140 ARG n 
1 141 GLY n 
1 142 ASP n 
1 143 SER n 
1 144 GLY n 
1 145 GLY n 
1 146 SER n 
1 147 TRP n 
1 148 ILE n 
1 149 THR n 
1 150 SER n 
1 151 ALA n 
1 152 GLY n 
1 153 GLN n 
1 154 ALA n 
1 155 GLN n 
1 156 GLY n 
1 157 VAL n 
1 158 ALA n 
1 159 SER n 
1 160 GLY n 
1 161 GLY n 
1 162 ASN n 
1 163 VAL n 
1 164 GLN n 
1 165 SER n 
1 166 ASN n 
1 167 GLY n 
1 168 ASN n 
1 169 ASN n 
1 170 CYS n 
1 171 GLY n 
1 172 ILE n 
1 173 PRO n 
1 174 ALA n 
1 175 SER n 
1 176 GLN n 
1 177 ARG n 
1 178 SER n 
1 179 SER n 
1 180 LEU n 
1 181 PHE n 
1 182 GLU n 
1 183 ARG n 
1 184 LEU n 
1 185 GLN n 
1 186 PRO n 
1 187 ILE n 
1 188 LEU n 
1 189 SER n 
1 190 GLN n 
1 191 TYR n 
1 192 GLY n 
1 193 LEU n 
1 194 SER n 
1 195 LEU n 
1 196 VAL n 
1 197 THR n 
1 198 GLY n 
2 1   MSU n 
2 2   ALA n 
2 3   ALA n 
2 4   PRO n 
2 5   BNO n 
# 
_entity_src_gen.entity_id                          1 
_entity_src_gen.pdbx_src_id                        1 
_entity_src_gen.pdbx_alt_source_flag               sample 
_entity_src_gen.pdbx_seq_type                      ? 
_entity_src_gen.pdbx_beg_seq_num                   ? 
_entity_src_gen.pdbx_end_seq_num                   ? 
_entity_src_gen.gene_src_common_name               ? 
_entity_src_gen.gene_src_genus                     Lysobacter 
_entity_src_gen.pdbx_gene_src_gene                 ? 
_entity_src_gen.gene_src_species                   ? 
_entity_src_gen.gene_src_strain                    ? 
_entity_src_gen.gene_src_tissue                    ? 
_entity_src_gen.gene_src_tissue_fraction           ? 
_entity_src_gen.gene_src_details                   ? 
_entity_src_gen.pdbx_gene_src_fragment             ? 
_entity_src_gen.pdbx_gene_src_scientific_name      'Lysobacter enzymogenes' 
_entity_src_gen.pdbx_gene_src_ncbi_taxonomy_id     69 
_entity_src_gen.pdbx_gene_src_variant              ? 
_entity_src_gen.pdbx_gene_src_cell_line            ? 
_entity_src_gen.pdbx_gene_src_atcc                 ? 
_entity_src_gen.pdbx_gene_src_organ                ? 
_entity_src_gen.pdbx_gene_src_organelle            ? 
_entity_src_gen.pdbx_gene_src_cell                 ? 
_entity_src_gen.pdbx_gene_src_cellular_location    ? 
_entity_src_gen.host_org_common_name               ? 
_entity_src_gen.pdbx_host_org_scientific_name      'Escherichia coli' 
_entity_src_gen.pdbx_host_org_ncbi_taxonomy_id     562 
_entity_src_gen.host_org_genus                     Escherichia 
_entity_src_gen.pdbx_host_org_gene                 ? 
_entity_src_gen.pdbx_host_org_organ                ? 
_entity_src_gen.host_org_species                   ? 
_entity_src_gen.pdbx_host_org_tissue               ? 
_entity_src_gen.pdbx_host_org_tissue_fraction      ? 
_entity_src_gen.pdbx_host_org_strain               ? 
_entity_src_gen.pdbx_host_org_variant              ? 
_entity_src_gen.pdbx_host_org_cell_line            ? 
_entity_src_gen.pdbx_host_org_atcc                 ? 
_entity_src_gen.pdbx_host_org_culture_collection   ? 
_entity_src_gen.pdbx_host_org_cell                 ? 
_entity_src_gen.pdbx_host_org_organelle            ? 
_entity_src_gen.pdbx_host_org_cellular_location    ? 
_entity_src_gen.pdbx_host_org_vector_type          ? 
_entity_src_gen.pdbx_host_org_vector               ? 
_entity_src_gen.host_org_details                   ? 
_entity_src_gen.expression_system_id               ? 
_entity_src_gen.plasmid_name                       ? 
_entity_src_gen.plasmid_details                    ? 
_entity_src_gen.pdbx_description                   ? 
# 
loop_
_chem_comp.id 
_chem_comp.type 
_chem_comp.mon_nstd_flag 
_chem_comp.name 
_chem_comp.pdbx_synonyms 
_chem_comp.formula 
_chem_comp.formula_weight 
ALA 'L-peptide linking' y ALANINE                          ? 'C3 H7 N O2'     89.093  
ARG 'L-peptide linking' y ARGININE                         ? 'C6 H15 N4 O2 1' 175.209 
ASN 'L-peptide linking' y ASPARAGINE                       ? 'C4 H8 N2 O3'    132.118 
ASP 'L-peptide linking' y 'ASPARTIC ACID'                  ? 'C4 H7 N O4'     133.103 
BNO peptide-like        n 'NORLEUCINE BORONIC ACID'        ? 'C5 H14 B N O2'  130.981 
CYS 'L-peptide linking' y CYSTEINE                         ? 'C3 H7 N O2 S'   121.158 
GLN 'L-peptide linking' y GLUTAMINE                        ? 'C5 H10 N2 O3'   146.144 
GLU 'L-peptide linking' y 'GLUTAMIC ACID'                  ? 'C5 H9 N O4'     147.129 
GLY 'peptide linking'   y GLYCINE                          ? 'C2 H5 N O2'     75.067  
HIS 'L-peptide linking' y HISTIDINE                        ? 'C6 H10 N3 O2 1' 156.162 
HOH non-polymer         . WATER                            ? 'H2 O'           18.015  
ILE 'L-peptide linking' y ISOLEUCINE                       ? 'C6 H13 N O2'    131.173 
LEU 'L-peptide linking' y LEUCINE                          ? 'C6 H13 N O2'    131.173 
LYS 'L-peptide linking' y LYSINE                           ? 'C6 H15 N2 O2 1' 147.195 
MET 'L-peptide linking' y METHIONINE                       ? 'C5 H11 N O2 S'  149.211 
MSU non-polymer         . 'SUCCINIC ACID MONOMETHYL ESTER' ? 'C5 H8 O4'       132.115 
PHE 'L-peptide linking' y PHENYLALANINE                    ? 'C9 H11 N O2'    165.189 
PRO 'L-peptide linking' y PROLINE                          ? 'C5 H9 N O2'     115.130 
SER 'L-peptide linking' y SERINE                           ? 'C3 H7 N O3'     105.093 
SO4 non-polymer         . 'SULFATE ION'                    ? 'O4 S -2'        96.063  
THR 'L-peptide linking' y THREONINE                        ? 'C4 H9 N O3'     119.119 
TRP 'L-peptide linking' y TRYPTOPHAN                       ? 'C11 H12 N2 O2'  204.225 
TYR 'L-peptide linking' y TYROSINE                         ? 'C9 H11 N O3'    181.189 
VAL 'L-peptide linking' y VALINE                           ? 'C5 H11 N O2'    117.146 
# 
loop_
_pdbx_poly_seq_scheme.asym_id 
_pdbx_poly_seq_scheme.entity_id 
_pdbx_poly_seq_scheme.seq_id 
_pdbx_poly_seq_scheme.mon_id 
_pdbx_poly_seq_scheme.ndb_seq_num 
_pdbx_poly_seq_scheme.pdb_seq_num 
_pdbx_poly_seq_scheme.auth_seq_num 
_pdbx_poly_seq_scheme.pdb_mon_id 
_pdbx_poly_seq_scheme.auth_mon_id 
_pdbx_poly_seq_scheme.pdb_strand_id 
_pdbx_poly_seq_scheme.pdb_ins_code 
_pdbx_poly_seq_scheme.hetero 
A 1 1   ALA 1   15  15  ALA ALA A A n 
A 1 2   ASN 2   15  15  ASN ASN A B n 
A 1 3   ILE 3   16  16  ILE ILE A . n 
A 1 4   VAL 4   17  17  VAL VAL A . n 
A 1 5   GLY 5   18  18  GLY GLY A . n 
A 1 6   GLY 6   19  19  GLY GLY A . n 
A 1 7   ILE 7   29  29  ILE ILE A . n 
A 1 8   GLU 8   30  30  GLU GLU A . n 
A 1 9   TYR 9   31  31  TYR TYR A . n 
A 1 10  SER 10  32  32  SER SER A . n 
A 1 11  ILE 11  33  33  ILE ILE A . n 
A 1 12  ASN 12  34  34  ASN ASN A . n 
A 1 13  ASN 13  35  35  ASN ASN A . n 
A 1 14  ALA 14  39  39  ALA ALA A . n 
A 1 15  SER 15  40  40  SER SER A . n 
A 1 16  LEU 16  41  41  LEU LEU A . n 
A 1 17  CYS 17  42  42  CYS CYS A . n 
A 1 18  SER 18  43  43  SER SER A . n 
A 1 19  VAL 19  44  44  VAL VAL A . n 
A 1 20  GLY 20  45  45  GLY GLY A . n 
A 1 21  PHE 21  46  46  PHE PHE A . n 
A 1 22  SER 22  47  47  SER SER A . n 
A 1 23  VAL 23  48  48  VAL VAL A . n 
A 1 24  THR 24  48  48  THR THR A A n 
A 1 25  ARG 25  48  48  ARG ARG A B n 
A 1 26  GLY 26  48  48  GLY GLY A C n 
A 1 27  ALA 27  48  48  ALA ALA A D n 
A 1 28  THR 28  49  49  THR THR A . n 
A 1 29  LYS 29  50  50  LYS LYS A . n 
A 1 30  GLY 30  51  51  GLY GLY A . n 
A 1 31  PHE 31  52  52  PHE PHE A . n 
A 1 32  VAL 32  53  53  VAL VAL A . n 
A 1 33  THR 33  54  54  THR THR A . n 
A 1 34  ALA 34  55  55  ALA ALA A . n 
A 1 35  GLY 35  56  56  GLY GLY A . n 
A 1 36  HIS 36  57  57  HIS HIS A . n 
A 1 37  CYS 37  58  58  CYS CYS A . n 
A 1 38  GLY 38  59  59  GLY GLY A . n 
A 1 39  THR 39  62  62  THR THR A . n 
A 1 40  VAL 40  63  63  VAL VAL A . n 
A 1 41  ASN 41  64  64  ASN ASN A . n 
A 1 42  ALA 42  65  65  ALA ALA A . n 
A 1 43  THR 43  65  65  THR THR A A n 
A 1 44  ALA 44  66  66  ALA ALA A . n 
A 1 45  ARG 45  67  67  ARG ARG A . n 
A 1 46  ILE 46  80  80  ILE ILE A . n 
A 1 47  GLY 47  81  81  GLY GLY A . n 
A 1 48  GLY 48  82  82  GLY GLY A . n 
A 1 49  ALA 49  83  83  ALA ALA A . n 
A 1 50  VAL 50  84  84  VAL VAL A . n 
A 1 51  VAL 51  85  85  VAL VAL A . n 
A 1 52  GLY 52  86  86  GLY GLY A . n 
A 1 53  THR 53  87  87  THR THR A . n 
A 1 54  PHE 54  88  88  PHE PHE A . n 
A 1 55  ALA 55  89  89  ALA ALA A . n 
A 1 56  ALA 56  90  90  ALA ALA A . n 
A 1 57  ARG 57  91  91  ARG ARG A . n 
A 1 58  VAL 58  93  93  VAL VAL A . n 
A 1 59  PHE 59  94  94  PHE PHE A . n 
A 1 60  PRO 60  99  99  PRO PRO A A n 
A 1 61  GLY 61  100 100 GLY GLY A . n 
A 1 62  ASN 62  101 101 ASN ASN A . n 
A 1 63  ASP 63  102 102 ASP ASP A . n 
A 1 64  ARG 64  103 103 ARG ARG A . n 
A 1 65  ALA 65  104 104 ALA ALA A . n 
A 1 66  TRP 66  105 105 TRP TRP A . n 
A 1 67  VAL 67  106 106 VAL VAL A . n 
A 1 68  SER 68  107 107 SER SER A . n 
A 1 69  LEU 69  108 108 LEU LEU A . n 
A 1 70  THR 70  109 109 THR THR A . n 
A 1 71  SER 71  110 110 SER SER A . n 
A 1 72  ALA 72  111 111 ALA ALA A . n 
A 1 73  GLN 73  112 112 GLN GLN A . n 
A 1 74  THR 74  113 113 THR THR A . n 
A 1 75  LEU 75  114 114 LEU LEU A . n 
A 1 76  LEU 76  115 115 LEU LEU A . n 
A 1 77  PRO 77  116 116 PRO PRO A . n 
A 1 78  ARG 78  117 117 ARG ARG A . n 
A 1 79  VAL 79  118 118 VAL VAL A . n 
A 1 80  ALA 80  119 119 ALA ALA A . n 
A 1 81  ASN 81  120 120 ASN ASN A . n 
A 1 82  GLY 82  120 120 GLY GLY A B n 
A 1 83  SER 83  120 120 SER SER A C n 
A 1 84  SER 84  120 120 SER SER A D n 
A 1 85  PHE 85  121 121 PHE PHE A . n 
A 1 86  VAL 86  122 122 VAL VAL A . n 
A 1 87  THR 87  123 123 THR THR A . n 
A 1 88  VAL 88  124 124 VAL VAL A . n 
A 1 89  ARG 89  125 125 ARG ARG A . n 
A 1 90  GLY 90  126 126 GLY GLY A . n 
A 1 91  SER 91  127 127 SER SER A . n 
A 1 92  THR 92  128 128 THR THR A . n 
A 1 93  GLU 93  129 129 GLU GLU A . n 
A 1 94  ALA 94  130 130 ALA ALA A . n 
A 1 95  ALA 95  131 131 ALA ALA A . n 
A 1 96  VAL 96  132 132 VAL VAL A . n 
A 1 97  GLY 97  133 133 GLY GLY A . n 
A 1 98  ALA 98  134 134 ALA ALA A . n 
A 1 99  ALA 99  135 135 ALA ALA A . n 
A 1 100 VAL 100 136 136 VAL VAL A . n 
A 1 101 CYS 101 137 137 CYS CYS A . n 
A 1 102 ARG 102 138 138 ARG ARG A . n 
A 1 103 SER 103 139 139 SER SER A . n 
A 1 104 GLY 104 140 140 GLY GLY A . n 
A 1 105 ARG 105 141 141 ARG ARG A . n 
A 1 106 THR 106 142 142 THR THR A . n 
A 1 107 THR 107 143 143 THR THR A . n 
A 1 108 GLY 108 156 156 GLY GLY A . n 
A 1 109 TYR 109 157 157 TYR TYR A . n 
A 1 110 GLN 110 158 158 GLN GLN A . n 
A 1 111 CYS 111 159 159 CYS CYS A . n 
A 1 112 GLY 112 160 160 GLY GLY A . n 
A 1 113 THR 113 161 161 THR THR A . n 
A 1 114 ILE 114 162 162 ILE ILE A . n 
A 1 115 THR 115 163 163 THR THR A . n 
A 1 116 ALA 116 164 164 ALA ALA A . n 
A 1 117 LYS 117 165 165 LYS LYS A . n 
A 1 118 ASN 118 166 166 ASN ASN A . n 
A 1 119 VAL 119 167 167 VAL VAL A . n 
A 1 120 THR 120 168 168 THR THR A . n 
A 1 121 ALA 121 169 169 ALA ALA A . n 
A 1 122 ASN 122 170 170 ASN ASN A . n 
A 1 123 TYR 123 171 171 TYR TYR A . n 
A 1 124 ALA 124 172 172 ALA ALA A . n 
A 1 125 GLU 125 174 174 GLU GLU A . n 
A 1 126 GLY 126 175 175 GLY GLY A . n 
A 1 127 ALA 127 176 176 ALA ALA A . n 
A 1 128 VAL 128 177 177 VAL VAL A . n 
A 1 129 ARG 129 178 178 ARG ARG A . n 
A 1 130 GLY 130 179 179 GLY GLY A . n 
A 1 131 LEU 131 180 180 LEU LEU A . n 
A 1 132 THR 132 181 181 THR THR A . n 
A 1 133 GLN 133 182 182 GLN GLN A . n 
A 1 134 GLY 134 183 183 GLY GLY A . n 
A 1 135 ASN 135 184 184 ASN ASN A . n 
A 1 136 ALA 136 190 190 ALA ALA A . n 
A 1 137 CYS 137 191 191 CYS CYS A . n 
A 1 138 MET 138 192 192 MET MET A . n 
A 1 139 GLY 139 192 192 GLY GLY A A n 
A 1 140 ARG 140 192 192 ARG ARG A B n 
A 1 141 GLY 141 193 193 GLY GLY A . n 
A 1 142 ASP 142 194 194 ASP ASP A . n 
A 1 143 SER 143 195 195 SER SER A . n 
A 1 144 GLY 144 196 196 GLY GLY A . n 
A 1 145 GLY 145 197 197 GLY GLY A . n 
A 1 146 SER 146 198 198 SER SER A . n 
A 1 147 TRP 147 199 199 TRP TRP A . n 
A 1 148 ILE 148 200 200 ILE ILE A . n 
A 1 149 THR 149 201 201 THR THR A . n 
A 1 150 SER 150 202 202 SER SER A . n 
A 1 151 ALA 151 203 203 ALA ALA A . n 
A 1 152 GLY 152 207 207 GLY GLY A . n 
A 1 153 GLN 153 208 208 GLN GLN A . n 
A 1 154 ALA 154 209 209 ALA ALA A . n 
A 1 155 GLN 155 210 210 GLN GLN A . n 
A 1 156 GLY 156 211 211 GLY GLY A . n 
A 1 157 VAL 157 212 212 VAL VAL A . n 
A 1 158 ALA 158 213 213 ALA ALA A . n 
A 1 159 SER 159 214 214 SER SER A . n 
A 1 160 GLY 160 215 215 GLY GLY A . n 
A 1 161 GLY 161 216 216 GLY GLY A . n 
A 1 162 ASN 162 217 217 ASN ASN A . n 
A 1 163 VAL 163 217 217 VAL VAL A A n 
A 1 164 GLN 164 217 217 GLN GLN A B n 
A 1 165 SER 165 217 217 SER SER A C n 
A 1 166 ASN 166 217 217 ASN ASN A D n 
A 1 167 GLY 167 217 217 GLY GLY A E n 
A 1 168 ASN 168 218 218 ASN ASN A . n 
A 1 169 ASN 169 219 219 ASN ASN A . n 
A 1 170 CYS 170 220 220 CYS CYS A . n 
A 1 171 GLY 171 221 221 GLY GLY A . n 
A 1 172 ILE 172 221 221 ILE ILE A A n 
A 1 173 PRO 173 221 221 PRO PRO A B n 
A 1 174 ALA 174 221 221 ALA ALA A C n 
A 1 175 SER 175 222 222 SER SER A . n 
A 1 176 GLN 176 223 223 GLN GLN A . n 
A 1 177 ARG 177 224 224 ARG ARG A . n 
A 1 178 SER 178 225 225 SER SER A . n 
A 1 179 SER 179 226 226 SER SER A . n 
A 1 180 LEU 180 227 227 LEU LEU A . n 
A 1 181 PHE 181 228 228 PHE PHE A . n 
A 1 182 GLU 182 229 229 GLU GLU A . n 
A 1 183 ARG 183 230 230 ARG ARG A . n 
A 1 184 LEU 184 231 231 LEU LEU A . n 
A 1 185 GLN 185 232 232 GLN GLN A . n 
A 1 186 PRO 186 233 233 PRO PRO A . n 
A 1 187 ILE 187 234 234 ILE ILE A . n 
A 1 188 LEU 188 235 235 LEU LEU A . n 
A 1 189 SER 189 235 235 SER SER A A n 
A 1 190 GLN 190 236 236 GLN GLN A . n 
A 1 191 TYR 191 237 237 TYR TYR A . n 
A 1 192 GLY 192 238 238 GLY GLY A . n 
A 1 193 LEU 193 239 239 LEU LEU A . n 
A 1 194 SER 194 240 240 SER SER A . n 
A 1 195 LEU 195 241 241 LEU LEU A . n 
A 1 196 VAL 196 242 242 VAL VAL A . n 
A 1 197 THR 197 243 243 THR THR A . n 
A 1 198 GLY 198 244 244 GLY GLY A . n 
B 2 1   MSU 1   5   ?   ?   ?   P . n 
B 2 2   ALA 2   4   4   ALA ALA P . n 
B 2 3   ALA 3   3   3   ALA ALA P . n 
B 2 4   PRO 4   2   2   PRO PRO P . n 
B 2 5   BNO 5   1   1   BNO BNO P . n 
# 
loop_
_pdbx_nonpoly_scheme.asym_id 
_pdbx_nonpoly_scheme.entity_id 
_pdbx_nonpoly_scheme.mon_id 
_pdbx_nonpoly_scheme.ndb_seq_num 
_pdbx_nonpoly_scheme.pdb_seq_num 
_pdbx_nonpoly_scheme.auth_seq_num 
_pdbx_nonpoly_scheme.pdb_mon_id 
_pdbx_nonpoly_scheme.auth_mon_id 
_pdbx_nonpoly_scheme.pdb_strand_id 
_pdbx_nonpoly_scheme.pdb_ins_code 
C 3 SO4 1   1   1   SO4 SO4 A . 
D 4 HOH 1   245 2   HOH HOH A . 
D 4 HOH 2   246 3   HOH HOH A . 
D 4 HOH 3   247 4   HOH HOH A . 
D 4 HOH 4   248 5   HOH HOH A . 
D 4 HOH 5   249 6   HOH HOH A . 
D 4 HOH 6   250 7   HOH HOH A . 
D 4 HOH 7   251 8   HOH HOH A . 
D 4 HOH 8   252 9   HOH HOH A . 
D 4 HOH 9   253 10  HOH HOH A . 
D 4 HOH 10  254 11  HOH HOH A . 
D 4 HOH 11  255 12  HOH HOH A . 
D 4 HOH 12  256 13  HOH HOH A . 
D 4 HOH 13  257 14  HOH HOH A . 
D 4 HOH 14  258 15  HOH HOH A . 
D 4 HOH 15  259 16  HOH HOH A . 
D 4 HOH 16  260 17  HOH HOH A . 
D 4 HOH 17  261 18  HOH HOH A . 
D 4 HOH 18  262 19  HOH HOH A . 
D 4 HOH 19  263 20  HOH HOH A . 
D 4 HOH 20  264 21  HOH HOH A . 
D 4 HOH 21  265 22  HOH HOH A . 
D 4 HOH 22  266 23  HOH HOH A . 
D 4 HOH 23  267 24  HOH HOH A . 
D 4 HOH 24  268 25  HOH HOH A . 
D 4 HOH 25  269 26  HOH HOH A . 
D 4 HOH 26  270 27  HOH HOH A . 
D 4 HOH 27  271 28  HOH HOH A . 
D 4 HOH 28  272 29  HOH HOH A . 
D 4 HOH 29  273 30  HOH HOH A . 
D 4 HOH 30  274 31  HOH HOH A . 
D 4 HOH 31  275 32  HOH HOH A . 
D 4 HOH 32  276 33  HOH HOH A . 
D 4 HOH 33  277 34  HOH HOH A . 
D 4 HOH 34  278 35  HOH HOH A . 
D 4 HOH 35  279 36  HOH HOH A . 
D 4 HOH 36  280 37  HOH HOH A . 
D 4 HOH 37  281 38  HOH HOH A . 
D 4 HOH 38  282 39  HOH HOH A . 
D 4 HOH 39  283 40  HOH HOH A . 
D 4 HOH 40  284 41  HOH HOH A . 
D 4 HOH 41  285 42  HOH HOH A . 
D 4 HOH 42  286 43  HOH HOH A . 
D 4 HOH 43  287 44  HOH HOH A . 
D 4 HOH 44  288 45  HOH HOH A . 
D 4 HOH 45  289 46  HOH HOH A . 
D 4 HOH 46  290 47  HOH HOH A . 
D 4 HOH 47  291 48  HOH HOH A . 
D 4 HOH 48  292 49  HOH HOH A . 
D 4 HOH 49  293 50  HOH HOH A . 
D 4 HOH 50  294 51  HOH HOH A . 
D 4 HOH 51  295 52  HOH HOH A . 
D 4 HOH 52  296 53  HOH HOH A . 
D 4 HOH 53  297 54  HOH HOH A . 
D 4 HOH 54  298 55  HOH HOH A . 
D 4 HOH 55  299 56  HOH HOH A . 
D 4 HOH 56  300 57  HOH HOH A . 
D 4 HOH 57  301 58  HOH HOH A . 
D 4 HOH 58  302 59  HOH HOH A . 
D 4 HOH 59  303 60  HOH HOH A . 
D 4 HOH 60  304 61  HOH HOH A . 
D 4 HOH 61  305 62  HOH HOH A . 
D 4 HOH 62  306 63  HOH HOH A . 
D 4 HOH 63  307 64  HOH HOH A . 
D 4 HOH 64  308 65  HOH HOH A . 
D 4 HOH 65  309 66  HOH HOH A . 
D 4 HOH 66  310 67  HOH HOH A . 
D 4 HOH 67  311 68  HOH HOH A . 
D 4 HOH 68  312 69  HOH HOH A . 
D 4 HOH 69  313 70  HOH HOH A . 
D 4 HOH 70  314 71  HOH HOH A . 
D 4 HOH 71  315 72  HOH HOH A . 
D 4 HOH 72  316 73  HOH HOH A . 
D 4 HOH 73  317 74  HOH HOH A . 
D 4 HOH 74  318 75  HOH HOH A . 
D 4 HOH 75  319 76  HOH HOH A . 
D 4 HOH 76  320 77  HOH HOH A . 
D 4 HOH 77  321 78  HOH HOH A . 
D 4 HOH 78  322 79  HOH HOH A . 
D 4 HOH 79  323 80  HOH HOH A . 
D 4 HOH 80  324 81  HOH HOH A . 
D 4 HOH 81  325 82  HOH HOH A . 
D 4 HOH 82  326 83  HOH HOH A . 
D 4 HOH 83  327 84  HOH HOH A . 
D 4 HOH 84  328 85  HOH HOH A . 
D 4 HOH 85  329 86  HOH HOH A . 
D 4 HOH 86  330 88  HOH HOH A . 
D 4 HOH 87  331 89  HOH HOH A . 
D 4 HOH 88  332 91  HOH HOH A . 
D 4 HOH 89  333 92  HOH HOH A . 
D 4 HOH 90  334 93  HOH HOH A . 
D 4 HOH 91  335 94  HOH HOH A . 
D 4 HOH 92  336 95  HOH HOH A . 
D 4 HOH 93  337 96  HOH HOH A . 
D 4 HOH 94  338 97  HOH HOH A . 
D 4 HOH 95  339 98  HOH HOH A . 
D 4 HOH 96  340 99  HOH HOH A . 
D 4 HOH 97  341 100 HOH HOH A . 
D 4 HOH 98  342 101 HOH HOH A . 
D 4 HOH 99  343 102 HOH HOH A . 
D 4 HOH 100 344 104 HOH HOH A . 
D 4 HOH 101 345 105 HOH HOH A . 
D 4 HOH 102 346 106 HOH HOH A . 
D 4 HOH 103 347 107 HOH HOH A . 
D 4 HOH 104 348 108 HOH HOH A . 
D 4 HOH 105 349 109 HOH HOH A . 
D 4 HOH 106 350 110 HOH HOH A . 
D 4 HOH 107 351 111 HOH HOH A . 
D 4 HOH 108 352 112 HOH HOH A . 
D 4 HOH 109 353 113 HOH HOH A . 
D 4 HOH 110 354 114 HOH HOH A . 
D 4 HOH 111 355 115 HOH HOH A . 
D 4 HOH 112 356 116 HOH HOH A . 
D 4 HOH 113 357 117 HOH HOH A . 
D 4 HOH 114 358 118 HOH HOH A . 
D 4 HOH 115 359 119 HOH HOH A . 
D 4 HOH 116 360 120 HOH HOH A . 
D 4 HOH 117 361 121 HOH HOH A . 
D 4 HOH 118 362 122 HOH HOH A . 
D 4 HOH 119 363 123 HOH HOH A . 
D 4 HOH 120 364 124 HOH HOH A . 
D 4 HOH 121 365 125 HOH HOH A . 
D 4 HOH 122 366 126 HOH HOH A . 
D 4 HOH 123 367 127 HOH HOH A . 
D 4 HOH 124 368 128 HOH HOH A . 
D 4 HOH 125 369 129 HOH HOH A . 
D 4 HOH 126 370 130 HOH HOH A . 
D 4 HOH 127 371 131 HOH HOH A . 
D 4 HOH 128 372 132 HOH HOH A . 
D 4 HOH 129 373 133 HOH HOH A . 
D 4 HOH 130 374 134 HOH HOH A . 
D 4 HOH 131 375 135 HOH HOH A . 
D 4 HOH 132 376 136 HOH HOH A . 
D 4 HOH 133 377 137 HOH HOH A . 
D 4 HOH 134 378 138 HOH HOH A . 
D 4 HOH 135 379 139 HOH HOH A . 
D 4 HOH 136 380 140 HOH HOH A . 
D 4 HOH 137 381 141 HOH HOH A . 
D 4 HOH 138 382 142 HOH HOH A . 
D 4 HOH 139 383 143 HOH HOH A . 
D 4 HOH 140 384 144 HOH HOH A . 
D 4 HOH 141 385 145 HOH HOH A . 
D 4 HOH 142 386 146 HOH HOH A . 
D 4 HOH 143 387 147 HOH HOH A . 
D 4 HOH 144 388 148 HOH HOH A . 
D 4 HOH 145 389 149 HOH HOH A . 
D 4 HOH 146 390 150 HOH HOH A . 
D 4 HOH 147 391 151 HOH HOH A . 
D 4 HOH 148 392 152 HOH HOH A . 
D 4 HOH 149 393 153 HOH HOH A . 
D 4 HOH 150 394 154 HOH HOH A . 
D 4 HOH 151 395 155 HOH HOH A . 
D 4 HOH 152 396 156 HOH HOH A . 
D 4 HOH 153 397 157 HOH HOH A . 
D 4 HOH 154 398 158 HOH HOH A . 
D 4 HOH 155 399 159 HOH HOH A . 
D 4 HOH 156 400 160 HOH HOH A . 
D 4 HOH 157 401 161 HOH HOH A . 
D 4 HOH 158 402 162 HOH HOH A . 
D 4 HOH 159 403 163 HOH HOH A . 
D 4 HOH 160 404 164 HOH HOH A . 
D 4 HOH 161 405 165 HOH HOH A . 
D 4 HOH 162 406 166 HOH HOH A . 
D 4 HOH 163 407 167 HOH HOH A . 
D 4 HOH 164 408 168 HOH HOH A . 
D 4 HOH 165 409 169 HOH HOH A . 
D 4 HOH 166 410 170 HOH HOH A . 
D 4 HOH 167 411 171 HOH HOH A . 
D 4 HOH 168 412 172 HOH HOH A . 
D 4 HOH 169 413 173 HOH HOH A . 
D 4 HOH 170 414 174 HOH HOH A . 
D 4 HOH 171 415 175 HOH HOH A . 
E 4 HOH 1   87  87  HOH HOH P . 
E 4 HOH 2   90  90  HOH HOH P . 
E 4 HOH 3   103 103 HOH HOH P . 
# 
_software.name             PROLSQ 
_software.classification   refinement 
_software.version          . 
_software.citation_id      ? 
_software.pdbx_ordinal     1 
# 
_cell.entry_id           6LPR 
_cell.length_a           66.330 
_cell.length_b           66.330 
_cell.length_c           80.190 
_cell.angle_alpha        90.00 
_cell.angle_beta         90.00 
_cell.angle_gamma        120.00 
_cell.Z_PDB              6 
_cell.pdbx_unique_axis   ? 
_cell.length_a_esd       ? 
_cell.length_b_esd       ? 
_cell.length_c_esd       ? 
_cell.angle_alpha_esd    ? 
_cell.angle_beta_esd     ? 
_cell.angle_gamma_esd    ? 
# 
_symmetry.entry_id                         6LPR 
_symmetry.space_group_name_H-M             'P 32 2 1' 
_symmetry.pdbx_full_space_group_name_H-M   ? 
_symmetry.cell_setting                     ? 
_symmetry.Int_Tables_number                154 
_symmetry.space_group_name_Hall            ? 
# 
_exptl.entry_id          6LPR 
_exptl.method            'X-RAY DIFFRACTION' 
_exptl.crystals_number   ? 
# 
_exptl_crystal.id                    1 
_exptl_crystal.density_meas          ? 
_exptl_crystal.density_Matthews      2.51 
_exptl_crystal.density_percent_sol   50.96 
_exptl_crystal.description           ? 
_exptl_crystal.F_000                 ? 
_exptl_crystal.preparation           ? 
# 
_diffrn.id                     1 
_diffrn.ambient_temp           ? 
_diffrn.ambient_temp_details   ? 
_diffrn.crystal_id             1 
# 
_diffrn_radiation.diffrn_id                        1 
_diffrn_radiation.wavelength_id                    1 
_diffrn_radiation.monochromator                    ? 
_diffrn_radiation.pdbx_monochromatic_or_laue_m_l   ? 
_diffrn_radiation.pdbx_diffrn_protocol             ? 
_diffrn_radiation.pdbx_scattering_type             x-ray 
# 
_diffrn_radiation_wavelength.id           1 
_diffrn_radiation_wavelength.wavelength   . 
_diffrn_radiation_wavelength.wt           1.0 
# 
_reflns.entry_id                     6LPR 
_reflns.number_all                   ? 
_reflns.number_obs                   ? 
_reflns.percent_possible_obs         ? 
_reflns.observed_criterion_sigma_F   ? 
_reflns.observed_criterion_sigma_I   ? 
_reflns.d_resolution_high            2.10 
_reflns.d_resolution_low             ? 
_reflns.pdbx_Rmerge_I_obs            ? 
_reflns.pdbx_Rsym_value              ? 
_reflns.pdbx_netI_over_sigmaI        ? 
_reflns.B_iso_Wilson_estimate        ? 
_reflns.pdbx_redundancy              ? 
_reflns.R_free_details               ? 
_reflns.limit_h_max                  ? 
_reflns.limit_h_min                  ? 
_reflns.limit_k_max                  ? 
_reflns.limit_k_min                  ? 
_reflns.limit_l_max                  ? 
_reflns.limit_l_min                  ? 
_reflns.observed_criterion_F_max     ? 
_reflns.observed_criterion_F_min     ? 
_reflns.pdbx_chi_squared             ? 
_reflns.pdbx_scaling_rejects         ? 
_reflns.pdbx_ordinal                 1 
_reflns.pdbx_diffrn_id               1 
# 
_refine.entry_id                                 6LPR 
_refine.ls_number_reflns_obs                     ? 
_refine.ls_number_reflns_all                     ? 
_refine.pdbx_ls_sigma_I                          ? 
_refine.pdbx_ls_sigma_F                          ? 
_refine.pdbx_data_cutoff_high_absF               ? 
_refine.pdbx_data_cutoff_low_absF                ? 
_refine.pdbx_data_cutoff_high_rms_absF           ? 
_refine.ls_d_res_low                             ? 
_refine.ls_d_res_high                            2.10 
_refine.ls_percent_reflns_obs                    ? 
_refine.ls_R_factor_obs                          0.132 
_refine.ls_R_factor_all                          ? 
_refine.ls_R_factor_R_work                       ? 
_refine.ls_R_factor_R_free                       ? 
_refine.ls_R_factor_R_free_error                 ? 
_refine.ls_R_factor_R_free_error_details         ? 
_refine.ls_percent_reflns_R_free                 ? 
_refine.ls_number_reflns_R_free                  ? 
_refine.ls_number_parameters                     ? 
_refine.ls_number_restraints                     ? 
_refine.occupancy_min                            ? 
_refine.occupancy_max                            ? 
_refine.B_iso_mean                               ? 
_refine.aniso_B[1][1]                            ? 
_refine.aniso_B[2][2]                            ? 
_refine.aniso_B[3][3]                            ? 
_refine.aniso_B[1][2]                            ? 
_refine.aniso_B[1][3]                            ? 
_refine.aniso_B[2][3]                            ? 
_refine.solvent_model_details                    ? 
_refine.solvent_model_param_ksol                 ? 
_refine.solvent_model_param_bsol                 ? 
_refine.pdbx_ls_cross_valid_method               ? 
_refine.details                                  
'THE METHOXYSUCCINYL PORTION OF THE INHIBITOR WAS DISORDERED AND NO COORDINATES ARE INCLUDED FOR IT IN THIS ENTRY' 
_refine.pdbx_starting_model                      ? 
_refine.pdbx_method_to_determine_struct          ? 
_refine.pdbx_isotropic_thermal_model             ? 
_refine.pdbx_stereochemistry_target_values       ? 
_refine.pdbx_stereochem_target_val_spec_case     ? 
_refine.pdbx_R_Free_selection_details            ? 
_refine.pdbx_overall_ESU_R_Free                  ? 
_refine.overall_SU_ML                            ? 
_refine.overall_SU_B                             ? 
_refine.pdbx_refine_id                           'X-RAY DIFFRACTION' 
_refine.ls_redundancy_reflns_obs                 ? 
_refine.pdbx_overall_phase_error                 ? 
_refine.B_iso_min                                ? 
_refine.B_iso_max                                ? 
_refine.correlation_coeff_Fo_to_Fc               ? 
_refine.correlation_coeff_Fo_to_Fc_free          ? 
_refine.pdbx_solvent_vdw_probe_radii             ? 
_refine.pdbx_solvent_ion_probe_radii             ? 
_refine.pdbx_solvent_shrinkage_radii             ? 
_refine.overall_SU_R_Cruickshank_DPI             ? 
_refine.overall_SU_R_free                        ? 
_refine.ls_wR_factor_R_free                      ? 
_refine.ls_wR_factor_R_work                      ? 
_refine.overall_FOM_free_R_set                   ? 
_refine.overall_FOM_work_R_set                   ? 
_refine.pdbx_overall_ESU_R                       ? 
_refine.pdbx_diffrn_id                           1 
_refine.pdbx_TLS_residual_ADP_flag               ? 
_refine.pdbx_overall_SU_R_free_Cruickshank_DPI   ? 
_refine.pdbx_overall_SU_R_Blow_DPI               ? 
_refine.pdbx_overall_SU_R_free_Blow_DPI          ? 
# 
_refine_hist.pdbx_refine_id                   'X-RAY DIFFRACTION' 
_refine_hist.cycle_id                         LAST 
_refine_hist.pdbx_number_atoms_protein        1414 
_refine_hist.pdbx_number_atoms_nucleic_acid   0 
_refine_hist.pdbx_number_atoms_ligand         5 
_refine_hist.number_atoms_solvent             174 
_refine_hist.number_atoms_total               1593 
_refine_hist.d_res_high                       2.10 
_refine_hist.d_res_low                        . 
# 
loop_
_refine_ls_restr.type 
_refine_ls_restr.dev_ideal 
_refine_ls_restr.dev_ideal_target 
_refine_ls_restr.weight 
_refine_ls_restr.number 
_refine_ls_restr.pdbx_refine_id 
_refine_ls_restr.pdbx_restraint_function 
p_bond_d            0.018 ? ? ? 'X-RAY DIFFRACTION' ? 
p_angle_d           0.053 ? ? ? 'X-RAY DIFFRACTION' ? 
p_angle_deg         ?     ? ? ? 'X-RAY DIFFRACTION' ? 
p_planar_d          ?     ? ? ? 'X-RAY DIFFRACTION' ? 
p_hb_or_metal_coord ?     ? ? ? 'X-RAY DIFFRACTION' ? 
p_mcbond_it         ?     ? ? ? 'X-RAY DIFFRACTION' ? 
p_mcangle_it        ?     ? ? ? 'X-RAY DIFFRACTION' ? 
p_scbond_it         ?     ? ? ? 'X-RAY DIFFRACTION' ? 
p_scangle_it        ?     ? ? ? 'X-RAY DIFFRACTION' ? 
p_plane_restr       ?     ? ? ? 'X-RAY DIFFRACTION' ? 
p_chiral_restr      ?     ? ? ? 'X-RAY DIFFRACTION' ? 
p_singtor_nbd       ?     ? ? ? 'X-RAY DIFFRACTION' ? 
p_multtor_nbd       ?     ? ? ? 'X-RAY DIFFRACTION' ? 
p_xhyhbond_nbd      ?     ? ? ? 'X-RAY DIFFRACTION' ? 
p_xyhbond_nbd       ?     ? ? ? 'X-RAY DIFFRACTION' ? 
p_planar_tor        ?     ? ? ? 'X-RAY DIFFRACTION' ? 
p_staggered_tor     ?     ? ? ? 'X-RAY DIFFRACTION' ? 
p_orthonormal_tor   ?     ? ? ? 'X-RAY DIFFRACTION' ? 
p_transverse_tor    ?     ? ? ? 'X-RAY DIFFRACTION' ? 
p_special_tor       ?     ? ? ? 'X-RAY DIFFRACTION' ? 
# 
_struct.entry_id                  6LPR 
_struct.title                     'STRUCTURAL BASIS FOR BROAD SPECIFICITY IN ALPHA-LYTIC PROTEASE MUTANTS' 
_struct.pdbx_model_details        ? 
_struct.pdbx_CASP_flag            ? 
_struct.pdbx_model_type_details   ? 
# 
_struct_keywords.entry_id        6LPR 
_struct_keywords.pdbx_keywords   'HYDROLASE/HYDROLASE INHIBITOR' 
_struct_keywords.text            'SERINE PROTEINASE, HYDROLASE-HYDROLASE INHIBITOR COMPLEX' 
# 
loop_
_struct_asym.id 
_struct_asym.pdbx_blank_PDB_chainid_flag 
_struct_asym.pdbx_modified 
_struct_asym.entity_id 
_struct_asym.details 
A N N 1 ? 
B N N 2 ? 
C N N 3 ? 
D N N 4 ? 
E N N 4 ? 
# 
loop_
_struct_ref.id 
_struct_ref.db_name 
_struct_ref.db_code 
_struct_ref.entity_id 
_struct_ref.pdbx_db_accession 
_struct_ref.pdbx_align_begin 
_struct_ref.pdbx_seq_one_letter_code 
_struct_ref.pdbx_db_isoform 
1 UNP PRLA_LYSEN 1 P00778 1 
;MYVSNHRSRRVARVSVSCLVAALAAMSCGAALAADQVDPQLKFAMQRDLGIFPTQLPQYLQTEKLARTQAAAIEREFGAQ
FAGSWIERNEDGSFKLVAATSGARKSSTLGGVEVRNVRYSLKQLQSAMEQLDAGANARVKGVSKPLDGVQSWYVDPRSNA
VVVKVDDGATEAGVDFVALSGADSAQVRIESSPGKLQTTANIVGGIEYSINNASLCSVGFSVTRGATKGFVTAGHCGTVN
ATARIGGAVVGTFAARVFPGNDRAWVSLTSAQTLLPRVANGSSFVTVRGSTEAAVGAAVCRSGRTTGYQCGTITAKNVTA
NYAEGAVRGLTQGNACMGRGDSGGSWITSAGQAQGVMSGGNVQSNGNNCGIPASQRSSLFERLQPILSQYGLSLVTG
;
? 
2 PDB 6LPR       2 6LPR   1 '(MSU)AAP(BNO)' ? 
# 
loop_
_struct_ref_seq.align_id 
_struct_ref_seq.ref_id 
_struct_ref_seq.pdbx_PDB_id_code 
_struct_ref_seq.pdbx_strand_id 
_struct_ref_seq.seq_align_beg 
_struct_ref_seq.pdbx_seq_align_beg_ins_code 
_struct_ref_seq.seq_align_end 
_struct_ref_seq.pdbx_seq_align_end_ins_code 
_struct_ref_seq.pdbx_db_accession 
_struct_ref_seq.db_align_beg 
_struct_ref_seq.pdbx_db_align_beg_ins_code 
_struct_ref_seq.db_align_end 
_struct_ref_seq.pdbx_db_align_end_ins_code 
_struct_ref_seq.pdbx_auth_seq_align_beg 
_struct_ref_seq.pdbx_auth_seq_align_end 
1 1 6LPR A 1 A 198 ? P00778 200 ? 397 ? 15 244 
2 2 6LPR P 5 ? 1   ? 6LPR   1   ? 5   ? 1  5   
# 
_struct_ref_seq_dif.align_id                     1 
_struct_ref_seq_dif.pdbx_pdb_id_code             6LPR 
_struct_ref_seq_dif.mon_id                       ALA 
_struct_ref_seq_dif.pdbx_pdb_strand_id           A 
_struct_ref_seq_dif.seq_num                      158 
_struct_ref_seq_dif.pdbx_pdb_ins_code            ? 
_struct_ref_seq_dif.pdbx_seq_db_name             UNP 
_struct_ref_seq_dif.pdbx_seq_db_accession_code   P00778 
_struct_ref_seq_dif.db_mon_id                    MET 
_struct_ref_seq_dif.pdbx_seq_db_seq_num          357 
_struct_ref_seq_dif.details                      conflict 
_struct_ref_seq_dif.pdbx_auth_seq_num            213 
_struct_ref_seq_dif.pdbx_ordinal                 1 
# 
_pdbx_struct_assembly.id                   1 
_pdbx_struct_assembly.details              author_and_software_defined_assembly 
_pdbx_struct_assembly.method_details       PISA 
_pdbx_struct_assembly.oligomeric_details   dimeric 
_pdbx_struct_assembly.oligomeric_count     2 
# 
loop_
_pdbx_struct_assembly_prop.biol_id 
_pdbx_struct_assembly_prop.type 
_pdbx_struct_assembly_prop.value 
_pdbx_struct_assembly_prop.details 
1 'ABSA (A^2)' 1050 ? 
1 MORE         -16  ? 
1 'SSA (A^2)'  7740 ? 
# 
_pdbx_struct_assembly_gen.assembly_id       1 
_pdbx_struct_assembly_gen.oper_expression   1 
_pdbx_struct_assembly_gen.asym_id_list      A,B,C,D,E 
# 
_pdbx_struct_oper_list.id                   1 
_pdbx_struct_oper_list.type                 'identity operation' 
_pdbx_struct_oper_list.name                 1_555 
_pdbx_struct_oper_list.symmetry_operation   x,y,z 
_pdbx_struct_oper_list.matrix[1][1]         1.0000000000 
_pdbx_struct_oper_list.matrix[1][2]         0.0000000000 
_pdbx_struct_oper_list.matrix[1][3]         0.0000000000 
_pdbx_struct_oper_list.vector[1]            0.0000000000 
_pdbx_struct_oper_list.matrix[2][1]         0.0000000000 
_pdbx_struct_oper_list.matrix[2][2]         1.0000000000 
_pdbx_struct_oper_list.matrix[2][3]         0.0000000000 
_pdbx_struct_oper_list.vector[2]            0.0000000000 
_pdbx_struct_oper_list.matrix[3][1]         0.0000000000 
_pdbx_struct_oper_list.matrix[3][2]         0.0000000000 
_pdbx_struct_oper_list.matrix[3][3]         1.0000000000 
_pdbx_struct_oper_list.vector[3]            0.0000000000 
# 
_struct_biol.id        1 
_struct_biol.details   ? 
# 
loop_
_struct_conf.conf_type_id 
_struct_conf.id 
_struct_conf.pdbx_PDB_helix_id 
_struct_conf.beg_label_comp_id 
_struct_conf.beg_label_asym_id 
_struct_conf.beg_label_seq_id 
_struct_conf.pdbx_beg_PDB_ins_code 
_struct_conf.end_label_comp_id 
_struct_conf.end_label_asym_id 
_struct_conf.end_label_seq_id 
_struct_conf.pdbx_end_PDB_ins_code 
_struct_conf.beg_auth_comp_id 
_struct_conf.beg_auth_asym_id 
_struct_conf.beg_auth_seq_id 
_struct_conf.end_auth_comp_id 
_struct_conf.end_auth_asym_id 
_struct_conf.end_auth_seq_id 
_struct_conf.pdbx_PDB_helix_class 
_struct_conf.details 
_struct_conf.pdbx_PDB_helix_length 
HELX_P HELX_P1 1 ALA A 34  ? GLY A 38  ? ALA A 55  GLY A 59  5 ? 5 
HELX_P HELX_P2 2 GLY A 171 ? ARG A 177 ? GLY A 221 ARG A 224 5 ? 7 
HELX_P HELX_P3 3 LEU A 184 ? GLY A 192 ? LEU A 231 GLY A 238 1 ? 9 
# 
_struct_conf_type.id          HELX_P 
_struct_conf_type.criteria    ? 
_struct_conf_type.reference   ? 
# 
loop_
_struct_conn.id 
_struct_conn.conn_type_id 
_struct_conn.pdbx_leaving_atom_flag 
_struct_conn.pdbx_PDB_id 
_struct_conn.ptnr1_label_asym_id 
_struct_conn.ptnr1_label_comp_id 
_struct_conn.ptnr1_label_seq_id 
_struct_conn.ptnr1_label_atom_id 
_struct_conn.pdbx_ptnr1_label_alt_id 
_struct_conn.pdbx_ptnr1_PDB_ins_code 
_struct_conn.pdbx_ptnr1_standard_comp_id 
_struct_conn.ptnr1_symmetry 
_struct_conn.ptnr2_label_asym_id 
_struct_conn.ptnr2_label_comp_id 
_struct_conn.ptnr2_label_seq_id 
_struct_conn.ptnr2_label_atom_id 
_struct_conn.pdbx_ptnr2_label_alt_id 
_struct_conn.pdbx_ptnr2_PDB_ins_code 
_struct_conn.ptnr1_auth_asym_id 
_struct_conn.ptnr1_auth_comp_id 
_struct_conn.ptnr1_auth_seq_id 
_struct_conn.ptnr2_auth_asym_id 
_struct_conn.ptnr2_auth_comp_id 
_struct_conn.ptnr2_auth_seq_id 
_struct_conn.ptnr2_symmetry 
_struct_conn.pdbx_ptnr3_label_atom_id 
_struct_conn.pdbx_ptnr3_label_seq_id 
_struct_conn.pdbx_ptnr3_label_comp_id 
_struct_conn.pdbx_ptnr3_label_asym_id 
_struct_conn.pdbx_ptnr3_label_alt_id 
_struct_conn.pdbx_ptnr3_PDB_ins_code 
_struct_conn.details 
_struct_conn.pdbx_dist_value 
_struct_conn.pdbx_value_order 
_struct_conn.pdbx_role 
disulf1 disulf ?    ? A CYS 17  SG ? ? ? 1_555 A CYS 37  SG ? ? A CYS 42  A CYS 58  1_555 ? ? ? ? ? ? ? 2.102 ? ? 
disulf2 disulf ?    ? A CYS 101 SG ? ? ? 1_555 A CYS 111 SG ? ? A CYS 137 A CYS 159 1_555 ? ? ? ? ? ? ? 2.024 ? ? 
disulf3 disulf ?    ? A CYS 137 SG ? ? ? 1_555 A CYS 170 SG ? ? A CYS 191 A CYS 220 1_555 ? ? ? ? ? ? ? 2.029 ? ? 
covale1 covale none ? A SER 143 OG ? ? ? 1_555 B BNO 5   B  ? ? A SER 195 P BNO 1   1_555 ? ? ? ? ? ? ? 1.612 ? ? 
covale2 covale both ? B BNO 5   N  ? ? ? 1_555 B PRO 4   C  ? ? P BNO 1   P PRO 2   1_555 ? ? ? ? ? ? ? 1.318 ? ? 
# 
loop_
_struct_conn_type.id 
_struct_conn_type.criteria 
_struct_conn_type.reference 
disulf ? ? 
covale ? ? 
# 
loop_
_pdbx_modification_feature.ordinal 
_pdbx_modification_feature.label_comp_id 
_pdbx_modification_feature.label_asym_id 
_pdbx_modification_feature.label_seq_id 
_pdbx_modification_feature.label_alt_id 
_pdbx_modification_feature.modified_residue_label_comp_id 
_pdbx_modification_feature.modified_residue_label_asym_id 
_pdbx_modification_feature.modified_residue_label_seq_id 
_pdbx_modification_feature.modified_residue_label_alt_id 
_pdbx_modification_feature.auth_comp_id 
_pdbx_modification_feature.auth_asym_id 
_pdbx_modification_feature.auth_seq_id 
_pdbx_modification_feature.PDB_ins_code 
_pdbx_modification_feature.symmetry 
_pdbx_modification_feature.modified_residue_auth_comp_id 
_pdbx_modification_feature.modified_residue_auth_asym_id 
_pdbx_modification_feature.modified_residue_auth_seq_id 
_pdbx_modification_feature.modified_residue_PDB_ins_code 
_pdbx_modification_feature.modified_residue_symmetry 
_pdbx_modification_feature.comp_id_linking_atom 
_pdbx_modification_feature.modified_residue_id_linking_atom 
_pdbx_modification_feature.modified_residue_id 
_pdbx_modification_feature.ref_pcm_id 
_pdbx_modification_feature.ref_comp_id 
_pdbx_modification_feature.type 
_pdbx_modification_feature.category 
1 BNO B 5   ? .   . .   . BNO P 1   ? 1_555 .   . .   . .     .  .  LEU 1 BNO None 'Non-standard residue' 
2 CYS A 17  ? CYS A 37  ? CYS A 42  ? 1_555 CYS A 58  ? 1_555 SG SG .   . .   None 'Disulfide bridge'     
3 CYS A 101 ? CYS A 111 ? CYS A 137 ? 1_555 CYS A 159 ? 1_555 SG SG .   . .   None 'Disulfide bridge'     
4 CYS A 137 ? CYS A 170 ? CYS A 191 ? 1_555 CYS A 220 ? 1_555 SG SG .   . .   None 'Disulfide bridge'     
5 SER A 143 ? BNO B 5   ? SER A 195 ? 1_555 BNO P 1   ? 1_555 OG B  .   . .   None 'Non-standard linkage' 
# 
_struct_mon_prot_cis.pdbx_id                1 
_struct_mon_prot_cis.label_comp_id          PHE 
_struct_mon_prot_cis.label_seq_id           59 
_struct_mon_prot_cis.label_asym_id          A 
_struct_mon_prot_cis.label_alt_id           . 
_struct_mon_prot_cis.pdbx_PDB_ins_code      ? 
_struct_mon_prot_cis.auth_comp_id           PHE 
_struct_mon_prot_cis.auth_seq_id            94 
_struct_mon_prot_cis.auth_asym_id           A 
_struct_mon_prot_cis.pdbx_label_comp_id_2   PRO 
_struct_mon_prot_cis.pdbx_label_seq_id_2    60 
_struct_mon_prot_cis.pdbx_label_asym_id_2   A 
_struct_mon_prot_cis.pdbx_PDB_ins_code_2    A 
_struct_mon_prot_cis.pdbx_auth_comp_id_2    PRO 
_struct_mon_prot_cis.pdbx_auth_seq_id_2     99 
_struct_mon_prot_cis.pdbx_auth_asym_id_2    A 
_struct_mon_prot_cis.pdbx_PDB_model_num     1 
_struct_mon_prot_cis.pdbx_omega_angle       -2.20 
# 
loop_
_struct_sheet.id 
_struct_sheet.type 
_struct_sheet.number_strands 
_struct_sheet.details 
A ? 1 ? 
B ? 6 ? 
# 
loop_
_struct_sheet_order.sheet_id 
_struct_sheet_order.range_id_1 
_struct_sheet_order.range_id_2 
_struct_sheet_order.offset 
_struct_sheet_order.sense 
B 1 2 ? anti-parallel 
B 2 3 ? anti-parallel 
B 3 4 ? anti-parallel 
B 4 5 ? anti-parallel 
B 5 6 ? anti-parallel 
# 
loop_
_struct_sheet_range.sheet_id 
_struct_sheet_range.id 
_struct_sheet_range.beg_label_comp_id 
_struct_sheet_range.beg_label_asym_id 
_struct_sheet_range.beg_label_seq_id 
_struct_sheet_range.pdbx_beg_PDB_ins_code 
_struct_sheet_range.end_label_comp_id 
_struct_sheet_range.end_label_asym_id 
_struct_sheet_range.end_label_seq_id 
_struct_sheet_range.pdbx_end_PDB_ins_code 
_struct_sheet_range.beg_auth_comp_id 
_struct_sheet_range.beg_auth_asym_id 
_struct_sheet_range.beg_auth_seq_id 
_struct_sheet_range.end_auth_comp_id 
_struct_sheet_range.end_auth_asym_id 
_struct_sheet_range.end_auth_seq_id 
A 1 THR A 74  ? SER A 83  C THR A 113 SER A 120 
B 1 SER A 15  ? SER A 18  ? SER A 40  SER A 43  
B 2 GLU A 8   ? ILE A 11  ? GLU A 30  ILE A 33  
B 3 ALA A 49  ? VAL A 58  ? ALA A 83  VAL A 93  
B 4 ARG A 64  ? LEU A 69  ? ARG A 103 LEU A 108 
B 5 THR A 28  ? THR A 33  ? THR A 49  THR A 54  
B 6 SER A 194 ? LEU A 195 ? SER A 240 LEU A 241 
# 
loop_
_pdbx_struct_sheet_hbond.sheet_id 
_pdbx_struct_sheet_hbond.range_id_1 
_pdbx_struct_sheet_hbond.range_id_2 
_pdbx_struct_sheet_hbond.range_1_label_atom_id 
_pdbx_struct_sheet_hbond.range_1_label_comp_id 
_pdbx_struct_sheet_hbond.range_1_label_asym_id 
_pdbx_struct_sheet_hbond.range_1_label_seq_id 
_pdbx_struct_sheet_hbond.range_1_PDB_ins_code 
_pdbx_struct_sheet_hbond.range_1_auth_atom_id 
_pdbx_struct_sheet_hbond.range_1_auth_comp_id 
_pdbx_struct_sheet_hbond.range_1_auth_asym_id 
_pdbx_struct_sheet_hbond.range_1_auth_seq_id 
_pdbx_struct_sheet_hbond.range_2_label_atom_id 
_pdbx_struct_sheet_hbond.range_2_label_comp_id 
_pdbx_struct_sheet_hbond.range_2_label_asym_id 
_pdbx_struct_sheet_hbond.range_2_label_seq_id 
_pdbx_struct_sheet_hbond.range_2_PDB_ins_code 
_pdbx_struct_sheet_hbond.range_2_auth_atom_id 
_pdbx_struct_sheet_hbond.range_2_auth_comp_id 
_pdbx_struct_sheet_hbond.range_2_auth_asym_id 
_pdbx_struct_sheet_hbond.range_2_auth_seq_id 
B 1 2 N CYS A 17 ? N CYS A 42  O TYR A 9  ? O TYR A 31  
B 2 3 N ILE A 46 ? N ILE A 80  O ALA A 49 ? O ALA A 83  
B 3 4 N VAL A 58 ? N VAL A 93  O ARG A 64 ? O ARG A 103 
B 4 5 N LEU A 69 ? N LEU A 108 O LYS A 29 ? O LYS A 50  
# 
loop_
_struct_site.id 
_struct_site.pdbx_evidence_code 
_struct_site.pdbx_auth_asym_id 
_struct_site.pdbx_auth_comp_id 
_struct_site.pdbx_auth_seq_id 
_struct_site.pdbx_auth_ins_code 
_struct_site.pdbx_num_residues 
_struct_site.details 
AC1 Software A SO4 1 ? 7  'BINDING SITE FOR RESIDUE SO4 A 1'                                                
AC2 Software ? ?   ? ? 14 'BINDING SITE FOR CHAIN P OF METHOXYSUCCINYL-ALA-ALA-PRO-NORLEUCINE BORONIC ACID' 
# 
loop_
_struct_site_gen.id 
_struct_site_gen.site_id 
_struct_site_gen.pdbx_num_res 
_struct_site_gen.label_comp_id 
_struct_site_gen.label_asym_id 
_struct_site_gen.label_seq_id 
_struct_site_gen.pdbx_auth_ins_code 
_struct_site_gen.auth_comp_id 
_struct_site_gen.auth_asym_id 
_struct_site_gen.auth_seq_id 
_struct_site_gen.label_atom_id 
_struct_site_gen.label_alt_id 
_struct_site_gen.symmetry 
_struct_site_gen.details 
1  AC1 7  ALA A 1   A ALA A 15  . ? 3_665 ? 
2  AC1 7  ASN A 2   B ASN A 15  . ? 3_665 ? 
3  AC1 7  ARG A 183 ? ARG A 230 . ? 1_555 ? 
4  AC1 7  PRO A 186 ? PRO A 233 . ? 1_555 ? 
5  AC1 7  HOH D .   ? HOH A 271 . ? 3_665 ? 
6  AC1 7  HOH D .   ? HOH A 282 . ? 1_555 ? 
7  AC1 7  HOH D .   ? HOH A 370 . ? 3_665 ? 
8  AC2 14 HIS A 36  ? HIS A 57  . ? 1_555 ? 
9  AC2 14 ARG A 89  ? ARG A 125 . ? 5_565 ? 
10 AC2 14 TYR A 123 ? TYR A 171 . ? 1_555 ? 
11 AC2 14 MET A 138 ? MET A 192 . ? 1_555 ? 
12 AC2 14 GLY A 139 A GLY A 192 . ? 1_555 ? 
13 AC2 14 ARG A 140 B ARG A 192 . ? 1_555 ? 
14 AC2 14 GLY A 141 ? GLY A 193 . ? 1_555 ? 
15 AC2 14 ASP A 142 ? ASP A 194 . ? 1_555 ? 
16 AC2 14 SER A 143 ? SER A 195 . ? 1_555 ? 
17 AC2 14 SER A 159 ? SER A 214 . ? 1_555 ? 
18 AC2 14 GLY A 160 ? GLY A 215 . ? 1_555 ? 
19 AC2 14 GLY A 161 ? GLY A 216 . ? 1_555 ? 
20 AC2 14 HOH E .   ? HOH P 90  . ? 1_555 ? 
21 AC2 14 HOH E .   ? HOH P 103 . ? 1_555 ? 
# 
_pdbx_entry_details.entry_id                   6LPR 
_pdbx_entry_details.compound_details           
;INHIBITORY PEPTIDE BORONIC ACIDS ARE PEPTIDE ANALOGS IN WHICH THE C-TERMINAL CARBOXYL GROUP HAS BEEN REPLACED WITH THE BORONIC ACID GROUP (B(OH)2).
;
_pdbx_entry_details.source_details             ? 
_pdbx_entry_details.nonpolymer_details         
;INHIBITORY PEPTIDE BORONIC ACIDS ARE PEPTIDE ANALOGS IN
WHICH THE C-TERMINAL CARBOXYL GROUP HAS BEEN REPLACED WITH
THE BORONIC ACID GROUP (B(OH)2).

INHIBITOR NUMBERING IS BY ANALOGY TO PROTEASE SUBSTRATE
NOMENCLATURE IN WHICH THE RESIDUE PRIOR TO THE SCISSILE
BOND IS THE P1 RESIDUE, THE NEXT TOWARDS THE N-TERMINUS IS
THE P2 RESIDUE ETC.
;
_pdbx_entry_details.sequence_details           
;CHAIN A RESIDUE NUMBERING IS DONE BY HOMOLOGY WITH CHYMOTRYPSIN FOR RESIDUES 15A - 244. CHAIN P INHIBITOR NUMBERING IS DONE BY ANALOGY TO PROTEASE SUBSTRATE NOMENCLATURE IN WHICH THE RESIDUE PRIOR TO THE SCISSILE BOND IS THE P1 RESIDUE, THE NEXT TOWARD THE N-TERMINUS IS THE P2 RESIDUE, ETC.
;
_pdbx_entry_details.has_ligand_of_interest     ? 
_pdbx_entry_details.has_protein_modification   Y 
# 
loop_
_pdbx_validate_rmsd_angle.id 
_pdbx_validate_rmsd_angle.PDB_model_num 
_pdbx_validate_rmsd_angle.auth_atom_id_1 
_pdbx_validate_rmsd_angle.auth_asym_id_1 
_pdbx_validate_rmsd_angle.auth_comp_id_1 
_pdbx_validate_rmsd_angle.auth_seq_id_1 
_pdbx_validate_rmsd_angle.PDB_ins_code_1 
_pdbx_validate_rmsd_angle.label_alt_id_1 
_pdbx_validate_rmsd_angle.auth_atom_id_2 
_pdbx_validate_rmsd_angle.auth_asym_id_2 
_pdbx_validate_rmsd_angle.auth_comp_id_2 
_pdbx_validate_rmsd_angle.auth_seq_id_2 
_pdbx_validate_rmsd_angle.PDB_ins_code_2 
_pdbx_validate_rmsd_angle.label_alt_id_2 
_pdbx_validate_rmsd_angle.auth_atom_id_3 
_pdbx_validate_rmsd_angle.auth_asym_id_3 
_pdbx_validate_rmsd_angle.auth_comp_id_3 
_pdbx_validate_rmsd_angle.auth_seq_id_3 
_pdbx_validate_rmsd_angle.PDB_ins_code_3 
_pdbx_validate_rmsd_angle.label_alt_id_3 
_pdbx_validate_rmsd_angle.angle_value 
_pdbx_validate_rmsd_angle.angle_target_value 
_pdbx_validate_rmsd_angle.angle_deviation 
_pdbx_validate_rmsd_angle.angle_standard_deviation 
_pdbx_validate_rmsd_angle.linker_flag 
1  1 NE  A ARG 48  B ? CZ A ARG 48  B ? NH1 A ARG 48  B ? 140.51 120.30 20.21  0.50 N 
2  1 NE  A ARG 48  B ? CZ A ARG 48  B ? NH2 A ARG 48  B ? 101.70 120.30 -18.60 0.50 N 
3  1 CG1 A VAL 53  ? ? CB A VAL 53  ? ? CG2 A VAL 53  ? ? 100.53 110.90 -10.37 1.60 N 
4  1 NE  A ARG 67  ? ? CZ A ARG 67  ? ? NH1 A ARG 67  ? ? 133.88 120.30 13.58  0.50 N 
5  1 NE  A ARG 67  ? ? CZ A ARG 67  ? ? NH2 A ARG 67  ? ? 110.58 120.30 -9.72  0.50 N 
6  1 CD  A ARG 91  ? ? NE A ARG 91  ? ? CZ  A ARG 91  ? ? 140.12 123.60 16.52  1.40 N 
7  1 NE  A ARG 91  ? ? CZ A ARG 91  ? ? NH1 A ARG 91  ? ? 125.58 120.30 5.28   0.50 N 
8  1 CA  A SER 107 ? ? CB A SER 107 ? ? OG  A SER 107 ? ? 94.65  111.20 -16.55 2.70 N 
9  1 CB  A SER 110 ? ? CA A SER 110 ? ? C   A SER 110 ? ? 92.18  110.10 -17.92 1.90 N 
10 1 N   A SER 110 ? ? CA A SER 110 ? ? CB  A SER 110 ? ? 88.76  110.50 -21.74 1.50 N 
11 1 NE  A ARG 117 ? ? CZ A ARG 117 ? ? NH1 A ARG 117 ? ? 123.70 120.30 3.40   0.50 N 
12 1 N   A SER 120 D ? CA A SER 120 D ? CB  A SER 120 D ? 98.01  110.50 -12.49 1.50 N 
13 1 NH1 A ARG 125 ? ? CZ A ARG 125 ? ? NH2 A ARG 125 ? ? 126.80 119.40 7.40   1.10 N 
14 1 NE  A ARG 125 ? ? CZ A ARG 125 ? ? NH1 A ARG 125 ? ? 115.88 120.30 -4.42  0.50 N 
15 1 NE  A ARG 125 ? ? CZ A ARG 125 ? ? NH2 A ARG 125 ? ? 117.28 120.30 -3.02  0.50 N 
16 1 OE1 A GLU 129 ? ? CD A GLU 129 ? ? OE2 A GLU 129 ? ? 131.37 123.30 8.07   1.20 N 
17 1 N   A SER 139 ? ? CA A SER 139 ? ? CB  A SER 139 ? ? 99.87  110.50 -10.63 1.50 N 
18 1 CG  A GLU 174 ? ? CD A GLU 174 ? ? OE2 A GLU 174 ? ? 105.58 118.30 -12.72 2.00 N 
19 1 NE  A ARG 192 B ? CZ A ARG 192 B ? NH1 A ARG 192 B ? 125.51 120.30 5.21   0.50 N 
20 1 NE  A ARG 192 B ? CZ A ARG 192 B ? NH2 A ARG 192 B ? 108.78 120.30 -11.52 0.50 N 
21 1 CG1 A VAL 217 A ? CB A VAL 217 A ? CG2 A VAL 217 A ? 99.89  110.90 -11.01 1.60 N 
22 1 NE  A ARG 230 ? ? CZ A ARG 230 ? ? NH1 A ARG 230 ? ? 124.76 120.30 4.46   0.50 N 
23 1 NE  A ARG 230 ? ? CZ A ARG 230 ? ? NH2 A ARG 230 ? ? 116.51 120.30 -3.79  0.50 N 
# 
loop_
_pdbx_validate_torsion.id 
_pdbx_validate_torsion.PDB_model_num 
_pdbx_validate_torsion.auth_comp_id 
_pdbx_validate_torsion.auth_asym_id 
_pdbx_validate_torsion.auth_seq_id 
_pdbx_validate_torsion.PDB_ins_code 
_pdbx_validate_torsion.label_alt_id 
_pdbx_validate_torsion.phi 
_pdbx_validate_torsion.psi 
1 1 ALA A 39 ? ? -127.77 -83.05  
2 1 ASN A 64 ? ? 67.89   -0.53   
3 1 PHE A 94 ? ? -171.57 131.89  
4 1 PRO A 99 A ? -82.39  -154.90 
# 
_pdbx_validate_planes.id              1 
_pdbx_validate_planes.PDB_model_num   1 
_pdbx_validate_planes.auth_comp_id    ARG 
_pdbx_validate_planes.auth_asym_id    A 
_pdbx_validate_planes.auth_seq_id     48 
_pdbx_validate_planes.PDB_ins_code    B 
_pdbx_validate_planes.label_alt_id    ? 
_pdbx_validate_planes.rmsd            0.100 
_pdbx_validate_planes.type            'SIDE CHAIN' 
# 
_pdbx_molecule_features.prd_id    PRD_000318 
_pdbx_molecule_features.name      'N-(4-methoxy-4-oxobutanoyl)-L-alanyl-L-alanyl-N-[(1R)-1-(dihydroxyboranyl)pentyl]-L-prolinamide' 
_pdbx_molecule_features.type      Peptide-like 
_pdbx_molecule_features.class     Inhibitor 
_pdbx_molecule_features.details   ? 
# 
_pdbx_molecule.instance_id   1 
_pdbx_molecule.prd_id        PRD_000318 
_pdbx_molecule.asym_id       B 
# 
_pdbx_unobs_or_zero_occ_residues.id               1 
_pdbx_unobs_or_zero_occ_residues.PDB_model_num    1 
_pdbx_unobs_or_zero_occ_residues.polymer_flag     Y 
_pdbx_unobs_or_zero_occ_residues.occupancy_flag   1 
_pdbx_unobs_or_zero_occ_residues.auth_asym_id     P 
_pdbx_unobs_or_zero_occ_residues.auth_comp_id     MSU 
_pdbx_unobs_or_zero_occ_residues.auth_seq_id      5 
_pdbx_unobs_or_zero_occ_residues.PDB_ins_code     ? 
_pdbx_unobs_or_zero_occ_residues.label_asym_id    B 
_pdbx_unobs_or_zero_occ_residues.label_comp_id    MSU 
_pdbx_unobs_or_zero_occ_residues.label_seq_id     1 
# 
loop_
_chem_comp_atom.comp_id 
_chem_comp_atom.atom_id 
_chem_comp_atom.type_symbol 
_chem_comp_atom.pdbx_aromatic_flag 
_chem_comp_atom.pdbx_stereo_config 
_chem_comp_atom.pdbx_ordinal 
ALA N    N N N 1   
ALA CA   C N S 2   
ALA C    C N N 3   
ALA O    O N N 4   
ALA CB   C N N 5   
ALA OXT  O N N 6   
ALA H    H N N 7   
ALA H2   H N N 8   
ALA HA   H N N 9   
ALA HB1  H N N 10  
ALA HB2  H N N 11  
ALA HB3  H N N 12  
ALA HXT  H N N 13  
ARG N    N N N 14  
ARG CA   C N S 15  
ARG C    C N N 16  
ARG O    O N N 17  
ARG CB   C N N 18  
ARG CG   C N N 19  
ARG CD   C N N 20  
ARG NE   N N N 21  
ARG CZ   C N N 22  
ARG NH1  N N N 23  
ARG NH2  N N N 24  
ARG OXT  O N N 25  
ARG H    H N N 26  
ARG H2   H N N 27  
ARG HA   H N N 28  
ARG HB2  H N N 29  
ARG HB3  H N N 30  
ARG HG2  H N N 31  
ARG HG3  H N N 32  
ARG HD2  H N N 33  
ARG HD3  H N N 34  
ARG HE   H N N 35  
ARG HH11 H N N 36  
ARG HH12 H N N 37  
ARG HH21 H N N 38  
ARG HH22 H N N 39  
ARG HXT  H N N 40  
ASN N    N N N 41  
ASN CA   C N S 42  
ASN C    C N N 43  
ASN O    O N N 44  
ASN CB   C N N 45  
ASN CG   C N N 46  
ASN OD1  O N N 47  
ASN ND2  N N N 48  
ASN OXT  O N N 49  
ASN H    H N N 50  
ASN H2   H N N 51  
ASN HA   H N N 52  
ASN HB2  H N N 53  
ASN HB3  H N N 54  
ASN HD21 H N N 55  
ASN HD22 H N N 56  
ASN HXT  H N N 57  
ASP N    N N N 58  
ASP CA   C N S 59  
ASP C    C N N 60  
ASP O    O N N 61  
ASP CB   C N N 62  
ASP CG   C N N 63  
ASP OD1  O N N 64  
ASP OD2  O N N 65  
ASP OXT  O N N 66  
ASP H    H N N 67  
ASP H2   H N N 68  
ASP HA   H N N 69  
ASP HB2  H N N 70  
ASP HB3  H N N 71  
ASP HD2  H N N 72  
ASP HXT  H N N 73  
BNO N    N N N 74  
BNO CA   C N R 75  
BNO CB   C N N 76  
BNO CG   C N N 77  
BNO CD   C N N 78  
BNO CE   C N N 79  
BNO B    B N N 80  
BNO O1   O N N 81  
BNO O2   O N N 82  
BNO H    H N N 83  
BNO H2   H N N 84  
BNO HA   H N N 85  
BNO HB1  H N N 86  
BNO HB2  H N N 87  
BNO HG1  H N N 88  
BNO HG2  H N N 89  
BNO HD1  H N N 90  
BNO HD2  H N N 91  
BNO HE1  H N N 92  
BNO HE2  H N N 93  
BNO HE3  H N N 94  
BNO HO1  H N N 95  
BNO HO2  H N N 96  
CYS N    N N N 97  
CYS CA   C N R 98  
CYS C    C N N 99  
CYS O    O N N 100 
CYS CB   C N N 101 
CYS SG   S N N 102 
CYS OXT  O N N 103 
CYS H    H N N 104 
CYS H2   H N N 105 
CYS HA   H N N 106 
CYS HB2  H N N 107 
CYS HB3  H N N 108 
CYS HG   H N N 109 
CYS HXT  H N N 110 
GLN N    N N N 111 
GLN CA   C N S 112 
GLN C    C N N 113 
GLN O    O N N 114 
GLN CB   C N N 115 
GLN CG   C N N 116 
GLN CD   C N N 117 
GLN OE1  O N N 118 
GLN NE2  N N N 119 
GLN OXT  O N N 120 
GLN H    H N N 121 
GLN H2   H N N 122 
GLN HA   H N N 123 
GLN HB2  H N N 124 
GLN HB3  H N N 125 
GLN HG2  H N N 126 
GLN HG3  H N N 127 
GLN HE21 H N N 128 
GLN HE22 H N N 129 
GLN HXT  H N N 130 
GLU N    N N N 131 
GLU CA   C N S 132 
GLU C    C N N 133 
GLU O    O N N 134 
GLU CB   C N N 135 
GLU CG   C N N 136 
GLU CD   C N N 137 
GLU OE1  O N N 138 
GLU OE2  O N N 139 
GLU OXT  O N N 140 
GLU H    H N N 141 
GLU H2   H N N 142 
GLU HA   H N N 143 
GLU HB2  H N N 144 
GLU HB3  H N N 145 
GLU HG2  H N N 146 
GLU HG3  H N N 147 
GLU HE2  H N N 148 
GLU HXT  H N N 149 
GLY N    N N N 150 
GLY CA   C N N 151 
GLY C    C N N 152 
GLY O    O N N 153 
GLY OXT  O N N 154 
GLY H    H N N 155 
GLY H2   H N N 156 
GLY HA2  H N N 157 
GLY HA3  H N N 158 
GLY HXT  H N N 159 
HIS N    N N N 160 
HIS CA   C N S 161 
HIS C    C N N 162 
HIS O    O N N 163 
HIS CB   C N N 164 
HIS CG   C Y N 165 
HIS ND1  N Y N 166 
HIS CD2  C Y N 167 
HIS CE1  C Y N 168 
HIS NE2  N Y N 169 
HIS OXT  O N N 170 
HIS H    H N N 171 
HIS H2   H N N 172 
HIS HA   H N N 173 
HIS HB2  H N N 174 
HIS HB3  H N N 175 
HIS HD1  H N N 176 
HIS HD2  H N N 177 
HIS HE1  H N N 178 
HIS HE2  H N N 179 
HIS HXT  H N N 180 
HOH O    O N N 181 
HOH H1   H N N 182 
HOH H2   H N N 183 
ILE N    N N N 184 
ILE CA   C N S 185 
ILE C    C N N 186 
ILE O    O N N 187 
ILE CB   C N S 188 
ILE CG1  C N N 189 
ILE CG2  C N N 190 
ILE CD1  C N N 191 
ILE OXT  O N N 192 
ILE H    H N N 193 
ILE H2   H N N 194 
ILE HA   H N N 195 
ILE HB   H N N 196 
ILE HG12 H N N 197 
ILE HG13 H N N 198 
ILE HG21 H N N 199 
ILE HG22 H N N 200 
ILE HG23 H N N 201 
ILE HD11 H N N 202 
ILE HD12 H N N 203 
ILE HD13 H N N 204 
ILE HXT  H N N 205 
LEU N    N N N 206 
LEU CA   C N S 207 
LEU C    C N N 208 
LEU O    O N N 209 
LEU CB   C N N 210 
LEU CG   C N N 211 
LEU CD1  C N N 212 
LEU CD2  C N N 213 
LEU OXT  O N N 214 
LEU H    H N N 215 
LEU H2   H N N 216 
LEU HA   H N N 217 
LEU HB2  H N N 218 
LEU HB3  H N N 219 
LEU HG   H N N 220 
LEU HD11 H N N 221 
LEU HD12 H N N 222 
LEU HD13 H N N 223 
LEU HD21 H N N 224 
LEU HD22 H N N 225 
LEU HD23 H N N 226 
LEU HXT  H N N 227 
LYS N    N N N 228 
LYS CA   C N S 229 
LYS C    C N N 230 
LYS O    O N N 231 
LYS CB   C N N 232 
LYS CG   C N N 233 
LYS CD   C N N 234 
LYS CE   C N N 235 
LYS NZ   N N N 236 
LYS OXT  O N N 237 
LYS H    H N N 238 
LYS H2   H N N 239 
LYS HA   H N N 240 
LYS HB2  H N N 241 
LYS HB3  H N N 242 
LYS HG2  H N N 243 
LYS HG3  H N N 244 
LYS HD2  H N N 245 
LYS HD3  H N N 246 
LYS HE2  H N N 247 
LYS HE3  H N N 248 
LYS HZ1  H N N 249 
LYS HZ2  H N N 250 
LYS HZ3  H N N 251 
LYS HXT  H N N 252 
MET N    N N N 253 
MET CA   C N S 254 
MET C    C N N 255 
MET O    O N N 256 
MET CB   C N N 257 
MET CG   C N N 258 
MET SD   S N N 259 
MET CE   C N N 260 
MET OXT  O N N 261 
MET H    H N N 262 
MET H2   H N N 263 
MET HA   H N N 264 
MET HB2  H N N 265 
MET HB3  H N N 266 
MET HG2  H N N 267 
MET HG3  H N N 268 
MET HE1  H N N 269 
MET HE2  H N N 270 
MET HE3  H N N 271 
MET HXT  H N N 272 
MSU C1   C N N 273 
MSU O1   O N N 274 
MSU C2   C N N 275 
MSU C3   C N N 276 
MSU C4   C N N 277 
MSU OT1  O N N 278 
MSU OT2  O N N 279 
MSU CT   C N N 280 
MSU OXT  O N N 281 
MSU H21  H N N 282 
MSU H22  H N N 283 
MSU H31  H N N 284 
MSU H32  H N N 285 
MSU HT1  H N N 286 
MSU HT2  H N N 287 
MSU HT3  H N N 288 
MSU HXT  H N N 289 
PHE N    N N N 290 
PHE CA   C N S 291 
PHE C    C N N 292 
PHE O    O N N 293 
PHE CB   C N N 294 
PHE CG   C Y N 295 
PHE CD1  C Y N 296 
PHE CD2  C Y N 297 
PHE CE1  C Y N 298 
PHE CE2  C Y N 299 
PHE CZ   C Y N 300 
PHE OXT  O N N 301 
PHE H    H N N 302 
PHE H2   H N N 303 
PHE HA   H N N 304 
PHE HB2  H N N 305 
PHE HB3  H N N 306 
PHE HD1  H N N 307 
PHE HD2  H N N 308 
PHE HE1  H N N 309 
PHE HE2  H N N 310 
PHE HZ   H N N 311 
PHE HXT  H N N 312 
PRO N    N N N 313 
PRO CA   C N S 314 
PRO C    C N N 315 
PRO O    O N N 316 
PRO CB   C N N 317 
PRO CG   C N N 318 
PRO CD   C N N 319 
PRO OXT  O N N 320 
PRO H    H N N 321 
PRO HA   H N N 322 
PRO HB2  H N N 323 
PRO HB3  H N N 324 
PRO HG2  H N N 325 
PRO HG3  H N N 326 
PRO HD2  H N N 327 
PRO HD3  H N N 328 
PRO HXT  H N N 329 
SER N    N N N 330 
SER CA   C N S 331 
SER C    C N N 332 
SER O    O N N 333 
SER CB   C N N 334 
SER OG   O N N 335 
SER OXT  O N N 336 
SER H    H N N 337 
SER H2   H N N 338 
SER HA   H N N 339 
SER HB2  H N N 340 
SER HB3  H N N 341 
SER HG   H N N 342 
SER HXT  H N N 343 
SO4 S    S N N 344 
SO4 O1   O N N 345 
SO4 O2   O N N 346 
SO4 O3   O N N 347 
SO4 O4   O N N 348 
THR N    N N N 349 
THR CA   C N S 350 
THR C    C N N 351 
THR O    O N N 352 
THR CB   C N R 353 
THR OG1  O N N 354 
THR CG2  C N N 355 
THR OXT  O N N 356 
THR H    H N N 357 
THR H2   H N N 358 
THR HA   H N N 359 
THR HB   H N N 360 
THR HG1  H N N 361 
THR HG21 H N N 362 
THR HG22 H N N 363 
THR HG23 H N N 364 
THR HXT  H N N 365 
TRP N    N N N 366 
TRP CA   C N S 367 
TRP C    C N N 368 
TRP O    O N N 369 
TRP CB   C N N 370 
TRP CG   C Y N 371 
TRP CD1  C Y N 372 
TRP CD2  C Y N 373 
TRP NE1  N Y N 374 
TRP CE2  C Y N 375 
TRP CE3  C Y N 376 
TRP CZ2  C Y N 377 
TRP CZ3  C Y N 378 
TRP CH2  C Y N 379 
TRP OXT  O N N 380 
TRP H    H N N 381 
TRP H2   H N N 382 
TRP HA   H N N 383 
TRP HB2  H N N 384 
TRP HB3  H N N 385 
TRP HD1  H N N 386 
TRP HE1  H N N 387 
TRP HE3  H N N 388 
TRP HZ2  H N N 389 
TRP HZ3  H N N 390 
TRP HH2  H N N 391 
TRP HXT  H N N 392 
TYR N    N N N 393 
TYR CA   C N S 394 
TYR C    C N N 395 
TYR O    O N N 396 
TYR CB   C N N 397 
TYR CG   C Y N 398 
TYR CD1  C Y N 399 
TYR CD2  C Y N 400 
TYR CE1  C Y N 401 
TYR CE2  C Y N 402 
TYR CZ   C Y N 403 
TYR OH   O N N 404 
TYR OXT  O N N 405 
TYR H    H N N 406 
TYR H2   H N N 407 
TYR HA   H N N 408 
TYR HB2  H N N 409 
TYR HB3  H N N 410 
TYR HD1  H N N 411 
TYR HD2  H N N 412 
TYR HE1  H N N 413 
TYR HE2  H N N 414 
TYR HH   H N N 415 
TYR HXT  H N N 416 
VAL N    N N N 417 
VAL CA   C N S 418 
VAL C    C N N 419 
VAL O    O N N 420 
VAL CB   C N N 421 
VAL CG1  C N N 422 
VAL CG2  C N N 423 
VAL OXT  O N N 424 
VAL H    H N N 425 
VAL H2   H N N 426 
VAL HA   H N N 427 
VAL HB   H N N 428 
VAL HG11 H N N 429 
VAL HG12 H N N 430 
VAL HG13 H N N 431 
VAL HG21 H N N 432 
VAL HG22 H N N 433 
VAL HG23 H N N 434 
VAL HXT  H N N 435 
# 
loop_
_chem_comp_bond.comp_id 
_chem_comp_bond.atom_id_1 
_chem_comp_bond.atom_id_2 
_chem_comp_bond.value_order 
_chem_comp_bond.pdbx_aromatic_flag 
_chem_comp_bond.pdbx_stereo_config 
_chem_comp_bond.pdbx_ordinal 
ALA N   CA   sing N N 1   
ALA N   H    sing N N 2   
ALA N   H2   sing N N 3   
ALA CA  C    sing N N 4   
ALA CA  CB   sing N N 5   
ALA CA  HA   sing N N 6   
ALA C   O    doub N N 7   
ALA C   OXT  sing N N 8   
ALA CB  HB1  sing N N 9   
ALA CB  HB2  sing N N 10  
ALA CB  HB3  sing N N 11  
ALA OXT HXT  sing N N 12  
ARG N   CA   sing N N 13  
ARG N   H    sing N N 14  
ARG N   H2   sing N N 15  
ARG CA  C    sing N N 16  
ARG CA  CB   sing N N 17  
ARG CA  HA   sing N N 18  
ARG C   O    doub N N 19  
ARG C   OXT  sing N N 20  
ARG CB  CG   sing N N 21  
ARG CB  HB2  sing N N 22  
ARG CB  HB3  sing N N 23  
ARG CG  CD   sing N N 24  
ARG CG  HG2  sing N N 25  
ARG CG  HG3  sing N N 26  
ARG CD  NE   sing N N 27  
ARG CD  HD2  sing N N 28  
ARG CD  HD3  sing N N 29  
ARG NE  CZ   sing N N 30  
ARG NE  HE   sing N N 31  
ARG CZ  NH1  sing N N 32  
ARG CZ  NH2  doub N N 33  
ARG NH1 HH11 sing N N 34  
ARG NH1 HH12 sing N N 35  
ARG NH2 HH21 sing N N 36  
ARG NH2 HH22 sing N N 37  
ARG OXT HXT  sing N N 38  
ASN N   CA   sing N N 39  
ASN N   H    sing N N 40  
ASN N   H2   sing N N 41  
ASN CA  C    sing N N 42  
ASN CA  CB   sing N N 43  
ASN CA  HA   sing N N 44  
ASN C   O    doub N N 45  
ASN C   OXT  sing N N 46  
ASN CB  CG   sing N N 47  
ASN CB  HB2  sing N N 48  
ASN CB  HB3  sing N N 49  
ASN CG  OD1  doub N N 50  
ASN CG  ND2  sing N N 51  
ASN ND2 HD21 sing N N 52  
ASN ND2 HD22 sing N N 53  
ASN OXT HXT  sing N N 54  
ASP N   CA   sing N N 55  
ASP N   H    sing N N 56  
ASP N   H2   sing N N 57  
ASP CA  C    sing N N 58  
ASP CA  CB   sing N N 59  
ASP CA  HA   sing N N 60  
ASP C   O    doub N N 61  
ASP C   OXT  sing N N 62  
ASP CB  CG   sing N N 63  
ASP CB  HB2  sing N N 64  
ASP CB  HB3  sing N N 65  
ASP CG  OD1  doub N N 66  
ASP CG  OD2  sing N N 67  
ASP OD2 HD2  sing N N 68  
ASP OXT HXT  sing N N 69  
BNO N   CA   sing N N 70  
BNO N   H    sing N N 71  
BNO N   H2   sing N N 72  
BNO CA  CB   sing N N 73  
BNO CA  B    sing N N 74  
BNO CA  HA   sing N N 75  
BNO CB  CG   sing N N 76  
BNO CB  HB1  sing N N 77  
BNO CB  HB2  sing N N 78  
BNO CG  CD   sing N N 79  
BNO CG  HG1  sing N N 80  
BNO CG  HG2  sing N N 81  
BNO CD  CE   sing N N 82  
BNO CD  HD1  sing N N 83  
BNO CD  HD2  sing N N 84  
BNO CE  HE1  sing N N 85  
BNO CE  HE2  sing N N 86  
BNO CE  HE3  sing N N 87  
BNO B   O1   sing N N 88  
BNO B   O2   sing N N 89  
BNO O1  HO1  sing N N 90  
BNO O2  HO2  sing N N 91  
CYS N   CA   sing N N 92  
CYS N   H    sing N N 93  
CYS N   H2   sing N N 94  
CYS CA  C    sing N N 95  
CYS CA  CB   sing N N 96  
CYS CA  HA   sing N N 97  
CYS C   O    doub N N 98  
CYS C   OXT  sing N N 99  
CYS CB  SG   sing N N 100 
CYS CB  HB2  sing N N 101 
CYS CB  HB3  sing N N 102 
CYS SG  HG   sing N N 103 
CYS OXT HXT  sing N N 104 
GLN N   CA   sing N N 105 
GLN N   H    sing N N 106 
GLN N   H2   sing N N 107 
GLN CA  C    sing N N 108 
GLN CA  CB   sing N N 109 
GLN CA  HA   sing N N 110 
GLN C   O    doub N N 111 
GLN C   OXT  sing N N 112 
GLN CB  CG   sing N N 113 
GLN CB  HB2  sing N N 114 
GLN CB  HB3  sing N N 115 
GLN CG  CD   sing N N 116 
GLN CG  HG2  sing N N 117 
GLN CG  HG3  sing N N 118 
GLN CD  OE1  doub N N 119 
GLN CD  NE2  sing N N 120 
GLN NE2 HE21 sing N N 121 
GLN NE2 HE22 sing N N 122 
GLN OXT HXT  sing N N 123 
GLU N   CA   sing N N 124 
GLU N   H    sing N N 125 
GLU N   H2   sing N N 126 
GLU CA  C    sing N N 127 
GLU CA  CB   sing N N 128 
GLU CA  HA   sing N N 129 
GLU C   O    doub N N 130 
GLU C   OXT  sing N N 131 
GLU CB  CG   sing N N 132 
GLU CB  HB2  sing N N 133 
GLU CB  HB3  sing N N 134 
GLU CG  CD   sing N N 135 
GLU CG  HG2  sing N N 136 
GLU CG  HG3  sing N N 137 
GLU CD  OE1  doub N N 138 
GLU CD  OE2  sing N N 139 
GLU OE2 HE2  sing N N 140 
GLU OXT HXT  sing N N 141 
GLY N   CA   sing N N 142 
GLY N   H    sing N N 143 
GLY N   H2   sing N N 144 
GLY CA  C    sing N N 145 
GLY CA  HA2  sing N N 146 
GLY CA  HA3  sing N N 147 
GLY C   O    doub N N 148 
GLY C   OXT  sing N N 149 
GLY OXT HXT  sing N N 150 
HIS N   CA   sing N N 151 
HIS N   H    sing N N 152 
HIS N   H2   sing N N 153 
HIS CA  C    sing N N 154 
HIS CA  CB   sing N N 155 
HIS CA  HA   sing N N 156 
HIS C   O    doub N N 157 
HIS C   OXT  sing N N 158 
HIS CB  CG   sing N N 159 
HIS CB  HB2  sing N N 160 
HIS CB  HB3  sing N N 161 
HIS CG  ND1  sing Y N 162 
HIS CG  CD2  doub Y N 163 
HIS ND1 CE1  doub Y N 164 
HIS ND1 HD1  sing N N 165 
HIS CD2 NE2  sing Y N 166 
HIS CD2 HD2  sing N N 167 
HIS CE1 NE2  sing Y N 168 
HIS CE1 HE1  sing N N 169 
HIS NE2 HE2  sing N N 170 
HIS OXT HXT  sing N N 171 
HOH O   H1   sing N N 172 
HOH O   H2   sing N N 173 
ILE N   CA   sing N N 174 
ILE N   H    sing N N 175 
ILE N   H2   sing N N 176 
ILE CA  C    sing N N 177 
ILE CA  CB   sing N N 178 
ILE CA  HA   sing N N 179 
ILE C   O    doub N N 180 
ILE C   OXT  sing N N 181 
ILE CB  CG1  sing N N 182 
ILE CB  CG2  sing N N 183 
ILE CB  HB   sing N N 184 
ILE CG1 CD1  sing N N 185 
ILE CG1 HG12 sing N N 186 
ILE CG1 HG13 sing N N 187 
ILE CG2 HG21 sing N N 188 
ILE CG2 HG22 sing N N 189 
ILE CG2 HG23 sing N N 190 
ILE CD1 HD11 sing N N 191 
ILE CD1 HD12 sing N N 192 
ILE CD1 HD13 sing N N 193 
ILE OXT HXT  sing N N 194 
LEU N   CA   sing N N 195 
LEU N   H    sing N N 196 
LEU N   H2   sing N N 197 
LEU CA  C    sing N N 198 
LEU CA  CB   sing N N 199 
LEU CA  HA   sing N N 200 
LEU C   O    doub N N 201 
LEU C   OXT  sing N N 202 
LEU CB  CG   sing N N 203 
LEU CB  HB2  sing N N 204 
LEU CB  HB3  sing N N 205 
LEU CG  CD1  sing N N 206 
LEU CG  CD2  sing N N 207 
LEU CG  HG   sing N N 208 
LEU CD1 HD11 sing N N 209 
LEU CD1 HD12 sing N N 210 
LEU CD1 HD13 sing N N 211 
LEU CD2 HD21 sing N N 212 
LEU CD2 HD22 sing N N 213 
LEU CD2 HD23 sing N N 214 
LEU OXT HXT  sing N N 215 
LYS N   CA   sing N N 216 
LYS N   H    sing N N 217 
LYS N   H2   sing N N 218 
LYS CA  C    sing N N 219 
LYS CA  CB   sing N N 220 
LYS CA  HA   sing N N 221 
LYS C   O    doub N N 222 
LYS C   OXT  sing N N 223 
LYS CB  CG   sing N N 224 
LYS CB  HB2  sing N N 225 
LYS CB  HB3  sing N N 226 
LYS CG  CD   sing N N 227 
LYS CG  HG2  sing N N 228 
LYS CG  HG3  sing N N 229 
LYS CD  CE   sing N N 230 
LYS CD  HD2  sing N N 231 
LYS CD  HD3  sing N N 232 
LYS CE  NZ   sing N N 233 
LYS CE  HE2  sing N N 234 
LYS CE  HE3  sing N N 235 
LYS NZ  HZ1  sing N N 236 
LYS NZ  HZ2  sing N N 237 
LYS NZ  HZ3  sing N N 238 
LYS OXT HXT  sing N N 239 
MET N   CA   sing N N 240 
MET N   H    sing N N 241 
MET N   H2   sing N N 242 
MET CA  C    sing N N 243 
MET CA  CB   sing N N 244 
MET CA  HA   sing N N 245 
MET C   O    doub N N 246 
MET C   OXT  sing N N 247 
MET CB  CG   sing N N 248 
MET CB  HB2  sing N N 249 
MET CB  HB3  sing N N 250 
MET CG  SD   sing N N 251 
MET CG  HG2  sing N N 252 
MET CG  HG3  sing N N 253 
MET SD  CE   sing N N 254 
MET CE  HE1  sing N N 255 
MET CE  HE2  sing N N 256 
MET CE  HE3  sing N N 257 
MET OXT HXT  sing N N 258 
MSU C1  O1   doub N N 259 
MSU C1  C2   sing N N 260 
MSU C1  OXT  sing N N 261 
MSU C2  C3   sing N N 262 
MSU C2  H21  sing N N 263 
MSU C2  H22  sing N N 264 
MSU C3  C4   sing N N 265 
MSU C3  H31  sing N N 266 
MSU C3  H32  sing N N 267 
MSU C4  OT1  doub N N 268 
MSU C4  OT2  sing N N 269 
MSU OT2 CT   sing N N 270 
MSU CT  HT1  sing N N 271 
MSU CT  HT2  sing N N 272 
MSU CT  HT3  sing N N 273 
MSU OXT HXT  sing N N 274 
PHE N   CA   sing N N 275 
PHE N   H    sing N N 276 
PHE N   H2   sing N N 277 
PHE CA  C    sing N N 278 
PHE CA  CB   sing N N 279 
PHE CA  HA   sing N N 280 
PHE C   O    doub N N 281 
PHE C   OXT  sing N N 282 
PHE CB  CG   sing N N 283 
PHE CB  HB2  sing N N 284 
PHE CB  HB3  sing N N 285 
PHE CG  CD1  doub Y N 286 
PHE CG  CD2  sing Y N 287 
PHE CD1 CE1  sing Y N 288 
PHE CD1 HD1  sing N N 289 
PHE CD2 CE2  doub Y N 290 
PHE CD2 HD2  sing N N 291 
PHE CE1 CZ   doub Y N 292 
PHE CE1 HE1  sing N N 293 
PHE CE2 CZ   sing Y N 294 
PHE CE2 HE2  sing N N 295 
PHE CZ  HZ   sing N N 296 
PHE OXT HXT  sing N N 297 
PRO N   CA   sing N N 298 
PRO N   CD   sing N N 299 
PRO N   H    sing N N 300 
PRO CA  C    sing N N 301 
PRO CA  CB   sing N N 302 
PRO CA  HA   sing N N 303 
PRO C   O    doub N N 304 
PRO C   OXT  sing N N 305 
PRO CB  CG   sing N N 306 
PRO CB  HB2  sing N N 307 
PRO CB  HB3  sing N N 308 
PRO CG  CD   sing N N 309 
PRO CG  HG2  sing N N 310 
PRO CG  HG3  sing N N 311 
PRO CD  HD2  sing N N 312 
PRO CD  HD3  sing N N 313 
PRO OXT HXT  sing N N 314 
SER N   CA   sing N N 315 
SER N   H    sing N N 316 
SER N   H2   sing N N 317 
SER CA  C    sing N N 318 
SER CA  CB   sing N N 319 
SER CA  HA   sing N N 320 
SER C   O    doub N N 321 
SER C   OXT  sing N N 322 
SER CB  OG   sing N N 323 
SER CB  HB2  sing N N 324 
SER CB  HB3  sing N N 325 
SER OG  HG   sing N N 326 
SER OXT HXT  sing N N 327 
SO4 S   O1   doub N N 328 
SO4 S   O2   doub N N 329 
SO4 S   O3   sing N N 330 
SO4 S   O4   sing N N 331 
THR N   CA   sing N N 332 
THR N   H    sing N N 333 
THR N   H2   sing N N 334 
THR CA  C    sing N N 335 
THR CA  CB   sing N N 336 
THR CA  HA   sing N N 337 
THR C   O    doub N N 338 
THR C   OXT  sing N N 339 
THR CB  OG1  sing N N 340 
THR CB  CG2  sing N N 341 
THR CB  HB   sing N N 342 
THR OG1 HG1  sing N N 343 
THR CG2 HG21 sing N N 344 
THR CG2 HG22 sing N N 345 
THR CG2 HG23 sing N N 346 
THR OXT HXT  sing N N 347 
TRP N   CA   sing N N 348 
TRP N   H    sing N N 349 
TRP N   H2   sing N N 350 
TRP CA  C    sing N N 351 
TRP CA  CB   sing N N 352 
TRP CA  HA   sing N N 353 
TRP C   O    doub N N 354 
TRP C   OXT  sing N N 355 
TRP CB  CG   sing N N 356 
TRP CB  HB2  sing N N 357 
TRP CB  HB3  sing N N 358 
TRP CG  CD1  doub Y N 359 
TRP CG  CD2  sing Y N 360 
TRP CD1 NE1  sing Y N 361 
TRP CD1 HD1  sing N N 362 
TRP CD2 CE2  doub Y N 363 
TRP CD2 CE3  sing Y N 364 
TRP NE1 CE2  sing Y N 365 
TRP NE1 HE1  sing N N 366 
TRP CE2 CZ2  sing Y N 367 
TRP CE3 CZ3  doub Y N 368 
TRP CE3 HE3  sing N N 369 
TRP CZ2 CH2  doub Y N 370 
TRP CZ2 HZ2  sing N N 371 
TRP CZ3 CH2  sing Y N 372 
TRP CZ3 HZ3  sing N N 373 
TRP CH2 HH2  sing N N 374 
TRP OXT HXT  sing N N 375 
TYR N   CA   sing N N 376 
TYR N   H    sing N N 377 
TYR N   H2   sing N N 378 
TYR CA  C    sing N N 379 
TYR CA  CB   sing N N 380 
TYR CA  HA   sing N N 381 
TYR C   O    doub N N 382 
TYR C   OXT  sing N N 383 
TYR CB  CG   sing N N 384 
TYR CB  HB2  sing N N 385 
TYR CB  HB3  sing N N 386 
TYR CG  CD1  doub Y N 387 
TYR CG  CD2  sing Y N 388 
TYR CD1 CE1  sing Y N 389 
TYR CD1 HD1  sing N N 390 
TYR CD2 CE2  doub Y N 391 
TYR CD2 HD2  sing N N 392 
TYR CE1 CZ   doub Y N 393 
TYR CE1 HE1  sing N N 394 
TYR CE2 CZ   sing Y N 395 
TYR CE2 HE2  sing N N 396 
TYR CZ  OH   sing N N 397 
TYR OH  HH   sing N N 398 
TYR OXT HXT  sing N N 399 
VAL N   CA   sing N N 400 
VAL N   H    sing N N 401 
VAL N   H2   sing N N 402 
VAL CA  C    sing N N 403 
VAL CA  CB   sing N N 404 
VAL CA  HA   sing N N 405 
VAL C   O    doub N N 406 
VAL C   OXT  sing N N 407 
VAL CB  CG1  sing N N 408 
VAL CB  CG2  sing N N 409 
VAL CB  HB   sing N N 410 
VAL CG1 HG11 sing N N 411 
VAL CG1 HG12 sing N N 412 
VAL CG1 HG13 sing N N 413 
VAL CG2 HG21 sing N N 414 
VAL CG2 HG22 sing N N 415 
VAL CG2 HG23 sing N N 416 
VAL OXT HXT  sing N N 417 
# 
_atom_sites.entry_id                    6LPR 
_atom_sites.fract_transf_matrix[1][1]   -0.01635046 
_atom_sites.fract_transf_matrix[1][2]   0.00375785 
_atom_sites.fract_transf_matrix[1][3]   -0.00464611 
_atom_sites.fract_transf_matrix[2][1]   -0.01155176 
_atom_sites.fract_transf_matrix[2][2]   0.00495101 
_atom_sites.fract_transf_matrix[2][3]   0.01204503 
_atom_sites.fract_transf_matrix[3][1]   0.00324368 
_atom_sites.fract_transf_matrix[3][2]   0.01190788 
_atom_sites.fract_transf_matrix[3][3]   -0.00178379 
_atom_sites.fract_transf_vector[1]      0.596575 
_atom_sites.fract_transf_vector[2]      0.483200 
_atom_sites.fract_transf_vector[3]      0.183773 
# 
_atom_sites_footnote.id     1 
_atom_sites_footnote.text   ? 
# 
loop_
_atom_type.symbol 
B 
C 
N 
O 
S 
# 
loop_
_atom_site.group_PDB 
_atom_site.id 
_atom_site.type_symbol 
_atom_site.label_atom_id 
_atom_site.label_alt_id 
_atom_site.label_comp_id 
_atom_site.label_asym_id 
_atom_site.label_entity_id 
_atom_site.label_seq_id 
_atom_site.pdbx_PDB_ins_code 
_atom_site.Cartn_x 
_atom_site.Cartn_y 
_atom_site.Cartn_z 
_atom_site.occupancy 
_atom_site.B_iso_or_equiv 
_atom_site.pdbx_formal_charge 
_atom_site.auth_seq_id 
_atom_site.auth_comp_id 
_atom_site.auth_asym_id 
_atom_site.auth_atom_id 
_atom_site.pdbx_PDB_model_num 
ATOM   1    N N   . ALA A 1 1   A 10.226  -12.364 -10.239 1.00 10.18 ? 15  ALA A N   1 
ATOM   2    C CA  . ALA A 1 1   A 9.115   -12.552 -9.287  1.00 10.83 ? 15  ALA A CA  1 
ATOM   3    C C   . ALA A 1 1   A 7.847   -12.066 -10.006 1.00 10.94 ? 15  ALA A C   1 
ATOM   4    O O   . ALA A 1 1   A 8.059   -11.196 -10.876 1.00 9.23  ? 15  ALA A O   1 
ATOM   5    C CB  . ALA A 1 1   A 9.240   -11.771 -7.958  1.00 8.14  ? 15  ALA A CB  1 
ATOM   6    N N   . ASN A 1 2   B 6.710   -12.607 -9.585  1.00 10.26 ? 15  ASN A N   1 
ATOM   7    C CA  . ASN A 1 2   B 5.428   -12.145 -10.114 1.00 8.82  ? 15  ASN A CA  1 
ATOM   8    C C   . ASN A 1 2   B 5.005   -10.999 -9.166  1.00 9.41  ? 15  ASN A C   1 
ATOM   9    O O   . ASN A 1 2   B 4.993   -11.240 -7.931  1.00 8.36  ? 15  ASN A O   1 
ATOM   10   C CB  . ASN A 1 2   B 4.362   -13.252 -10.138 1.00 8.62  ? 15  ASN A CB  1 
ATOM   11   C CG  . ASN A 1 2   B 4.607   -14.151 -11.338 1.00 11.42 ? 15  ASN A CG  1 
ATOM   12   O OD1 . ASN A 1 2   B 5.677   -14.009 -11.987 1.00 12.71 ? 15  ASN A OD1 1 
ATOM   13   N ND2 . ASN A 1 2   B 3.818   -15.127 -11.761 1.00 12.74 ? 15  ASN A ND2 1 
ATOM   14   N N   . ILE A 1 3   ? 4.757   -9.819  -9.748  1.00 8.20  ? 16  ILE A N   1 
ATOM   15   C CA  . ILE A 1 3   ? 4.394   -8.700  -8.836  1.00 6.88  ? 16  ILE A CA  1 
ATOM   16   C C   . ILE A 1 3   ? 2.859   -8.613  -8.652  1.00 7.80  ? 16  ILE A C   1 
ATOM   17   O O   . ILE A 1 3   ? 2.174   -8.235  -9.641  1.00 6.34  ? 16  ILE A O   1 
ATOM   18   C CB  . ILE A 1 3   ? 4.976   -7.396  -9.430  1.00 6.90  ? 16  ILE A CB  1 
ATOM   19   C CG1 . ILE A 1 3   ? 6.485   -7.527  -9.714  1.00 6.71  ? 16  ILE A CG1 1 
ATOM   20   C CG2 . ILE A 1 3   ? 4.562   -6.171  -8.553  1.00 6.42  ? 16  ILE A CG2 1 
ATOM   21   C CD1 . ILE A 1 3   ? 7.399   -7.957  -8.539  1.00 7.28  ? 16  ILE A CD1 1 
ATOM   22   N N   . VAL A 1 4   ? 2.432   -8.879  -7.410  1.00 5.55  ? 17  VAL A N   1 
ATOM   23   C CA  . VAL A 1 4   ? 1.003   -8.827  -7.083  1.00 7.11  ? 17  VAL A CA  1 
ATOM   24   C C   . VAL A 1 4   ? 0.776   -7.943  -5.856  1.00 6.90  ? 17  VAL A C   1 
ATOM   25   O O   . VAL A 1 4   ? 1.618   -8.006  -4.941  1.00 7.07  ? 17  VAL A O   1 
ATOM   26   C CB  . VAL A 1 4   ? 0.683   -10.341 -6.733  1.00 8.35  ? 17  VAL A CB  1 
ATOM   27   C CG1 . VAL A 1 4   ? -0.662  -10.551 -6.078  1.00 8.53  ? 17  VAL A CG1 1 
ATOM   28   C CG2 . VAL A 1 4   ? 0.819   -11.264 -7.919  1.00 7.14  ? 17  VAL A CG2 1 
ATOM   29   N N   . GLY A 1 5   ? -0.305  -7.216  -5.827  1.00 5.73  ? 18  GLY A N   1 
ATOM   30   C CA  . GLY A 1 5   ? -0.631  -6.323  -4.688  1.00 6.12  ? 18  GLY A CA  1 
ATOM   31   C C   . GLY A 1 5   ? -0.730  -7.168  -3.431  1.00 6.21  ? 18  GLY A C   1 
ATOM   32   O O   . GLY A 1 5   ? -1.292  -8.306  -3.445  1.00 8.31  ? 18  GLY A O   1 
ATOM   33   N N   . GLY A 1 6   ? -0.143  -6.732  -2.354  1.00 6.42  ? 19  GLY A N   1 
ATOM   34   C CA  . GLY A 1 6   ? -0.260  -7.457  -1.056  1.00 5.93  ? 19  GLY A CA  1 
ATOM   35   C C   . GLY A 1 6   ? 0.885   -8.303  -0.587  1.00 6.94  ? 19  GLY A C   1 
ATOM   36   O O   . GLY A 1 6   ? 0.869   -8.592  0.630   1.00 7.55  ? 19  GLY A O   1 
ATOM   37   N N   . ILE A 1 7   ? 1.780   -8.658  -1.518  1.00 6.35  ? 29  ILE A N   1 
ATOM   38   C CA  . ILE A 1 7   ? 2.880   -9.539  -1.119  1.00 7.11  ? 29  ILE A CA  1 
ATOM   39   C C   . ILE A 1 7   ? 4.003   -8.824  -0.414  1.00 8.38  ? 29  ILE A C   1 
ATOM   40   O O   . ILE A 1 7   ? 4.208   -7.585  -0.562  1.00 9.90  ? 29  ILE A O   1 
ATOM   41   C CB  . ILE A 1 7   ? 3.327   -10.419 -2.346  1.00 8.44  ? 29  ILE A CB  1 
ATOM   42   C CG1 . ILE A 1 7   ? 3.935   -9.463  -3.388  1.00 7.74  ? 29  ILE A CG1 1 
ATOM   43   C CG2 . ILE A 1 7   ? 2.099   -11.103 -3.021  1.00 7.69  ? 29  ILE A CG2 1 
ATOM   44   C CD1 . ILE A 1 7   ? 4.690   -10.259 -4.496  1.00 8.60  ? 29  ILE A CD1 1 
ATOM   45   N N   . GLU A 1 8   ? 4.765   -9.619  0.342   1.00 7.67  ? 30  GLU A N   1 
ATOM   46   C CA  . GLU A 1 8   ? 5.870   -9.022  1.114   1.00 7.79  ? 30  GLU A CA  1 
ATOM   47   C C   . GLU A 1 8   ? 7.092   -8.742  0.278   1.00 8.77  ? 30  GLU A C   1 
ATOM   48   O O   . GLU A 1 8   ? 7.387   -9.470  -0.686  1.00 8.44  ? 30  GLU A O   1 
ATOM   49   C CB  . GLU A 1 8   ? 6.363   -10.167 2.009   1.00 7.41  ? 30  GLU A CB  1 
ATOM   50   C CG  . GLU A 1 8   ? 7.501   -9.723  2.927   1.00 8.12  ? 30  GLU A CG  1 
ATOM   51   C CD  . GLU A 1 8   ? 7.818   -10.928 3.789   1.00 13.39 ? 30  GLU A CD  1 
ATOM   52   O OE1 . GLU A 1 8   ? 7.003   -11.355 4.624   1.00 12.32 ? 30  GLU A OE1 1 
ATOM   53   O OE2 . GLU A 1 8   ? 8.863   -11.559 3.608   1.00 17.06 ? 30  GLU A OE2 1 
ATOM   54   N N   . TYR A 1 9   ? 7.820   -7.715  0.679   1.00 8.64  ? 31  TYR A N   1 
ATOM   55   C CA  . TYR A 1 9   ? 9.126   -7.452  0.009   1.00 5.75  ? 31  TYR A CA  1 
ATOM   56   C C   . TYR A 1 9   ? 9.930   -6.941  1.183   1.00 7.49  ? 31  TYR A C   1 
ATOM   57   O O   . TYR A 1 9   ? 9.271   -6.341  2.062   1.00 7.60  ? 31  TYR A O   1 
ATOM   58   C CB  . TYR A 1 9   ? 8.961   -6.511  -1.204  1.00 3.67  ? 31  TYR A CB  1 
ATOM   59   C CG  . TYR A 1 9   ? 8.748   -5.069  -0.878  1.00 3.29  ? 31  TYR A CG  1 
ATOM   60   C CD1 . TYR A 1 9   ? 7.430   -4.616  -0.678  1.00 2.55  ? 31  TYR A CD1 1 
ATOM   61   C CD2 . TYR A 1 9   ? 9.766   -4.142  -0.750  1.00 2.00  ? 31  TYR A CD2 1 
ATOM   62   C CE1 . TYR A 1 9   ? 7.094   -3.300  -0.379  1.00 2.57  ? 31  TYR A CE1 1 
ATOM   63   C CE2 . TYR A 1 9   ? 9.471   -2.788  -0.493  1.00 2.00  ? 31  TYR A CE2 1 
ATOM   64   C CZ  . TYR A 1 9   ? 8.163   -2.405  -0.279  1.00 4.07  ? 31  TYR A CZ  1 
ATOM   65   O OH  . TYR A 1 9   ? 7.836   -1.114  0.060   1.00 5.96  ? 31  TYR A OH  1 
ATOM   66   N N   . SER A 1 10  ? 11.258  -7.034  1.157   1.00 8.05  ? 32  SER A N   1 
ATOM   67   C CA  . SER A 1 10  ? 12.130  -6.472  2.199   1.00 9.42  ? 32  SER A CA  1 
ATOM   68   C C   . SER A 1 10  ? 12.921  -5.284  1.597   1.00 11.12 ? 32  SER A C   1 
ATOM   69   O O   . SER A 1 10  ? 13.153  -5.213  0.345   1.00 10.27 ? 32  SER A O   1 
ATOM   70   C CB  . SER A 1 10  ? 13.161  -7.471  2.718   1.00 10.62 ? 32  SER A CB  1 
ATOM   71   O OG  . SER A 1 10  ? 13.963  -7.934  1.584   1.00 13.22 ? 32  SER A OG  1 
ATOM   72   N N   . ILE A 1 11  ? 13.314  -4.390  2.501   1.00 9.53  ? 33  ILE A N   1 
ATOM   73   C CA  . ILE A 1 11  ? 14.110  -3.213  2.104   1.00 8.55  ? 33  ILE A CA  1 
ATOM   74   C C   . ILE A 1 11  ? 15.515  -3.295  2.720   1.00 9.36  ? 33  ILE A C   1 
ATOM   75   O O   . ILE A 1 11  ? 15.548  -3.367  3.989   1.00 10.02 ? 33  ILE A O   1 
ATOM   76   C CB  . ILE A 1 11  ? 13.355  -1.905  2.565   1.00 6.50  ? 33  ILE A CB  1 
ATOM   77   C CG1 . ILE A 1 11  ? 11.893  -1.859  2.139   1.00 4.78  ? 33  ILE A CG1 1 
ATOM   78   C CG2 . ILE A 1 11  ? 14.119  -0.654  1.972   1.00 6.98  ? 33  ILE A CG2 1 
ATOM   79   C CD1 . ILE A 1 11  ? 10.791  -2.624  2.872   1.00 3.61  ? 33  ILE A CD1 1 
ATOM   80   N N   . ASN A 1 12  ? 16.546  -3.284  1.930   1.00 8.58  ? 34  ASN A N   1 
ATOM   81   C CA  . ASN A 1 12  ? 17.916  -3.354  2.417   1.00 10.24 ? 34  ASN A CA  1 
ATOM   82   C C   . ASN A 1 12  ? 18.113  -4.473  3.454   1.00 11.32 ? 34  ASN A C   1 
ATOM   83   O O   . ASN A 1 12  ? 18.857  -4.295  4.469   1.00 10.23 ? 34  ASN A O   1 
ATOM   84   C CB  . ASN A 1 12  ? 18.312  -2.036  3.069   1.00 11.08 ? 34  ASN A CB  1 
ATOM   85   C CG  . ASN A 1 12  ? 18.447  -0.925  2.041   1.00 14.39 ? 34  ASN A CG  1 
ATOM   86   O OD1 . ASN A 1 12  ? 18.599  -1.154  0.826   1.00 13.70 ? 34  ASN A OD1 1 
ATOM   87   N ND2 . ASN A 1 12  ? 18.420  0.312   2.538   1.00 14.90 ? 34  ASN A ND2 1 
ATOM   88   N N   . ASN A 1 13  ? 17.482  -5.610  3.150   1.00 12.00 ? 35  ASN A N   1 
ATOM   89   C CA  . ASN A 1 13  ? 17.599  -6.780  4.011   1.00 11.67 ? 35  ASN A CA  1 
ATOM   90   C C   . ASN A 1 13  ? 17.274  -6.524  5.471   1.00 13.13 ? 35  ASN A C   1 
ATOM   91   O O   . ASN A 1 13  ? 17.796  -7.276  6.319   1.00 12.66 ? 35  ASN A O   1 
ATOM   92   C CB  . ASN A 1 13  ? 19.075  -7.175  3.921   1.00 14.91 ? 35  ASN A CB  1 
ATOM   93   C CG  . ASN A 1 13  ? 19.279  -8.268  2.888   1.00 17.29 ? 35  ASN A CG  1 
ATOM   94   O OD1 . ASN A 1 13  ? 18.305  -8.977  2.638   1.00 17.45 ? 35  ASN A OD1 1 
ATOM   95   N ND2 . ASN A 1 13  ? 20.547  -8.306  2.446   1.00 20.01 ? 35  ASN A ND2 1 
ATOM   96   N N   . ALA A 1 14  ? 16.412  -5.545  5.738   1.00 12.76 ? 39  ALA A N   1 
ATOM   97   C CA  . ALA A 1 14  ? 16.017  -5.216  7.123   1.00 13.64 ? 39  ALA A CA  1 
ATOM   98   C C   . ALA A 1 14  ? 14.499  -5.194  7.265   1.00 14.07 ? 39  ALA A C   1 
ATOM   99   O O   . ALA A 1 14  ? 13.924  -6.227  7.647   1.00 19.41 ? 39  ALA A O   1 
ATOM   100  C CB  . ALA A 1 14  ? 16.646  -3.969  7.729   1.00 11.04 ? 39  ALA A CB  1 
ATOM   101  N N   . SER A 1 15  ? 13.820  -4.173  6.950   1.00 12.43 ? 40  SER A N   1 
ATOM   102  C CA  . SER A 1 15  ? 12.398  -3.968  7.047   1.00 13.21 ? 40  SER A CA  1 
ATOM   103  C C   . SER A 1 15  ? 11.577  -4.756  6.038   1.00 10.03 ? 40  SER A C   1 
ATOM   104  O O   . SER A 1 15  ? 12.137  -5.157  5.056   1.00 9.41  ? 40  SER A O   1 
ATOM   105  C CB  . SER A 1 15  ? 12.146  -2.482  6.686   1.00 15.55 ? 40  SER A CB  1 
ATOM   106  O OG  . SER A 1 15  ? 12.527  -1.686  7.781   1.00 21.75 ? 40  SER A OG  1 
ATOM   107  N N   . LEU A 1 16  ? 10.299  -4.920  6.369   1.00 10.72 ? 41  LEU A N   1 
ATOM   108  C CA  . LEU A 1 16  ? 9.354   -5.624  5.489   1.00 11.06 ? 41  LEU A CA  1 
ATOM   109  C C   . LEU A 1 16  ? 8.232   -4.607  5.218   1.00 9.40  ? 41  LEU A C   1 
ATOM   110  O O   . LEU A 1 16  ? 7.919   -3.831  6.146   1.00 8.44  ? 41  LEU A O   1 
ATOM   111  C CB  . LEU A 1 16  ? 8.717   -6.855  6.178   1.00 10.46 ? 41  LEU A CB  1 
ATOM   112  C CG  . LEU A 1 16  ? 9.678   -7.923  6.615   1.00 12.07 ? 41  LEU A CG  1 
ATOM   113  C CD1 . LEU A 1 16  ? 8.987   -9.061  7.315   1.00 8.17  ? 41  LEU A CD1 1 
ATOM   114  C CD2 . LEU A 1 16  ? 10.437  -8.442  5.398   1.00 12.20 ? 41  LEU A CD2 1 
ATOM   115  N N   . CYS A 1 17  ? 7.755   -4.669  4.027   1.00 6.83  ? 42  CYS A N   1 
ATOM   116  C CA  . CYS A 1 17  ? 6.564   -3.869  3.634   1.00 6.38  ? 42  CYS A CA  1 
ATOM   117  C C   . CYS A 1 17  ? 5.716   -4.776  2.695   1.00 6.24  ? 42  CYS A C   1 
ATOM   118  O O   . CYS A 1 17  ? 6.117   -5.926  2.379   1.00 7.76  ? 42  CYS A O   1 
ATOM   119  C CB  . CYS A 1 17  ? 6.950   -2.502  3.067   1.00 5.22  ? 42  CYS A CB  1 
ATOM   120  S SG  . CYS A 1 17  ? 7.054   -1.287  4.421   1.00 8.88  ? 42  CYS A SG  1 
ATOM   121  N N   . SER A 1 18  ? 4.602   -4.254  2.229   1.00 3.12  ? 43  SER A N   1 
ATOM   122  C CA  . SER A 1 18  ? 3.773   -4.998  1.267   1.00 4.42  ? 43  SER A CA  1 
ATOM   123  C C   . SER A 1 18  ? 3.705   -4.197  -0.052  1.00 4.17  ? 43  SER A C   1 
ATOM   124  O O   . SER A 1 18  ? 3.742   -2.956  -0.047  1.00 3.78  ? 43  SER A O   1 
ATOM   125  C CB  . SER A 1 18  ? 2.353   -5.192  1.786   1.00 3.89  ? 43  SER A CB  1 
ATOM   126  O OG  . SER A 1 18  ? 2.448   -5.779  3.059   1.00 3.72  ? 43  SER A OG  1 
ATOM   127  N N   . VAL A 1 19  ? 3.586   -4.933  -1.145  1.00 5.46  ? 44  VAL A N   1 
ATOM   128  C CA  . VAL A 1 19  ? 3.468   -4.362  -2.490  1.00 4.75  ? 44  VAL A CA  1 
ATOM   129  C C   . VAL A 1 19  ? 2.067   -3.715  -2.609  1.00 5.04  ? 44  VAL A C   1 
ATOM   130  O O   . VAL A 1 19  ? 1.091   -4.341  -2.191  1.00 4.82  ? 44  VAL A O   1 
ATOM   131  C CB  . VAL A 1 19  ? 3.663   -5.454  -3.580  1.00 4.82  ? 44  VAL A CB  1 
ATOM   132  C CG1 . VAL A 1 19  ? 3.283   -4.892  -4.984  1.00 3.55  ? 44  VAL A CG1 1 
ATOM   133  C CG2 . VAL A 1 19  ? 5.090   -5.964  -3.619  1.00 3.49  ? 44  VAL A CG2 1 
ATOM   134  N N   . GLY A 1 20  ? 2.047   -2.541  -3.209  1.00 3.70  ? 45  GLY A N   1 
ATOM   135  C CA  . GLY A 1 20  ? 0.782   -1.841  -3.413  1.00 3.99  ? 45  GLY A CA  1 
ATOM   136  C C   . GLY A 1 20  ? 0.157   -2.264  -4.735  1.00 4.23  ? 45  GLY A C   1 
ATOM   137  O O   . GLY A 1 20  ? -0.736  -3.073  -4.684  1.00 4.34  ? 45  GLY A O   1 
ATOM   138  N N   . PHE A 1 21  ? 0.539   -1.683  -5.841  1.00 4.88  ? 46  PHE A N   1 
ATOM   139  C CA  . PHE A 1 21  ? 0.070   -1.950  -7.185  1.00 4.61  ? 46  PHE A CA  1 
ATOM   140  C C   . PHE A 1 21  ? 1.173   -1.923  -8.245  1.00 6.75  ? 46  PHE A C   1 
ATOM   141  O O   . PHE A 1 21  ? 2.076   -1.051  -8.109  1.00 8.89  ? 46  PHE A O   1 
ATOM   142  C CB  . PHE A 1 21  ? -0.984  -0.980  -7.760  1.00 4.20  ? 46  PHE A CB  1 
ATOM   143  C CG  . PHE A 1 21  ? -2.155  -0.937  -6.800  1.00 7.15  ? 46  PHE A CG  1 
ATOM   144  C CD1 . PHE A 1 21  ? -3.162  -1.937  -6.869  1.00 5.93  ? 46  PHE A CD1 1 
ATOM   145  C CD2 . PHE A 1 21  ? -2.207  0.109   -5.822  1.00 6.16  ? 46  PHE A CD2 1 
ATOM   146  C CE1 . PHE A 1 21  ? -4.193  -1.885  -5.964  1.00 4.85  ? 46  PHE A CE1 1 
ATOM   147  C CE2 . PHE A 1 21  ? -3.244  0.145   -4.899  1.00 3.86  ? 46  PHE A CE2 1 
ATOM   148  C CZ  . PHE A 1 21  ? -4.252  -0.848  -4.994  1.00 5.40  ? 46  PHE A CZ  1 
ATOM   149  N N   . SER A 1 22  ? 1.106   -2.837  -9.206  1.00 5.81  ? 47  SER A N   1 
ATOM   150  C CA  . SER A 1 22  ? 1.980   -2.889  -10.342 1.00 7.26  ? 47  SER A CA  1 
ATOM   151  C C   . SER A 1 22  ? 1.588   -1.661  -11.226 1.00 7.14  ? 47  SER A C   1 
ATOM   152  O O   . SER A 1 22  ? 0.382   -1.387  -11.476 1.00 6.93  ? 47  SER A O   1 
ATOM   153  C CB  . SER A 1 22  ? 1.641   -4.053  -11.308 1.00 7.72  ? 47  SER A CB  1 
ATOM   154  O OG  . SER A 1 22  ? 1.965   -5.252  -10.610 1.00 8.97  ? 47  SER A OG  1 
ATOM   155  N N   . VAL A 1 23  ? 2.671   -1.020  -11.687 1.00 7.57  ? 48  VAL A N   1 
ATOM   156  C CA  . VAL A 1 23  ? 2.496   0.163   -12.557 1.00 6.07  ? 48  VAL A CA  1 
ATOM   157  C C   . VAL A 1 23  ? 3.627   0.187   -13.610 1.00 8.08  ? 48  VAL A C   1 
ATOM   158  O O   . VAL A 1 23  ? 4.614   -0.525  -13.414 1.00 7.27  ? 48  VAL A O   1 
ATOM   159  C CB  . VAL A 1 23  ? 2.687   1.476   -11.768 1.00 6.34  ? 48  VAL A CB  1 
ATOM   160  C CG1 . VAL A 1 23  ? 1.520   1.722   -10.801 1.00 4.86  ? 48  VAL A CG1 1 
ATOM   161  C CG2 . VAL A 1 23  ? 4.061   1.596   -11.059 1.00 3.49  ? 48  VAL A CG2 1 
ATOM   162  N N   . THR A 1 24  A 3.409   1.092   -14.587 1.00 7.67  ? 48  THR A N   1 
ATOM   163  C CA  . THR A 1 24  A 4.501   1.308   -15.523 1.00 7.81  ? 48  THR A CA  1 
ATOM   164  C C   . THR A 1 24  A 4.728   2.854   -15.613 1.00 9.52  ? 48  THR A C   1 
ATOM   165  O O   . THR A 1 24  A 3.797   3.670   -15.402 1.00 8.28  ? 48  THR A O   1 
ATOM   166  C CB  . THR A 1 24  A 4.241   0.759   -16.968 1.00 8.90  ? 48  THR A CB  1 
ATOM   167  O OG1 . THR A 1 24  A 3.042   1.418   -17.473 1.00 7.49  ? 48  THR A OG1 1 
ATOM   168  C CG2 . THR A 1 24  A 4.120   -0.755  -16.965 1.00 9.45  ? 48  THR A CG2 1 
ATOM   169  N N   . ARG A 1 25  B 5.987   3.077   -16.001 1.00 11.81 ? 48  ARG A N   1 
ATOM   170  C CA  . ARG A 1 25  B 6.438   4.454   -16.298 1.00 14.11 ? 48  ARG A CA  1 
ATOM   171  C C   . ARG A 1 25  B 7.135   4.348   -17.664 1.00 12.99 ? 48  ARG A C   1 
ATOM   172  O O   . ARG A 1 25  B 8.358   4.111   -17.696 1.00 14.16 ? 48  ARG A O   1 
ATOM   173  C CB  . ARG A 1 25  B 7.324   4.870   -15.139 1.00 17.01 ? 48  ARG A CB  1 
ATOM   174  C CG  . ARG A 1 25  B 6.988   6.370   -14.910 1.00 21.40 ? 48  ARG A CG  1 
ATOM   175  C CD  . ARG A 1 25  B 8.081   7.070   -15.601 1.00 24.53 ? 48  ARG A CD  1 
ATOM   176  N NE  . ARG A 1 25  B 8.892   7.672   -14.604 1.00 26.37 ? 48  ARG A NE  1 
ATOM   177  C CZ  . ARG A 1 25  B 10.192  7.825   -14.508 1.00 28.35 ? 48  ARG A CZ  1 
ATOM   178  N NH1 . ARG A 1 25  B 11.307  7.235   -14.857 1.00 28.03 ? 48  ARG A NH1 1 
ATOM   179  N NH2 . ARG A 1 25  B 10.282  8.906   -13.712 1.00 31.22 ? 48  ARG A NH2 1 
ATOM   180  N N   . GLY A 1 26  C 6.382   4.508   -18.738 1.00 10.44 ? 48  GLY A N   1 
ATOM   181  C CA  . GLY A 1 26  C 6.989   4.341   -20.086 1.00 10.75 ? 48  GLY A CA  1 
ATOM   182  C C   . GLY A 1 26  C 7.396   2.848   -20.081 1.00 11.85 ? 48  GLY A C   1 
ATOM   183  O O   . GLY A 1 26  C 6.603   2.059   -19.504 1.00 12.20 ? 48  GLY A O   1 
ATOM   184  N N   . ALA A 1 27  D 8.556   2.492   -20.591 1.00 9.99  ? 48  ALA A N   1 
ATOM   185  C CA  . ALA A 1 27  D 8.958   1.088   -20.599 1.00 9.73  ? 48  ALA A CA  1 
ATOM   186  C C   . ALA A 1 27  D 9.393   0.643   -19.202 1.00 11.67 ? 48  ALA A C   1 
ATOM   187  O O   . ALA A 1 27  D 9.751   -0.550  -19.109 1.00 11.23 ? 48  ALA A O   1 
ATOM   188  C CB  . ALA A 1 27  D 10.122  1.032   -21.597 1.00 8.57  ? 48  ALA A CB  1 
ATOM   189  N N   . THR A 1 28  ? 9.401   1.550   -18.191 1.00 11.45 ? 49  THR A N   1 
ATOM   190  C CA  . THR A 1 28  ? 9.865   1.054   -16.873 1.00 11.08 ? 49  THR A CA  1 
ATOM   191  C C   . THR A 1 28  ? 8.762   0.364   -16.084 1.00 10.29 ? 49  THR A C   1 
ATOM   192  O O   . THR A 1 28  ? 7.661   0.915   -16.029 1.00 11.39 ? 49  THR A O   1 
ATOM   193  C CB  . THR A 1 28  ? 10.515  2.154   -15.956 1.00 11.02 ? 49  THR A CB  1 
ATOM   194  O OG1 . THR A 1 28  ? 11.448  2.785   -16.912 1.00 11.77 ? 49  THR A OG1 1 
ATOM   195  C CG2 . THR A 1 28  ? 11.201  1.606   -14.691 1.00 8.85  ? 49  THR A CG2 1 
ATOM   196  N N   . LYS A 1 29  ? 9.069   -0.791  -15.513 1.00 10.24 ? 50  LYS A N   1 
ATOM   197  C CA  . LYS A 1 29  ? 8.059   -1.524  -14.691 1.00 8.88  ? 50  LYS A CA  1 
ATOM   198  C C   . LYS A 1 29  ? 8.350   -1.082  -13.242 1.00 9.70  ? 50  LYS A C   1 
ATOM   199  O O   . LYS A 1 29  ? 9.531   -0.769  -12.884 1.00 9.90  ? 50  LYS A O   1 
ATOM   200  C CB  . LYS A 1 29  ? 8.362   -3.030  -14.727 1.00 9.28  ? 50  LYS A CB  1 
ATOM   201  C CG  . LYS A 1 29  ? 8.313   -3.569  -16.164 1.00 7.66  ? 50  LYS A CG  1 
ATOM   202  C CD  . LYS A 1 29  ? 8.691   -5.060  -15.990 1.00 9.39  ? 50  LYS A CD  1 
ATOM   203  C CE  . LYS A 1 29  ? 8.691   -5.672  -17.381 1.00 10.73 ? 50  LYS A CE  1 
ATOM   204  N NZ  . LYS A 1 29  ? 8.904   -7.176  -17.370 1.00 12.54 ? 50  LYS A NZ  1 
ATOM   205  N N   . GLY A 1 30  ? 7.298   -1.060  -12.455 1.00 10.00 ? 51  GLY A N   1 
ATOM   206  C CA  . GLY A 1 30  ? 7.455   -0.708  -11.027 1.00 10.48 ? 51  GLY A CA  1 
ATOM   207  C C   . GLY A 1 30  ? 6.231   -1.093  -10.162 1.00 9.00  ? 51  GLY A C   1 
ATOM   208  O O   . GLY A 1 30  ? 5.262   -1.658  -10.720 1.00 7.86  ? 51  GLY A O   1 
ATOM   209  N N   . PHE A 1 31  ? 6.328   -0.741  -8.876  1.00 5.79  ? 52  PHE A N   1 
ATOM   210  C CA  . PHE A 1 31  ? 5.141   -0.889  -8.037  1.00 5.40  ? 52  PHE A CA  1 
ATOM   211  C C   . PHE A 1 31  ? 5.072   0.319   -7.133  1.00 4.37  ? 52  PHE A C   1 
ATOM   212  O O   . PHE A 1 31  ? 6.179   0.801   -6.749  1.00 4.85  ? 52  PHE A O   1 
ATOM   213  C CB  . PHE A 1 31  ? 5.088   -2.250  -7.376  1.00 7.40  ? 52  PHE A CB  1 
ATOM   214  C CG  . PHE A 1 31  ? 6.108   -2.485  -6.299  1.00 7.91  ? 52  PHE A CG  1 
ATOM   215  C CD1 . PHE A 1 31  ? 5.935   -1.931  -5.017  1.00 6.47  ? 52  PHE A CD1 1 
ATOM   216  C CD2 . PHE A 1 31  ? 7.165   -3.364  -6.559  1.00 8.27  ? 52  PHE A CD2 1 
ATOM   217  C CE1 . PHE A 1 31  ? 6.839   -2.243  -3.986  1.00 5.99  ? 52  PHE A CE1 1 
ATOM   218  C CE2 . PHE A 1 31  ? 8.083   -3.670  -5.525  1.00 9.09  ? 52  PHE A CE2 1 
ATOM   219  C CZ  . PHE A 1 31  ? 7.917   -3.065  -4.246  1.00 7.10  ? 52  PHE A CZ  1 
ATOM   220  N N   . VAL A 1 32  ? 3.901   0.744   -6.737  1.00 4.06  ? 53  VAL A N   1 
ATOM   221  C CA  . VAL A 1 32  ? 3.744   1.857   -5.775  1.00 4.15  ? 53  VAL A CA  1 
ATOM   222  C C   . VAL A 1 32  ? 3.646   1.188   -4.377  1.00 5.88  ? 53  VAL A C   1 
ATOM   223  O O   . VAL A 1 32  ? 3.162   0.038   -4.268  1.00 4.53  ? 53  VAL A O   1 
ATOM   224  C CB  . VAL A 1 32  ? 2.555   2.751   -6.022  1.00 3.00  ? 53  VAL A CB  1 
ATOM   225  C CG1 . VAL A 1 32  ? 2.721   3.472   -7.370  1.00 3.62  ? 53  VAL A CG1 1 
ATOM   226  C CG2 . VAL A 1 32  ? 1.320   1.912   -6.306  1.00 5.98  ? 53  VAL A CG2 1 
ATOM   227  N N   . THR A 1 33  ? 4.149   1.916   -3.395  1.00 4.38  ? 54  THR A N   1 
ATOM   228  C CA  . THR A 1 33  ? 4.179   1.411   -2.009  1.00 6.82  ? 54  THR A CA  1 
ATOM   229  C C   . THR A 1 33  ? 4.180   2.590   -1.012  1.00 7.48  ? 54  THR A C   1 
ATOM   230  O O   . THR A 1 33  ? 4.047   3.720   -1.549  1.00 7.60  ? 54  THR A O   1 
ATOM   231  C CB  . THR A 1 33  ? 5.416   0.475   -1.836  1.00 5.45  ? 54  THR A CB  1 
ATOM   232  O OG1 . THR A 1 33  ? 5.175   -0.306  -0.609  1.00 7.29  ? 54  THR A OG1 1 
ATOM   233  C CG2 . THR A 1 33  ? 6.813   1.172   -1.793  1.00 5.26  ? 54  THR A CG2 1 
ATOM   234  N N   . ALA A 1 34  ? 4.384   2.322   0.280   1.00 7.18  ? 55  ALA A N   1 
ATOM   235  C CA  . ALA A 1 34  ? 4.458   3.464   1.223   1.00 6.61  ? 55  ALA A CA  1 
ATOM   236  C C   . ALA A 1 34  ? 5.845   4.130   1.212   1.00 7.06  ? 55  ALA A C   1 
ATOM   237  O O   . ALA A 1 34  ? 6.881   3.482   1.062   1.00 7.58  ? 55  ALA A O   1 
ATOM   238  C CB  . ALA A 1 34  ? 3.986   2.988   2.600   1.00 6.92  ? 55  ALA A CB  1 
ATOM   239  N N   . GLY A 1 35  ? 5.874   5.470   1.359   1.00 7.97  ? 56  GLY A N   1 
ATOM   240  C CA  . GLY A 1 35  ? 7.140   6.228   1.356   1.00 7.32  ? 56  GLY A CA  1 
ATOM   241  C C   . GLY A 1 35  ? 7.964   5.885   2.599   1.00 8.31  ? 56  GLY A C   1 
ATOM   242  O O   . GLY A 1 35  ? 9.172   5.828   2.471   1.00 7.61  ? 56  GLY A O   1 
ATOM   243  N N   . HIS A 1 36  ? 7.281   5.683   3.747   1.00 8.36  ? 57  HIS A N   1 
ATOM   244  C CA  . HIS A 1 36  ? 8.081   5.350   4.944   1.00 7.04  ? 57  HIS A CA  1 
ATOM   245  C C   . HIS A 1 36  ? 8.704   3.973   4.742   1.00 8.11  ? 57  HIS A C   1 
ATOM   246  O O   . HIS A 1 36  ? 9.502   3.737   5.697   1.00 10.60 ? 57  HIS A O   1 
ATOM   247  C CB  . HIS A 1 36  ? 7.294   5.444   6.228   1.00 4.50  ? 57  HIS A CB  1 
ATOM   248  C CG  . HIS A 1 36  ? 6.292   4.327   6.388   1.00 4.39  ? 57  HIS A CG  1 
ATOM   249  N ND1 . HIS A 1 36  ? 4.954   4.337   6.094   1.00 6.13  ? 57  HIS A ND1 1 
ATOM   250  C CD2 . HIS A 1 36  ? 6.526   3.101   6.961   1.00 3.15  ? 57  HIS A CD2 1 
ATOM   251  C CE1 . HIS A 1 36  ? 4.360   3.169   6.444   1.00 3.48  ? 57  HIS A CE1 1 
ATOM   252  N NE2 . HIS A 1 36  ? 5.335   2.448   6.965   1.00 3.78  ? 57  HIS A NE2 1 
ATOM   253  N N   . CYS A 1 37  ? 8.412   3.121   3.780   1.00 7.19  ? 58  CYS A N   1 
ATOM   254  C CA  . CYS A 1 37  ? 9.093   1.818   3.699   1.00 7.49  ? 58  CYS A CA  1 
ATOM   255  C C   . CYS A 1 37  ? 10.588  1.852   3.336   1.00 9.41  ? 58  CYS A C   1 
ATOM   256  O O   . CYS A 1 37  ? 11.306  0.899   3.716   1.00 9.35  ? 58  CYS A O   1 
ATOM   257  C CB  . CYS A 1 37  ? 8.396   0.871   2.711   1.00 7.06  ? 58  CYS A CB  1 
ATOM   258  S SG  . CYS A 1 37  ? 6.736   0.483   3.332   1.00 9.93  ? 58  CYS A SG  1 
ATOM   259  N N   . GLY A 1 38  ? 11.034  2.838   2.567   1.00 10.72 ? 59  GLY A N   1 
ATOM   260  C CA  . GLY A 1 38  ? 12.432  2.919   2.144   1.00 12.21 ? 59  GLY A CA  1 
ATOM   261  C C   . GLY A 1 38  ? 12.948  4.291   1.711   1.00 12.79 ? 59  GLY A C   1 
ATOM   262  O O   . GLY A 1 38  ? 12.090  5.148   1.573   1.00 14.44 ? 59  GLY A O   1 
ATOM   263  N N   . THR A 1 39  ? 14.247  4.476   1.533   1.00 10.56 ? 62  THR A N   1 
ATOM   264  C CA  . THR A 1 39  ? 14.746  5.755   1.053   1.00 12.99 ? 62  THR A CA  1 
ATOM   265  C C   . THR A 1 39  ? 15.077  5.499   -0.404  1.00 12.65 ? 62  THR A C   1 
ATOM   266  O O   . THR A 1 39  ? 15.224  4.325   -0.812  1.00 10.86 ? 62  THR A O   1 
ATOM   267  C CB  . THR A 1 39  ? 16.074  6.071   1.878   1.00 15.07 ? 62  THR A CB  1 
ATOM   268  O OG1 . THR A 1 39  ? 16.738  4.759   1.933   1.00 15.80 ? 62  THR A OG1 1 
ATOM   269  C CG2 . THR A 1 39  ? 15.587  6.436   3.293   1.00 16.67 ? 62  THR A CG2 1 
ATOM   270  N N   . VAL A 1 40  ? 15.251  6.601   -1.115  1.00 12.60 ? 63  VAL A N   1 
ATOM   271  C CA  . VAL A 1 40  ? 15.587  6.512   -2.558  1.00 13.36 ? 63  VAL A CA  1 
ATOM   272  C C   . VAL A 1 40  ? 16.793  5.586   -2.675  1.00 14.03 ? 63  VAL A C   1 
ATOM   273  O O   . VAL A 1 40  ? 17.598  5.709   -1.765  1.00 13.37 ? 63  VAL A O   1 
ATOM   274  C CB  . VAL A 1 40  ? 15.879  7.917   -3.136  1.00 14.83 ? 63  VAL A CB  1 
ATOM   275  C CG1 . VAL A 1 40  ? 16.437  7.706   -4.553  1.00 16.01 ? 63  VAL A CG1 1 
ATOM   276  C CG2 . VAL A 1 40  ? 14.545  8.661   -3.191  1.00 14.92 ? 63  VAL A CG2 1 
ATOM   277  N N   . ASN A 1 41  ? 16.930  4.767   -3.671  1.00 14.07 ? 64  ASN A N   1 
ATOM   278  C CA  . ASN A 1 41  ? 17.977  3.828   -3.893  1.00 15.85 ? 64  ASN A CA  1 
ATOM   279  C C   . ASN A 1 41  ? 17.956  2.697   -2.878  1.00 14.83 ? 64  ASN A C   1 
ATOM   280  O O   . ASN A 1 41  ? 18.863  1.879   -3.153  1.00 15.39 ? 64  ASN A O   1 
ATOM   281  C CB  . ASN A 1 41  ? 19.350  4.434   -4.096  1.00 20.41 ? 64  ASN A CB  1 
ATOM   282  C CG  . ASN A 1 41  ? 19.327  5.476   -5.203  1.00 24.09 ? 64  ASN A CG  1 
ATOM   283  O OD1 . ASN A 1 41  ? 19.982  6.492   -4.940  1.00 27.45 ? 64  ASN A OD1 1 
ATOM   284  N ND2 . ASN A 1 41  ? 18.678  5.359   -6.333  1.00 25.57 ? 64  ASN A ND2 1 
ATOM   285  N N   . ALA A 1 42  ? 17.075  2.609   -1.902  1.00 14.60 ? 65  ALA A N   1 
ATOM   286  C CA  . ALA A 1 42  ? 17.120  1.368   -1.063  1.00 13.60 ? 65  ALA A CA  1 
ATOM   287  C C   . ALA A 1 42  ? 16.772  0.164   -1.977  1.00 14.02 ? 65  ALA A C   1 
ATOM   288  O O   . ALA A 1 42  ? 16.003  0.272   -2.987  1.00 14.42 ? 65  ALA A O   1 
ATOM   289  C CB  . ALA A 1 42  ? 16.033  1.452   -0.013  1.00 11.95 ? 65  ALA A CB  1 
ATOM   290  N N   . THR A 1 43  A 17.303  -1.011  -1.706  1.00 12.23 ? 65  THR A N   1 
ATOM   291  C CA  . THR A 1 43  A 17.110  -2.240  -2.445  1.00 10.79 ? 65  THR A CA  1 
ATOM   292  C C   . THR A 1 43  A 15.927  -3.058  -2.005  1.00 10.91 ? 65  THR A C   1 
ATOM   293  O O   . THR A 1 43  A 15.904  -3.397  -0.797  1.00 12.08 ? 65  THR A O   1 
ATOM   294  C CB  . THR A 1 43  A 18.370  -3.170  -2.288  1.00 12.21 ? 65  THR A CB  1 
ATOM   295  O OG1 . THR A 1 43  A 19.442  -2.325  -2.791  1.00 13.61 ? 65  THR A OG1 1 
ATOM   296  C CG2 . THR A 1 43  A 18.245  -4.445  -3.130  1.00 13.16 ? 65  THR A CG2 1 
ATOM   297  N N   . ALA A 1 44  ? 15.043  -3.420  -2.895  1.00 9.97  ? 66  ALA A N   1 
ATOM   298  C CA  . ALA A 1 44  ? 13.835  -4.216  -2.555  1.00 9.01  ? 66  ALA A CA  1 
ATOM   299  C C   . ALA A 1 44  ? 14.084  -5.662  -2.964  1.00 11.28 ? 66  ALA A C   1 
ATOM   300  O O   . ALA A 1 44  ? 14.671  -5.826  -4.074  1.00 11.22 ? 66  ALA A O   1 
ATOM   301  C CB  . ALA A 1 44  ? 12.698  -3.679  -3.464  1.00 6.90  ? 66  ALA A CB  1 
ATOM   302  N N   . ARG A 1 45  ? 13.698  -6.633  -2.157  1.00 11.09 ? 67  ARG A N   1 
ATOM   303  C CA  . ARG A 1 45  ? 13.907  -8.039  -2.492  1.00 10.56 ? 67  ARG A CA  1 
ATOM   304  C C   . ARG A 1 45  ? 12.573  -8.762  -2.338  1.00 11.53 ? 67  ARG A C   1 
ATOM   305  O O   . ARG A 1 45  ? 11.819  -8.433  -1.431  1.00 9.47  ? 67  ARG A O   1 
ATOM   306  C CB  . ARG A 1 45  ? 14.843  -8.831  -1.547  1.00 9.98  ? 67  ARG A CB  1 
ATOM   307  C CG  . ARG A 1 45  ? 16.309  -8.370  -1.830  1.00 9.55  ? 67  ARG A CG  1 
ATOM   308  C CD  . ARG A 1 45  ? 17.168  -8.908  -0.778  1.00 10.64 ? 67  ARG A CD  1 
ATOM   309  N NE  . ARG A 1 45  ? 18.581  -8.682  -1.092  1.00 11.99 ? 67  ARG A NE  1 
ATOM   310  C CZ  . ARG A 1 45  ? 19.182  -7.547  -0.776  1.00 13.93 ? 67  ARG A CZ  1 
ATOM   311  N NH1 . ARG A 1 45  ? 18.793  -6.443  -0.146  1.00 13.82 ? 67  ARG A NH1 1 
ATOM   312  N NH2 . ARG A 1 45  ? 20.421  -7.509  -1.291  1.00 17.52 ? 67  ARG A NH2 1 
ATOM   313  N N   . ILE A 1 46  ? 12.379  -9.724  -3.189  1.00 12.60 ? 80  ILE A N   1 
ATOM   314  C CA  . ILE A 1 46  ? 11.179  -10.566 -3.081  1.00 14.20 ? 80  ILE A CA  1 
ATOM   315  C C   . ILE A 1 46  ? 11.722  -12.017 -3.109  1.00 17.07 ? 80  ILE A C   1 
ATOM   316  O O   . ILE A 1 46  ? 12.390  -12.372 -4.070  1.00 15.10 ? 80  ILE A O   1 
ATOM   317  C CB  . ILE A 1 46  ? 10.073  -10.322 -4.111  1.00 12.32 ? 80  ILE A CB  1 
ATOM   318  C CG1 . ILE A 1 46  ? 9.540   -8.905  -3.886  1.00 12.30 ? 80  ILE A CG1 1 
ATOM   319  C CG2 . ILE A 1 46  ? 8.965   -11.421 -3.984  1.00 11.49 ? 80  ILE A CG2 1 
ATOM   320  C CD1 . ILE A 1 46  ? 8.557   -8.519  -5.046  1.00 13.67 ? 80  ILE A CD1 1 
ATOM   321  N N   . GLY A 1 47  ? 11.424  -12.696 -1.997  1.00 20.00 ? 81  GLY A N   1 
ATOM   322  C CA  . GLY A 1 47  ? 11.823  -14.094 -1.827  1.00 21.04 ? 81  GLY A CA  1 
ATOM   323  C C   . GLY A 1 47  ? 13.320  -14.219 -1.898  1.00 22.87 ? 81  GLY A C   1 
ATOM   324  O O   . GLY A 1 47  ? 13.838  -15.129 -2.552  1.00 25.93 ? 81  GLY A O   1 
ATOM   325  N N   . GLY A 1 48  ? 13.955  -13.266 -1.245  1.00 23.18 ? 82  GLY A N   1 
ATOM   326  C CA  . GLY A 1 48  ? 15.408  -13.195 -1.245  1.00 23.12 ? 82  GLY A CA  1 
ATOM   327  C C   . GLY A 1 48  ? 16.043  -12.775 -2.555  1.00 23.02 ? 82  GLY A C   1 
ATOM   328  O O   . GLY A 1 48  ? 17.285  -12.753 -2.507  1.00 25.59 ? 82  GLY A O   1 
ATOM   329  N N   . ALA A 1 49  ? 15.342  -12.429 -3.605  1.00 20.39 ? 83  ALA A N   1 
ATOM   330  C CA  . ALA A 1 49  ? 15.975  -11.961 -4.844  1.00 17.39 ? 83  ALA A CA  1 
ATOM   331  C C   . ALA A 1 49  ? 15.752  -10.450 -5.029  1.00 15.10 ? 83  ALA A C   1 
ATOM   332  O O   . ALA A 1 49  ? 14.656  -9.932  -4.732  1.00 13.23 ? 83  ALA A O   1 
ATOM   333  C CB  . ALA A 1 49  ? 15.416  -12.796 -5.980  1.00 17.22 ? 83  ALA A CB  1 
ATOM   334  N N   . VAL A 1 50  ? 16.785  -9.744  -5.445  1.00 13.08 ? 84  VAL A N   1 
ATOM   335  C CA  . VAL A 1 50  ? 16.718  -8.309  -5.709  1.00 12.42 ? 84  VAL A CA  1 
ATOM   336  C C   . VAL A 1 50  ? 15.770  -8.128  -6.908  1.00 11.32 ? 84  VAL A C   1 
ATOM   337  O O   . VAL A 1 50  ? 15.967  -8.756  -7.937  1.00 10.83 ? 84  VAL A O   1 
ATOM   338  C CB  . VAL A 1 50  ? 18.090  -7.731  -6.090  1.00 13.11 ? 84  VAL A CB  1 
ATOM   339  C CG1 . VAL A 1 50  ? 18.033  -6.326  -6.673  1.00 10.09 ? 84  VAL A CG1 1 
ATOM   340  C CG2 . VAL A 1 50  ? 19.006  -7.844  -4.897  1.00 10.86 ? 84  VAL A CG2 1 
ATOM   341  N N   . VAL A 1 51  ? 14.776  -7.293  -6.695  1.00 10.38 ? 85  VAL A N   1 
ATOM   342  C CA  . VAL A 1 51  ? 13.783  -6.982  -7.748  1.00 9.24  ? 85  VAL A CA  1 
ATOM   343  C C   . VAL A 1 51  ? 13.904  -5.502  -8.177  1.00 10.90 ? 85  VAL A C   1 
ATOM   344  O O   . VAL A 1 51  ? 13.410  -5.295  -9.294  1.00 10.25 ? 85  VAL A O   1 
ATOM   345  C CB  . VAL A 1 51  ? 12.349  -7.400  -7.433  1.00 6.70  ? 85  VAL A CB  1 
ATOM   346  C CG1 . VAL A 1 51  ? 12.213  -8.869  -7.091  1.00 6.71  ? 85  VAL A CG1 1 
ATOM   347  C CG2 . VAL A 1 51  ? 11.771  -6.592  -6.260  1.00 6.10  ? 85  VAL A CG2 1 
ATOM   348  N N   . GLY A 1 52  ? 14.483  -4.586  -7.425  1.00 11.30 ? 86  GLY A N   1 
ATOM   349  C CA  . GLY A 1 52  ? 14.560  -3.194  -7.953  1.00 11.08 ? 86  GLY A CA  1 
ATOM   350  C C   . GLY A 1 52  ? 14.957  -2.270  -6.825  1.00 11.94 ? 86  GLY A C   1 
ATOM   351  O O   . GLY A 1 52  ? 15.444  -2.796  -5.810  1.00 11.52 ? 86  GLY A O   1 
ATOM   352  N N   . THR A 1 53  ? 14.782  -0.962  -6.958  1.00 11.49 ? 87  THR A N   1 
ATOM   353  C CA  . THR A 1 53  ? 15.164  -0.033  -5.922  1.00 11.71 ? 87  THR A CA  1 
ATOM   354  C C   . THR A 1 53  ? 14.145  1.104   -5.891  1.00 11.58 ? 87  THR A C   1 
ATOM   355  O O   . THR A 1 53  ? 13.395  1.316   -6.890  1.00 10.71 ? 87  THR A O   1 
ATOM   356  C CB  . THR A 1 53  ? 16.611  0.495   -6.272  1.00 15.73 ? 87  THR A CB  1 
ATOM   357  O OG1 . THR A 1 53  ? 16.498  1.177   -7.552  1.00 18.43 ? 87  THR A OG1 1 
ATOM   358  C CG2 . THR A 1 53  ? 17.654  -0.613  -6.419  1.00 16.19 ? 87  THR A CG2 1 
ATOM   359  N N   . PHE A 1 54  ? 14.131  1.786   -4.745  1.00 8.75  ? 88  PHE A N   1 
ATOM   360  C CA  . PHE A 1 54  ? 13.175  2.872   -4.532  1.00 8.89  ? 88  PHE A CA  1 
ATOM   361  C C   . PHE A 1 54  ? 13.562  3.972   -5.540  1.00 10.54 ? 88  PHE A C   1 
ATOM   362  O O   . PHE A 1 54  ? 14.779  4.302   -5.380  1.00 10.58 ? 88  PHE A O   1 
ATOM   363  C CB  . PHE A 1 54  ? 13.269  3.292   -3.083  1.00 8.06  ? 88  PHE A CB  1 
ATOM   364  C CG  . PHE A 1 54  ? 12.338  2.510   -2.220  1.00 7.73  ? 88  PHE A CG  1 
ATOM   365  C CD1 . PHE A 1 54  ? 12.623  1.152   -1.978  1.00 8.15  ? 88  PHE A CD1 1 
ATOM   366  C CD2 . PHE A 1 54  ? 11.162  3.109   -1.714  1.00 7.75  ? 88  PHE A CD2 1 
ATOM   367  C CE1 . PHE A 1 54  ? 11.736  0.389   -1.250  1.00 7.53  ? 88  PHE A CE1 1 
ATOM   368  C CE2 . PHE A 1 54  ? 10.256  2.327   -0.961  1.00 7.43  ? 88  PHE A CE2 1 
ATOM   369  C CZ  . PHE A 1 54  ? 10.566  0.982   -0.730  1.00 6.44  ? 88  PHE A CZ  1 
ATOM   370  N N   . ALA A 1 55  ? 12.651  4.425   -6.371  1.00 8.29  ? 89  ALA A N   1 
ATOM   371  C CA  . ALA A 1 55  ? 13.056  5.457   -7.338  1.00 10.35 ? 89  ALA A CA  1 
ATOM   372  C C   . ALA A 1 55  ? 12.789  6.855   -6.825  1.00 10.69 ? 89  ALA A C   1 
ATOM   373  O O   . ALA A 1 55  ? 13.508  7.835   -7.085  1.00 12.04 ? 89  ALA A O   1 
ATOM   374  C CB  . ALA A 1 55  ? 12.220  5.198   -8.577  1.00 10.73 ? 89  ALA A CB  1 
ATOM   375  N N   . ALA A 1 56  ? 11.752  6.917   -6.016  1.00 10.84 ? 90  ALA A N   1 
ATOM   376  C CA  . ALA A 1 56  ? 11.333  8.208   -5.394  1.00 10.45 ? 90  ALA A CA  1 
ATOM   377  C C   . ALA A 1 56  ? 10.441  7.956   -4.201  1.00 10.74 ? 90  ALA A C   1 
ATOM   378  O O   . ALA A 1 56  ? 9.816   6.866   -4.176  1.00 11.22 ? 90  ALA A O   1 
ATOM   379  C CB  . ALA A 1 56  ? 10.536  8.984   -6.472  1.00 7.98  ? 90  ALA A CB  1 
ATOM   380  N N   . ARG A 1 57  ? 10.334  8.878   -3.285  1.00 9.57  ? 91  ARG A N   1 
ATOM   381  C CA  . ARG A 1 57  ? 9.374   8.720   -2.176  1.00 11.43 ? 91  ARG A CA  1 
ATOM   382  C C   . ARG A 1 57  ? 9.172   10.074  -1.528  1.00 11.64 ? 91  ARG A C   1 
ATOM   383  O O   . ARG A 1 57  ? 10.034  10.960  -1.714  1.00 11.48 ? 91  ARG A O   1 
ATOM   384  C CB  . ARG A 1 57  ? 9.778   7.730   -1.106  1.00 13.60 ? 91  ARG A CB  1 
ATOM   385  C CG  . ARG A 1 57  ? 11.151  7.954   -0.542  1.00 17.17 ? 91  ARG A CG  1 
ATOM   386  C CD  . ARG A 1 57  ? 11.195  8.911   0.621   1.00 17.69 ? 91  ARG A CD  1 
ATOM   387  N NE  . ARG A 1 57  ? 11.326  8.134   1.816   1.00 17.08 ? 91  ARG A NE  1 
ATOM   388  C CZ  . ARG A 1 57  ? 11.787  8.234   3.012   1.00 15.18 ? 91  ARG A CZ  1 
ATOM   389  N NH1 . ARG A 1 57  ? 12.531  9.200   3.456   1.00 17.43 ? 91  ARG A NH1 1 
ATOM   390  N NH2 . ARG A 1 57  ? 11.530  7.275   3.876   1.00 12.81 ? 91  ARG A NH2 1 
ATOM   391  N N   . VAL A 1 58  ? 8.074   10.199  -0.862  1.00 8.71  ? 93  VAL A N   1 
ATOM   392  C CA  . VAL A 1 58  ? 7.816   11.425  -0.069  1.00 8.50  ? 93  VAL A CA  1 
ATOM   393  C C   . VAL A 1 58  ? 7.403   10.922  1.314   1.00 9.29  ? 93  VAL A C   1 
ATOM   394  O O   . VAL A 1 58  ? 6.360   10.177  1.301   1.00 10.81 ? 93  VAL A O   1 
ATOM   395  C CB  . VAL A 1 58  ? 6.818   12.409  -0.670  1.00 9.10  ? 93  VAL A CB  1 
ATOM   396  C CG1 . VAL A 1 58  ? 6.691   13.633  0.266   1.00 6.97  ? 93  VAL A CG1 1 
ATOM   397  C CG2 . VAL A 1 58  ? 7.103   12.812  -2.125  1.00 6.48  ? 93  VAL A CG2 1 
ATOM   398  N N   . PHE A 1 59  ? 8.058   11.311  2.381   1.00 9.49  ? 94  PHE A N   1 
ATOM   399  C CA  . PHE A 1 59  ? 7.579   10.887  3.727   1.00 9.24  ? 94  PHE A CA  1 
ATOM   400  C C   . PHE A 1 59  ? 8.424   11.679  4.725   1.00 10.67 ? 94  PHE A C   1 
ATOM   401  O O   . PHE A 1 59  ? 9.646   11.621  4.517   1.00 9.49  ? 94  PHE A O   1 
ATOM   402  C CB  . PHE A 1 59  ? 7.779   9.403   4.013   1.00 8.48  ? 94  PHE A CB  1 
ATOM   403  C CG  . PHE A 1 59  ? 7.463   9.044   5.447   1.00 10.47 ? 94  PHE A CG  1 
ATOM   404  C CD1 . PHE A 1 59  ? 6.146   8.811   5.842   1.00 8.95  ? 94  PHE A CD1 1 
ATOM   405  C CD2 . PHE A 1 59  ? 8.490   9.000   6.418   1.00 8.98  ? 94  PHE A CD2 1 
ATOM   406  C CE1 . PHE A 1 59  ? 5.860   8.513   7.183   1.00 9.73  ? 94  PHE A CE1 1 
ATOM   407  C CE2 . PHE A 1 59  ? 8.195   8.693   7.721   1.00 7.66  ? 94  PHE A CE2 1 
ATOM   408  C CZ  . PHE A 1 59  ? 6.889   8.463   8.131   1.00 8.44  ? 94  PHE A CZ  1 
ATOM   409  N N   . PRO A 1 60  A 7.838   12.297  5.705   1.00 10.68 ? 99  PRO A N   1 
ATOM   410  C CA  . PRO A 1 60  A 6.447   12.423  6.036   1.00 9.35  ? 99  PRO A CA  1 
ATOM   411  C C   . PRO A 1 60  A 5.809   13.544  5.212   1.00 10.12 ? 99  PRO A C   1 
ATOM   412  O O   . PRO A 1 60  A 6.360   13.737  4.115   1.00 11.48 ? 99  PRO A O   1 
ATOM   413  C CB  . PRO A 1 60  A 6.452   12.634  7.564   1.00 9.88  ? 99  PRO A CB  1 
ATOM   414  C CG  . PRO A 1 60  A 7.637   13.533  7.716   1.00 9.48  ? 99  PRO A CG  1 
ATOM   415  C CD  . PRO A 1 60  A 8.681   13.029  6.697   1.00 9.79  ? 99  PRO A CD  1 
ATOM   416  N N   . GLY A 1 61  ? 4.738   14.180  5.638   1.00 8.51  ? 100 GLY A N   1 
ATOM   417  C CA  . GLY A 1 61  ? 4.047   15.165  4.772   1.00 10.41 ? 100 GLY A CA  1 
ATOM   418  C C   . GLY A 1 61  ? 2.929   14.352  4.037   1.00 10.02 ? 100 GLY A C   1 
ATOM   419  O O   . GLY A 1 61  ? 1.711   14.431  4.235   1.00 9.92  ? 100 GLY A O   1 
ATOM   420  N N   . ASN A 1 62  ? 3.482   13.540  3.126   1.00 11.22 ? 101 ASN A N   1 
ATOM   421  C CA  . ASN A 1 62  ? 2.768   12.506  2.336   1.00 10.26 ? 101 ASN A CA  1 
ATOM   422  C C   . ASN A 1 62  ? 3.386   11.138  2.766   1.00 9.09  ? 101 ASN A C   1 
ATOM   423  O O   . ASN A 1 62  ? 4.330   11.151  3.614   1.00 9.27  ? 101 ASN A O   1 
ATOM   424  C CB  . ASN A 1 62  ? 2.891   12.605  0.796   1.00 8.56  ? 101 ASN A CB  1 
ATOM   425  C CG  . ASN A 1 62  ? 2.459   14.006  0.311   1.00 9.81  ? 101 ASN A CG  1 
ATOM   426  O OD1 . ASN A 1 62  ? 1.333   14.540  0.488   1.00 12.16 ? 101 ASN A OD1 1 
ATOM   427  N ND2 . ASN A 1 62  ? 3.423   14.644  -0.260  1.00 6.84  ? 101 ASN A ND2 1 
ATOM   428  N N   . ASP A 1 63  ? 2.872   10.051  2.194   1.00 7.38  ? 102 ASP A N   1 
ATOM   429  C CA  . ASP A 1 63  ? 3.493   8.755   2.510   1.00 7.00  ? 102 ASP A CA  1 
ATOM   430  C C   . ASP A 1 63  ? 3.421   7.919   1.231   1.00 7.90  ? 102 ASP A C   1 
ATOM   431  O O   . ASP A 1 63  ? 2.525   7.057   1.175   1.00 8.23  ? 102 ASP A O   1 
ATOM   432  C CB  . ASP A 1 63  ? 2.802   8.074   3.673   1.00 6.53  ? 102 ASP A CB  1 
ATOM   433  C CG  . ASP A 1 63  ? 3.619   6.902   4.220   1.00 7.49  ? 102 ASP A CG  1 
ATOM   434  O OD1 . ASP A 1 63  ? 4.666   6.560   3.637   1.00 7.88  ? 102 ASP A OD1 1 
ATOM   435  O OD2 . ASP A 1 63  ? 3.230   6.274   5.240   1.00 10.27 ? 102 ASP A OD2 1 
ATOM   436  N N   . ARG A 1 64  ? 4.270   8.140   0.265   1.00 8.39  ? 103 ARG A N   1 
ATOM   437  C CA  . ARG A 1 64  ? 4.227   7.420   -1.032  1.00 8.98  ? 103 ARG A CA  1 
ATOM   438  C C   . ARG A 1 64  ? 5.640   7.147   -1.579  1.00 8.87  ? 103 ARG A C   1 
ATOM   439  O O   . ARG A 1 64  ? 6.614   7.845   -1.251  1.00 6.63  ? 103 ARG A O   1 
ATOM   440  C CB  . ARG A 1 64  ? 3.428   8.287   -2.062  1.00 8.19  ? 103 ARG A CB  1 
ATOM   441  C CG  . ARG A 1 64  ? 4.054   9.688   -2.337  1.00 10.03 ? 103 ARG A CG  1 
ATOM   442  C CD  . ARG A 1 64  ? 3.250   10.744  -3.034  1.00 10.09 ? 103 ARG A CD  1 
ATOM   443  N NE  . ARG A 1 64  ? 2.017   11.067  -2.295  1.00 9.09  ? 103 ARG A NE  1 
ATOM   444  C CZ  . ARG A 1 64  ? 1.231   12.084  -2.602  1.00 8.99  ? 103 ARG A CZ  1 
ATOM   445  N NH1 . ARG A 1 64  ? 1.529   12.885  -3.611  1.00 8.31  ? 103 ARG A NH1 1 
ATOM   446  N NH2 . ARG A 1 64  ? 0.121   12.321  -1.983  1.00 6.97  ? 103 ARG A NH2 1 
ATOM   447  N N   . ALA A 1 65  ? 5.667   6.159   -2.451  1.00 7.86  ? 104 ALA A N   1 
ATOM   448  C CA  . ALA A 1 65  ? 6.918   5.814   -3.154  1.00 6.36  ? 104 ALA A CA  1 
ATOM   449  C C   . ALA A 1 65  ? 6.592   4.898   -4.328  1.00 6.05  ? 104 ALA A C   1 
ATOM   450  O O   . ALA A 1 65  ? 5.475   4.338   -4.394  1.00 6.99  ? 104 ALA A O   1 
ATOM   451  C CB  . ALA A 1 65  ? 7.832   5.042   -2.201  1.00 3.40  ? 104 ALA A CB  1 
ATOM   452  N N   . TRP A 1 66  ? 7.563   4.682   -5.171  1.00 5.11  ? 105 TRP A N   1 
ATOM   453  C CA  . TRP A 1 66  ? 7.453   3.719   -6.298  1.00 5.84  ? 105 TRP A CA  1 
ATOM   454  C C   . TRP A 1 66  ? 8.824   3.094   -6.392  1.00 5.43  ? 105 TRP A C   1 
ATOM   455  O O   . TRP A 1 66  ? 9.866   3.780   -6.156  1.00 5.60  ? 105 TRP A O   1 
ATOM   456  C CB  . TRP A 1 66  ? 6.866   4.323   -7.552  1.00 6.42  ? 105 TRP A CB  1 
ATOM   457  C CG  . TRP A 1 66  ? 7.765   5.090   -8.468  1.00 9.17  ? 105 TRP A CG  1 
ATOM   458  C CD1 . TRP A 1 66  ? 8.085   6.423   -8.398  1.00 8.35  ? 105 TRP A CD1 1 
ATOM   459  C CD2 . TRP A 1 66  ? 8.381   4.611   -9.665  1.00 9.66  ? 105 TRP A CD2 1 
ATOM   460  N NE1 . TRP A 1 66  ? 8.875   6.784   -9.438  1.00 9.88  ? 105 TRP A NE1 1 
ATOM   461  C CE2 . TRP A 1 66  ? 9.083   5.697   -10.230 1.00 10.50 ? 105 TRP A CE2 1 
ATOM   462  C CE3 . TRP A 1 66  ? 8.408   3.373   -10.285 1.00 10.51 ? 105 TRP A CE3 1 
ATOM   463  C CZ2 . TRP A 1 66  ? 9.820   5.586   -11.408 1.00 11.38 ? 105 TRP A CZ2 1 
ATOM   464  C CZ3 . TRP A 1 66  ? 9.188   3.231   -11.432 1.00 11.50 ? 105 TRP A CZ3 1 
ATOM   465  C CH2 . TRP A 1 66  ? 9.851   4.313   -11.978 1.00 11.53 ? 105 TRP A CH2 1 
ATOM   466  N N   . VAL A 1 67  ? 8.906   1.825   -6.681  1.00 7.41  ? 106 VAL A N   1 
ATOM   467  C CA  . VAL A 1 67  ? 10.182  1.073   -6.819  1.00 7.63  ? 106 VAL A CA  1 
ATOM   468  C C   . VAL A 1 67  ? 10.341  0.724   -8.289  1.00 9.33  ? 106 VAL A C   1 
ATOM   469  O O   . VAL A 1 67  ? 9.303   0.207   -8.801  1.00 8.81  ? 106 VAL A O   1 
ATOM   470  C CB  . VAL A 1 67  ? 9.997   -0.255  -6.013  1.00 7.52  ? 106 VAL A CB  1 
ATOM   471  C CG1 . VAL A 1 67  ? 11.155  -1.233  -6.084  1.00 6.08  ? 106 VAL A CG1 1 
ATOM   472  C CG2 . VAL A 1 67  ? 9.840   0.093   -4.540  1.00 8.00  ? 106 VAL A CG2 1 
ATOM   473  N N   . SER A 1 68  ? 11.464  1.031   -8.925  1.00 8.77  ? 107 SER A N   1 
ATOM   474  C CA  . SER A 1 68  ? 11.541  0.693   -10.343 1.00 10.90 ? 107 SER A CA  1 
ATOM   475  C C   . SER A 1 68  ? 12.127  -0.724  -10.330 1.00 10.65 ? 107 SER A C   1 
ATOM   476  O O   . SER A 1 68  ? 13.118  -0.962  -9.600  1.00 13.16 ? 107 SER A O   1 
ATOM   477  C CB  . SER A 1 68  ? 12.336  1.611   -11.288 1.00 10.49 ? 107 SER A CB  1 
ATOM   478  O OG  . SER A 1 68  ? 13.378  1.839   -10.375 1.00 14.74 ? 107 SER A OG  1 
ATOM   479  N N   . LEU A 1 69  ? 11.504  -1.590  -11.081 1.00 9.85  ? 108 LEU A N   1 
ATOM   480  C CA  . LEU A 1 69  ? 12.003  -2.991  -11.094 1.00 11.28 ? 108 LEU A CA  1 
ATOM   481  C C   . LEU A 1 69  ? 12.874  -3.310  -12.308 1.00 13.47 ? 108 LEU A C   1 
ATOM   482  O O   . LEU A 1 69  ? 12.849  -2.573  -13.348 1.00 13.29 ? 108 LEU A O   1 
ATOM   483  C CB  . LEU A 1 69  ? 10.670  -3.811  -11.265 1.00 8.27  ? 108 LEU A CB  1 
ATOM   484  C CG  . LEU A 1 69  ? 9.694   -3.609  -10.112 1.00 9.42  ? 108 LEU A CG  1 
ATOM   485  C CD1 . LEU A 1 69  ? 8.366   -4.261  -10.463 1.00 7.08  ? 108 LEU A CD1 1 
ATOM   486  C CD2 . LEU A 1 69  ? 10.252  -4.275  -8.816  1.00 6.97  ? 108 LEU A CD2 1 
ATOM   487  N N   . THR A 1 70  ? 13.516  -4.459  -12.167 1.00 14.54 ? 109 THR A N   1 
ATOM   488  C CA  . THR A 1 70  ? 14.304  -4.955  -13.356 1.00 17.44 ? 109 THR A CA  1 
ATOM   489  C C   . THR A 1 70  ? 13.256  -5.510  -14.331 1.00 17.77 ? 109 THR A C   1 
ATOM   490  O O   . THR A 1 70  ? 12.096  -5.863  -14.061 1.00 15.05 ? 109 THR A O   1 
ATOM   491  C CB  . THR A 1 70  ? 15.428  -5.962  -13.000 1.00 17.65 ? 109 THR A CB  1 
ATOM   492  O OG1 . THR A 1 70  ? 14.720  -7.101  -12.472 1.00 18.33 ? 109 THR A OG1 1 
ATOM   493  C CG2 . THR A 1 70  ? 16.375  -5.317  -11.944 1.00 19.49 ? 109 THR A CG2 1 
ATOM   494  N N   . SER A 1 71  ? 13.660  -5.520  -15.555 1.00 19.71 ? 110 SER A N   1 
ATOM   495  C CA  . SER A 1 71  ? 12.909  -5.908  -16.752 1.00 22.17 ? 110 SER A CA  1 
ATOM   496  C C   . SER A 1 71  ? 12.477  -7.415  -16.543 1.00 21.08 ? 110 SER A C   1 
ATOM   497  O O   . SER A 1 71  ? 11.489  -7.804  -17.183 1.00 23.45 ? 110 SER A O   1 
ATOM   498  C CB  . SER A 1 71  ? 14.262  -6.326  -17.424 1.00 27.50 ? 110 SER A CB  1 
ATOM   499  O OG  . SER A 1 71  ? 14.157  -5.853  -18.722 1.00 34.22 ? 110 SER A OG  1 
ATOM   500  N N   . ALA A 1 72  ? 13.187  -8.150  -15.712 1.00 18.34 ? 111 ALA A N   1 
ATOM   501  C CA  . ALA A 1 72  ? 12.839  -9.546  -15.514 1.00 17.68 ? 111 ALA A CA  1 
ATOM   502  C C   . ALA A 1 72  ? 11.565  -9.826  -14.685 1.00 18.04 ? 111 ALA A C   1 
ATOM   503  O O   . ALA A 1 72  ? 11.108  -10.979 -14.744 1.00 16.81 ? 111 ALA A O   1 
ATOM   504  C CB  . ALA A 1 72  ? 13.882  -10.354 -14.818 1.00 18.01 ? 111 ALA A CB  1 
ATOM   505  N N   . GLN A 1 73  ? 11.074  -8.801  -13.999 1.00 14.51 ? 112 GLN A N   1 
ATOM   506  C CA  . GLN A 1 73  ? 9.876   -8.977  -13.164 1.00 11.15 ? 112 GLN A CA  1 
ATOM   507  C C   . GLN A 1 73  ? 8.653   -8.984  -14.009 1.00 9.94  ? 112 GLN A C   1 
ATOM   508  O O   . GLN A 1 73  ? 8.606   -8.384  -15.100 1.00 11.89 ? 112 GLN A O   1 
ATOM   509  C CB  . GLN A 1 73  ? 9.842   -7.790  -12.147 1.00 11.29 ? 112 GLN A CB  1 
ATOM   510  C CG  . GLN A 1 73  ? 11.183  -7.513  -11.472 1.00 9.71  ? 112 GLN A CG  1 
ATOM   511  C CD  . GLN A 1 73  ? 11.682  -8.769  -10.841 1.00 12.14 ? 112 GLN A CD  1 
ATOM   512  O OE1 . GLN A 1 73  ? 11.082  -9.679  -10.271 1.00 13.60 ? 112 GLN A OE1 1 
ATOM   513  N NE2 . GLN A 1 73  ? 12.975  -8.933  -10.956 1.00 11.62 ? 112 GLN A NE2 1 
ATOM   514  N N   . THR A 1 74  ? 7.654   -9.673  -13.564 1.00 9.31  ? 113 THR A N   1 
ATOM   515  C CA  . THR A 1 74  ? 6.326   -9.832  -14.211 1.00 9.64  ? 113 THR A CA  1 
ATOM   516  C C   . THR A 1 74  ? 5.249   -9.052  -13.434 1.00 9.74  ? 113 THR A C   1 
ATOM   517  O O   . THR A 1 74  ? 4.918   -9.468  -12.299 1.00 8.09  ? 113 THR A O   1 
ATOM   518  C CB  . THR A 1 74  ? 5.816   -11.325 -14.264 1.00 10.05 ? 113 THR A CB  1 
ATOM   519  O OG1 . THR A 1 74  ? 7.019   -11.987 -14.818 1.00 12.16 ? 113 THR A OG1 1 
ATOM   520  C CG2 . THR A 1 74  ? 4.607   -11.572 -15.123 1.00 9.18  ? 113 THR A CG2 1 
ATOM   521  N N   . LEU A 1 75  ? 4.789   -8.009  -14.114 1.00 8.15  ? 114 LEU A N   1 
ATOM   522  C CA  . LEU A 1 75  ? 3.756   -7.168  -13.463 1.00 9.09  ? 114 LEU A CA  1 
ATOM   523  C C   . LEU A 1 75  ? 2.395   -7.786  -13.644 1.00 7.86  ? 114 LEU A C   1 
ATOM   524  O O   . LEU A 1 75  ? 2.114   -8.149  -14.810 1.00 10.92 ? 114 LEU A O   1 
ATOM   525  C CB  . LEU A 1 75  ? 3.762   -5.765  -14.110 1.00 9.26  ? 114 LEU A CB  1 
ATOM   526  C CG  . LEU A 1 75  ? 5.045   -4.932  -13.994 1.00 10.48 ? 114 LEU A CG  1 
ATOM   527  C CD1 . LEU A 1 75  ? 4.705   -3.547  -14.517 1.00 11.05 ? 114 LEU A CD1 1 
ATOM   528  C CD2 . LEU A 1 75  ? 5.566   -4.878  -12.590 1.00 9.42  ? 114 LEU A CD2 1 
ATOM   529  N N   . LEU A 1 76  ? 1.597   -7.836  -12.639 1.00 7.02  ? 115 LEU A N   1 
ATOM   530  C CA  . LEU A 1 76  ? 0.226   -8.397  -12.831 1.00 7.98  ? 115 LEU A CA  1 
ATOM   531  C C   . LEU A 1 76  ? -0.793  -7.416  -12.273 1.00 6.61  ? 115 LEU A C   1 
ATOM   532  O O   . LEU A 1 76  ? -0.528  -6.733  -11.282 1.00 7.35  ? 115 LEU A O   1 
ATOM   533  C CB  . LEU A 1 76  ? 0.211   -9.805  -12.207 1.00 7.69  ? 115 LEU A CB  1 
ATOM   534  C CG  . LEU A 1 76  ? 1.247   -10.772 -12.771 1.00 8.75  ? 115 LEU A CG  1 
ATOM   535  C CD1 . LEU A 1 76  ? 1.422   -11.972 -11.834 1.00 7.79  ? 115 LEU A CD1 1 
ATOM   536  C CD2 . LEU A 1 76  ? 0.814   -11.211 -14.163 1.00 6.64  ? 115 LEU A CD2 1 
ATOM   537  N N   . PRO A 1 77  ? -1.934  -7.386  -12.912 1.00 7.41  ? 116 PRO A N   1 
ATOM   538  C CA  . PRO A 1 77  ? -3.056  -6.503  -12.526 1.00 6.71  ? 116 PRO A CA  1 
ATOM   539  C C   . PRO A 1 77  ? -3.819  -7.195  -11.412 1.00 6.63  ? 116 PRO A C   1 
ATOM   540  O O   . PRO A 1 77  ? -5.070  -7.330  -11.614 1.00 7.55  ? 116 PRO A O   1 
ATOM   541  C CB  . PRO A 1 77  ? -3.882  -6.393  -13.829 1.00 5.52  ? 116 PRO A CB  1 
ATOM   542  C CG  . PRO A 1 77  ? -3.746  -7.827  -14.423 1.00 6.76  ? 116 PRO A CG  1 
ATOM   543  C CD  . PRO A 1 77  ? -2.281  -8.223  -14.114 1.00 8.15  ? 116 PRO A CD  1 
ATOM   544  N N   . ARG A 1 78  ? -3.135  -7.629  -10.353 1.00 5.91  ? 117 ARG A N   1 
ATOM   545  C CA  . ARG A 1 78  ? -3.955  -8.401  -9.326  1.00 4.87  ? 117 ARG A CA  1 
ATOM   546  C C   . ARG A 1 78  ? -3.499  -8.081  -7.913  1.00 5.85  ? 117 ARG A C   1 
ATOM   547  O O   . ARG A 1 78  ? -2.343  -7.621  -7.694  1.00 5.90  ? 117 ARG A O   1 
ATOM   548  C CB  . ARG A 1 78  ? -3.645  -9.923  -9.492  1.00 6.91  ? 117 ARG A CB  1 
ATOM   549  C CG  . ARG A 1 78  ? -3.946  -10.467 -10.862 1.00 9.18  ? 117 ARG A CG  1 
ATOM   550  C CD  . ARG A 1 78  ? -3.947  -11.989 -11.018 1.00 9.00  ? 117 ARG A CD  1 
ATOM   551  N NE  . ARG A 1 78  ? -3.532  -12.256 -12.439 1.00 13.07 ? 117 ARG A NE  1 
ATOM   552  C CZ  . ARG A 1 78  ? -4.333  -12.039 -13.517 1.00 13.26 ? 117 ARG A CZ  1 
ATOM   553  N NH1 . ARG A 1 78  ? -5.572  -11.530 -13.433 1.00 13.59 ? 117 ARG A NH1 1 
ATOM   554  N NH2 . ARG A 1 78  ? -3.916  -12.390 -14.728 1.00 13.46 ? 117 ARG A NH2 1 
ATOM   555  N N   . VAL A 1 79  ? -4.405  -8.309  -6.967  1.00 3.70  ? 118 VAL A N   1 
ATOM   556  C CA  . VAL A 1 79  ? -4.171  -8.079  -5.540  1.00 5.12  ? 118 VAL A CA  1 
ATOM   557  C C   . VAL A 1 79  ? -4.462  -9.453  -4.895  1.00 6.90  ? 118 VAL A C   1 
ATOM   558  O O   . VAL A 1 79  ? -5.491  -10.041 -5.242  1.00 7.97  ? 118 VAL A O   1 
ATOM   559  C CB  . VAL A 1 79  ? -5.045  -6.911  -5.012  1.00 4.20  ? 118 VAL A CB  1 
ATOM   560  C CG1 . VAL A 1 79  ? -5.015  -6.845  -3.485  1.00 3.94  ? 118 VAL A CG1 1 
ATOM   561  C CG2 . VAL A 1 79  ? -4.644  -5.614  -5.692  1.00 2.64  ? 118 VAL A CG2 1 
ATOM   562  N N   . ALA A 1 80  ? -3.567  -9.880  -4.009  1.00 6.95  ? 119 ALA A N   1 
ATOM   563  C CA  . ALA A 1 80  ? -3.722  -11.197 -3.339  1.00 8.08  ? 119 ALA A CA  1 
ATOM   564  C C   . ALA A 1 80  ? -4.890  -11.170 -2.358  1.00 8.97  ? 119 ALA A C   1 
ATOM   565  O O   . ALA A 1 80  ? -5.047  -10.189 -1.597  1.00 8.61  ? 119 ALA A O   1 
ATOM   566  C CB  . ALA A 1 80  ? -2.439  -11.587 -2.548  1.00 6.23  ? 119 ALA A CB  1 
ATOM   567  N N   . ASN A 1 81  ? -5.675  -12.230 -2.336  1.00 8.84  ? 120 ASN A N   1 
ATOM   568  C CA  . ASN A 1 81  ? -6.784  -12.442 -1.436  1.00 8.49  ? 120 ASN A CA  1 
ATOM   569  C C   . ASN A 1 81  ? -6.648  -13.945 -1.047  1.00 9.06  ? 120 ASN A C   1 
ATOM   570  O O   . ASN A 1 81  ? -7.249  -14.858 -1.687  1.00 6.12  ? 120 ASN A O   1 
ATOM   571  C CB  . ASN A 1 81  ? -8.111  -12.048 -2.051  1.00 10.20 ? 120 ASN A CB  1 
ATOM   572  C CG  . ASN A 1 81  ? -9.224  -12.679 -1.201  1.00 11.94 ? 120 ASN A CG  1 
ATOM   573  O OD1 . ASN A 1 81  ? -9.076  -13.079 -0.021  1.00 11.59 ? 120 ASN A OD1 1 
ATOM   574  N ND2 . ASN A 1 81  ? -10.433 -12.766 -1.757  1.00 13.53 ? 120 ASN A ND2 1 
ATOM   575  N N   . GLY A 1 82  B -5.851  -14.184 -0.043  1.00 6.56  ? 120 GLY A N   1 
ATOM   576  C CA  . GLY A 1 82  B -5.645  -15.632 0.354   1.00 10.64 ? 120 GLY A CA  1 
ATOM   577  C C   . GLY A 1 82  B -4.883  -16.217 -0.884  1.00 13.81 ? 120 GLY A C   1 
ATOM   578  O O   . GLY A 1 82  B -3.868  -15.691 -1.450  1.00 13.47 ? 120 GLY A O   1 
ATOM   579  N N   . SER A 1 83  C -5.449  -17.316 -1.346  1.00 13.79 ? 120 SER A N   1 
ATOM   580  C CA  . SER A 1 83  C -4.902  -18.032 -2.515  1.00 16.46 ? 120 SER A CA  1 
ATOM   581  C C   . SER A 1 83  C -5.566  -17.584 -3.810  1.00 16.69 ? 120 SER A C   1 
ATOM   582  O O   . SER A 1 83  C -5.315  -18.192 -4.872  1.00 19.71 ? 120 SER A O   1 
ATOM   583  C CB  . SER A 1 83  C -5.231  -19.537 -2.474  1.00 17.22 ? 120 SER A CB  1 
ATOM   584  O OG  . SER A 1 83  C -4.553  -20.100 -1.362  1.00 22.54 ? 120 SER A OG  1 
ATOM   585  N N   . SER A 1 84  D -6.434  -16.594 -3.688  1.00 15.90 ? 120 SER A N   1 
ATOM   586  C CA  . SER A 1 84  D -7.184  -16.127 -4.884  1.00 13.70 ? 120 SER A CA  1 
ATOM   587  C C   . SER A 1 84  D -6.712  -14.749 -5.224  1.00 11.40 ? 120 SER A C   1 
ATOM   588  O O   . SER A 1 84  D -5.706  -14.333 -4.580  1.00 10.73 ? 120 SER A O   1 
ATOM   589  C CB  . SER A 1 84  D -8.605  -16.355 -4.348  1.00 16.96 ? 120 SER A CB  1 
ATOM   590  O OG  . SER A 1 84  D -9.391  -16.201 -5.489  1.00 23.53 ? 120 SER A OG  1 
ATOM   591  N N   . PHE A 1 85  ? -7.336  -14.069 -6.163  1.00 10.43 ? 121 PHE A N   1 
ATOM   592  C CA  . PHE A 1 85  ? -6.858  -12.710 -6.542  1.00 12.53 ? 121 PHE A CA  1 
ATOM   593  C C   . PHE A 1 85  ? -7.988  -11.711 -6.834  1.00 13.85 ? 121 PHE A C   1 
ATOM   594  O O   . PHE A 1 85  ? -9.023  -12.291 -7.249  1.00 15.49 ? 121 PHE A O   1 
ATOM   595  C CB  . PHE A 1 85  ? -6.209  -12.882 -7.923  1.00 10.39 ? 121 PHE A CB  1 
ATOM   596  C CG  . PHE A 1 85  ? -5.037  -13.808 -7.807  1.00 11.39 ? 121 PHE A CG  1 
ATOM   597  C CD1 . PHE A 1 85  ? -3.815  -13.347 -7.263  1.00 9.25  ? 121 PHE A CD1 1 
ATOM   598  C CD2 . PHE A 1 85  ? -5.191  -15.119 -8.259  1.00 10.62 ? 121 PHE A CD2 1 
ATOM   599  C CE1 . PHE A 1 85  ? -2.736  -14.210 -7.186  1.00 9.22  ? 121 PHE A CE1 1 
ATOM   600  C CE2 . PHE A 1 85  ? -4.099  -16.002 -8.154  1.00 9.76  ? 121 PHE A CE2 1 
ATOM   601  C CZ  . PHE A 1 85  ? -2.886  -15.530 -7.633  1.00 10.14 ? 121 PHE A CZ  1 
ATOM   602  N N   . VAL A 1 86  ? -7.763  -10.423 -6.671  1.00 10.99 ? 122 VAL A N   1 
ATOM   603  C CA  . VAL A 1 86  ? -8.795  -9.443  -7.055  1.00 9.04  ? 122 VAL A CA  1 
ATOM   604  C C   . VAL A 1 86  ? -8.141  -8.783  -8.292  1.00 7.29  ? 122 VAL A C   1 
ATOM   605  O O   . VAL A 1 86  ? -6.960  -8.332  -8.206  1.00 5.20  ? 122 VAL A O   1 
ATOM   606  C CB  . VAL A 1 86  ? -9.100  -8.411  -5.940  1.00 10.00 ? 122 VAL A CB  1 
ATOM   607  C CG1 . VAL A 1 86  ? -10.140 -7.364  -6.341  1.00 8.13  ? 122 VAL A CG1 1 
ATOM   608  C CG2 . VAL A 1 86  ? -9.501  -9.000  -4.588  1.00 10.42 ? 122 VAL A CG2 1 
ATOM   609  N N   . THR A 1 87  ? -8.867  -8.670  -9.344  1.00 6.27  ? 123 THR A N   1 
ATOM   610  C CA  . THR A 1 87  ? -8.383  -8.005  -10.552 1.00 8.82  ? 123 THR A CA  1 
ATOM   611  C C   . THR A 1 87  ? -8.421  -6.486  -10.453 1.00 9.15  ? 123 THR A C   1 
ATOM   612  O O   . THR A 1 87  ? -9.496  -6.011  -10.073 1.00 7.95  ? 123 THR A O   1 
ATOM   613  C CB  . THR A 1 87  ? -9.198  -8.393  -11.848 1.00 10.93 ? 123 THR A CB  1 
ATOM   614  O OG1 . THR A 1 87  ? -9.063  -9.847  -11.841 1.00 12.50 ? 123 THR A OG1 1 
ATOM   615  C CG2 . THR A 1 87  ? -8.532  -7.858  -13.143 1.00 9.78  ? 123 THR A CG2 1 
ATOM   616  N N   . VAL A 1 88  ? -7.306  -5.821  -10.764 1.00 8.50  ? 124 VAL A N   1 
ATOM   617  C CA  . VAL A 1 88  ? -7.329  -4.350  -10.711 1.00 7.88  ? 124 VAL A CA  1 
ATOM   618  C C   . VAL A 1 88  ? -7.945  -3.863  -12.054 1.00 9.38  ? 124 VAL A C   1 
ATOM   619  O O   . VAL A 1 88  ? -7.439  -4.186  -13.142 1.00 8.79  ? 124 VAL A O   1 
ATOM   620  C CB  . VAL A 1 88  ? -5.886  -3.873  -10.570 1.00 8.01  ? 124 VAL A CB  1 
ATOM   621  C CG1 . VAL A 1 88  ? -5.882  -2.304  -10.579 1.00 6.58  ? 124 VAL A CG1 1 
ATOM   622  C CG2 . VAL A 1 88  ? -5.292  -4.533  -9.321  1.00 5.85  ? 124 VAL A CG2 1 
ATOM   623  N N   . ARG A 1 89  ? -9.008  -3.098  -11.875 1.00 10.07 ? 125 ARG A N   1 
ATOM   624  C CA  . ARG A 1 89  ? -9.737  -2.548  -13.023 1.00 12.63 ? 125 ARG A CA  1 
ATOM   625  C C   . ARG A 1 89  ? -9.565  -1.060  -13.221 1.00 12.66 ? 125 ARG A C   1 
ATOM   626  O O   . ARG A 1 89  ? -9.892  -0.662  -14.338 1.00 14.73 ? 125 ARG A O   1 
ATOM   627  C CB  . ARG A 1 89  ? -11.271 -2.774  -12.913 1.00 14.01 ? 125 ARG A CB  1 
ATOM   628  C CG  . ARG A 1 89  ? -11.540 -4.246  -13.226 1.00 15.86 ? 125 ARG A CG  1 
ATOM   629  C CD  . ARG A 1 89  ? -11.787 -4.524  -14.660 1.00 17.54 ? 125 ARG A CD  1 
ATOM   630  N NE  . ARG A 1 89  ? -11.550 -5.909  -15.047 1.00 17.50 ? 125 ARG A NE  1 
ATOM   631  C CZ  . ARG A 1 89  ? -12.443 -6.863  -14.786 1.00 16.66 ? 125 ARG A CZ  1 
ATOM   632  N NH1 . ARG A 1 89  ? -13.493 -6.494  -14.054 1.00 16.19 ? 125 ARG A NH1 1 
ATOM   633  N NH2 . ARG A 1 89  ? -12.220 -8.060  -15.306 1.00 15.46 ? 125 ARG A NH2 1 
ATOM   634  N N   . GLY A 1 90  ? -9.114  -0.302  -12.280 1.00 11.63 ? 126 GLY A N   1 
ATOM   635  C CA  . GLY A 1 90  ? -8.908  1.145   -12.422 1.00 10.86 ? 126 GLY A CA  1 
ATOM   636  C C   . GLY A 1 90  ? -8.737  1.788   -11.048 1.00 9.95  ? 126 GLY A C   1 
ATOM   637  O O   . GLY A 1 90  ? -8.568  1.049   -10.068 1.00 9.31  ? 126 GLY A O   1 
ATOM   638  N N   . SER A 1 91  ? -8.845  3.107   -11.058 1.00 8.89  ? 127 SER A N   1 
ATOM   639  C CA  . SER A 1 91  ? -8.658  3.853   -9.817  1.00 8.63  ? 127 SER A CA  1 
ATOM   640  C C   . SER A 1 91  ? -9.715  4.875   -9.506  1.00 8.78  ? 127 SER A C   1 
ATOM   641  O O   . SER A 1 91  ? -9.352  5.952   -8.994  1.00 6.83  ? 127 SER A O   1 
ATOM   642  C CB  . SER A 1 91  ? -7.238  4.367   -9.735  1.00 10.11 ? 127 SER A CB  1 
ATOM   643  O OG  . SER A 1 91  ? -7.060  5.190   -10.880 1.00 15.24 ? 127 SER A OG  1 
ATOM   644  N N   . THR A 1 92  ? -10.991 4.478   -9.727  1.00 7.89  ? 128 THR A N   1 
ATOM   645  C CA  . THR A 1 92  ? -12.048 5.422   -9.326  1.00 8.45  ? 128 THR A CA  1 
ATOM   646  C C   . THR A 1 92  ? -12.011 5.481   -7.790  1.00 9.41  ? 128 THR A C   1 
ATOM   647  O O   . THR A 1 92  ? -12.045 4.454   -7.079  1.00 6.69  ? 128 THR A O   1 
ATOM   648  C CB  . THR A 1 92  ? -13.478 4.848   -9.634  1.00 11.30 ? 128 THR A CB  1 
ATOM   649  O OG1 . THR A 1 92  ? -13.420 4.633   -11.080 1.00 14.63 ? 128 THR A OG1 1 
ATOM   650  C CG2 . THR A 1 92  ? -14.560 5.873   -9.283  1.00 11.24 ? 128 THR A CG2 1 
ATOM   651  N N   . GLU A 1 93  ? -11.996 6.694   -7.277  1.00 9.89  ? 129 GLU A N   1 
ATOM   652  C CA  . GLU A 1 93  ? -11.946 6.864   -5.817  1.00 9.00  ? 129 GLU A CA  1 
ATOM   653  C C   . GLU A 1 93  ? -13.309 6.682   -5.205  1.00 9.68  ? 129 GLU A C   1 
ATOM   654  O O   . GLU A 1 93  ? -14.211 7.397   -5.729  1.00 11.15 ? 129 GLU A O   1 
ATOM   655  C CB  . GLU A 1 93  ? -11.344 8.237   -5.523  1.00 9.93  ? 129 GLU A CB  1 
ATOM   656  C CG  . GLU A 1 93  ? -11.146 8.415   -4.022  1.00 14.16 ? 129 GLU A CG  1 
ATOM   657  C CD  . GLU A 1 93  ? -10.310 9.672   -3.725  1.00 17.81 ? 129 GLU A CD  1 
ATOM   658  O OE1 . GLU A 1 93  ? -9.466  10.033  -4.553  1.00 18.99 ? 129 GLU A OE1 1 
ATOM   659  O OE2 . GLU A 1 93  ? -10.659 10.172  -2.595  1.00 18.81 ? 129 GLU A OE2 1 
ATOM   660  N N   . ALA A 1 94  ? -13.434 5.821   -4.186  1.00 8.10  ? 130 ALA A N   1 
ATOM   661  C CA  . ALA A 1 94  ? -14.716 5.561   -3.560  1.00 8.65  ? 130 ALA A CA  1 
ATOM   662  C C   . ALA A 1 94  ? -14.988 6.663   -2.556  1.00 9.75  ? 130 ALA A C   1 
ATOM   663  O O   . ALA A 1 94  ? -14.054 7.368   -2.078  1.00 10.91 ? 130 ALA A O   1 
ATOM   664  C CB  . ALA A 1 94  ? -14.626 4.198   -2.924  1.00 8.28  ? 130 ALA A CB  1 
ATOM   665  N N   . ALA A 1 95  ? -16.250 6.832   -2.219  1.00 8.98  ? 131 ALA A N   1 
ATOM   666  C CA  . ALA A 1 95  ? -16.660 7.885   -1.255  1.00 9.39  ? 131 ALA A CA  1 
ATOM   667  C C   . ALA A 1 95  ? -16.737 7.383   0.162   1.00 10.12 ? 131 ALA A C   1 
ATOM   668  O O   . ALA A 1 95  ? -16.664 6.141   0.350   1.00 11.09 ? 131 ALA A O   1 
ATOM   669  C CB  . ALA A 1 95  ? -18.122 8.245   -1.687  1.00 10.19 ? 131 ALA A CB  1 
ATOM   670  N N   . VAL A 1 96  ? -16.986 8.229   1.136   1.00 11.30 ? 132 VAL A N   1 
ATOM   671  C CA  . VAL A 1 96  ? -17.123 7.827   2.548   1.00 12.13 ? 132 VAL A CA  1 
ATOM   672  C C   . VAL A 1 96  ? -18.363 6.908   2.564   1.00 12.98 ? 132 VAL A C   1 
ATOM   673  O O   . VAL A 1 96  ? -19.361 7.154   1.871   1.00 13.14 ? 132 VAL A O   1 
ATOM   674  C CB  . VAL A 1 96  ? -17.129 9.020   3.521   1.00 13.94 ? 132 VAL A CB  1 
ATOM   675  C CG1 . VAL A 1 96  ? -17.421 8.690   4.989   1.00 14.62 ? 132 VAL A CG1 1 
ATOM   676  C CG2 . VAL A 1 96  ? -15.755 9.713   3.555   1.00 12.91 ? 132 VAL A CG2 1 
ATOM   677  N N   . GLY A 1 97  ? -18.215 5.866   3.347   1.00 11.57 ? 133 GLY A N   1 
ATOM   678  C CA  . GLY A 1 97  ? -19.244 4.846   3.501   1.00 10.24 ? 133 GLY A CA  1 
ATOM   679  C C   . GLY A 1 97  ? -19.011 3.679   2.517   1.00 11.96 ? 133 GLY A C   1 
ATOM   680  O O   . GLY A 1 97  ? -19.687 2.660   2.804   1.00 14.52 ? 133 GLY A O   1 
ATOM   681  N N   . ALA A 1 98  ? -18.210 3.749   1.484   1.00 9.20  ? 134 ALA A N   1 
ATOM   682  C CA  . ALA A 1 98  ? -18.084 2.589   0.583   1.00 8.64  ? 134 ALA A CA  1 
ATOM   683  C C   . ALA A 1 98  ? -17.327 1.501   1.309   1.00 9.74  ? 134 ALA A C   1 
ATOM   684  O O   . ALA A 1 98  ? -16.555 1.792   2.207   1.00 10.20 ? 134 ALA A O   1 
ATOM   685  C CB  . ALA A 1 98  ? -17.293 2.942   -0.654  1.00 9.23  ? 134 ALA A CB  1 
ATOM   686  N N   . ALA A 1 99  ? -17.548 0.277   0.891   1.00 9.46  ? 135 ALA A N   1 
ATOM   687  C CA  . ALA A 1 99  ? -16.852 -0.880  1.476   1.00 9.76  ? 135 ALA A CA  1 
ATOM   688  C C   . ALA A 1 99  ? -15.499 -0.905  0.787   1.00 9.71  ? 135 ALA A C   1 
ATOM   689  O O   . ALA A 1 99  ? -15.487 -0.543  -0.409  1.00 10.70 ? 135 ALA A O   1 
ATOM   690  C CB  . ALA A 1 99  ? -17.553 -2.172  1.039   1.00 10.29 ? 135 ALA A CB  1 
ATOM   691  N N   . VAL A 1 100 ? -14.474 -1.358  1.481   1.00 10.08 ? 136 VAL A N   1 
ATOM   692  C CA  . VAL A 1 100 ? -13.145 -1.471  0.828   1.00 7.99  ? 136 VAL A CA  1 
ATOM   693  C C   . VAL A 1 100 ? -12.376 -2.604  1.529   1.00 10.03 ? 136 VAL A C   1 
ATOM   694  O O   . VAL A 1 100 ? -12.713 -2.873  2.699   1.00 9.30  ? 136 VAL A O   1 
ATOM   695  C CB  . VAL A 1 100 ? -12.581 -0.058  0.975   1.00 8.91  ? 136 VAL A CB  1 
ATOM   696  C CG1 . VAL A 1 100 ? -12.194 0.210   2.443   1.00 9.48  ? 136 VAL A CG1 1 
ATOM   697  C CG2 . VAL A 1 100 ? -11.312 0.010   0.165   1.00 12.04 ? 136 VAL A CG2 1 
ATOM   698  N N   . CYS A 1 101 ? -11.425 -3.205  0.815   1.00 8.12  ? 137 CYS A N   1 
ATOM   699  C CA  . CYS A 1 101 ? -10.581 -4.252  1.398   1.00 8.90  ? 137 CYS A CA  1 
ATOM   700  C C   . CYS A 1 101 ? -9.127  -3.765  1.215   1.00 9.04  ? 137 CYS A C   1 
ATOM   701  O O   . CYS A 1 101 ? -8.829  -2.870  0.361   1.00 8.62  ? 137 CYS A O   1 
ATOM   702  C CB  . CYS A 1 101 ? -10.773 -5.621  0.784   1.00 7.64  ? 137 CYS A CB  1 
ATOM   703  S SG  . CYS A 1 101 ? -12.577 -6.069  0.847   1.00 10.99 ? 137 CYS A SG  1 
ATOM   704  N N   . ARG A 1 102 ? -8.257  -4.412  1.964   1.00 7.18  ? 138 ARG A N   1 
ATOM   705  C CA  . ARG A 1 102 ? -6.798  -4.090  1.902   1.00 6.26  ? 138 ARG A CA  1 
ATOM   706  C C   . ARG A 1 102 ? -6.065  -5.464  1.959   1.00 7.96  ? 138 ARG A C   1 
ATOM   707  O O   . ARG A 1 102 ? -6.651  -6.424  2.578   1.00 7.66  ? 138 ARG A O   1 
ATOM   708  C CB  . ARG A 1 102 ? -6.393  -3.152  3.040   1.00 4.47  ? 138 ARG A CB  1 
ATOM   709  C CG  . ARG A 1 102 ? -6.801  -3.574  4.439   1.00 5.09  ? 138 ARG A CG  1 
ATOM   710  C CD  . ARG A 1 102 ? -5.702  -3.188  5.458   1.00 3.81  ? 138 ARG A CD  1 
ATOM   711  N NE  . ARG A 1 102 ? -4.480  -3.896  5.180   1.00 2.00  ? 138 ARG A NE  1 
ATOM   712  C CZ  . ARG A 1 102 ? -4.317  -5.190  5.516   1.00 3.04  ? 138 ARG A CZ  1 
ATOM   713  N NH1 . ARG A 1 102 ? -5.210  -5.810  6.330   1.00 2.36  ? 138 ARG A NH1 1 
ATOM   714  N NH2 . ARG A 1 102 ? -3.278  -5.881  4.973   1.00 2.02  ? 138 ARG A NH2 1 
ATOM   715  N N   . SER A 1 103 ? -4.879  -5.542  1.388   1.00 5.06  ? 139 SER A N   1 
ATOM   716  C CA  . SER A 1 103 ? -4.139  -6.816  1.412   1.00 5.06  ? 139 SER A CA  1 
ATOM   717  C C   . SER A 1 103 ? -2.680  -6.505  1.814   1.00 7.14  ? 139 SER A C   1 
ATOM   718  O O   . SER A 1 103 ? -2.129  -5.443  1.371   1.00 7.18  ? 139 SER A O   1 
ATOM   719  C CB  . SER A 1 103 ? -4.338  -7.258  -0.023  1.00 5.23  ? 139 SER A CB  1 
ATOM   720  O OG  . SER A 1 103 ? -3.529  -8.404  -0.224  1.00 5.83  ? 139 SER A OG  1 
ATOM   721  N N   . GLY A 1 104 ? -2.118  -7.386  2.659   1.00 5.93  ? 140 GLY A N   1 
ATOM   722  C CA  . GLY A 1 104 ? -0.671  -7.097  3.062   1.00 6.60  ? 140 GLY A CA  1 
ATOM   723  C C   . GLY A 1 104 ? -0.124  -8.405  3.685   1.00 6.38  ? 140 GLY A C   1 
ATOM   724  O O   . GLY A 1 104 ? -0.896  -9.319  4.034   1.00 5.99  ? 140 GLY A O   1 
ATOM   725  N N   . ARG A 1 105 ? 1.165   -8.428  3.854   1.00 6.64  ? 141 ARG A N   1 
ATOM   726  C CA  . ARG A 1 105 ? 1.832   -9.635  4.330   1.00 7.67  ? 141 ARG A CA  1 
ATOM   727  C C   . ARG A 1 105 ? 1.536   -10.003 5.769   1.00 8.86  ? 141 ARG A C   1 
ATOM   728  O O   . ARG A 1 105 ? 1.891   -11.121 6.112   1.00 7.76  ? 141 ARG A O   1 
ATOM   729  C CB  . ARG A 1 105 ? 3.324   -9.529  4.016   1.00 8.01  ? 141 ARG A CB  1 
ATOM   730  C CG  . ARG A 1 105 ? 4.122   -8.327  4.528   1.00 7.76  ? 141 ARG A CG  1 
ATOM   731  C CD  . ARG A 1 105 ? 4.420   -8.505  5.996   1.00 9.09  ? 141 ARG A CD  1 
ATOM   732  N NE  . ARG A 1 105 ? 5.161   -9.771  6.068   1.00 11.36 ? 141 ARG A NE  1 
ATOM   733  C CZ  . ARG A 1 105 ? 5.231   -10.437 7.232   1.00 12.83 ? 141 ARG A CZ  1 
ATOM   734  N NH1 . ARG A 1 105 ? 4.557   -9.965  8.274   1.00 13.20 ? 141 ARG A NH1 1 
ATOM   735  N NH2 . ARG A 1 105 ? 6.003   -11.519 7.342   1.00 13.49 ? 141 ARG A NH2 1 
ATOM   736  N N   . THR A 1 106 ? 1.004   -9.154  6.617   1.00 10.04 ? 142 THR A N   1 
ATOM   737  C CA  . THR A 1 106 ? 0.844   -9.474  8.055   1.00 10.66 ? 142 THR A CA  1 
ATOM   738  C C   . THR A 1 106 ? -0.571  -9.929  8.341   1.00 11.45 ? 142 THR A C   1 
ATOM   739  O O   . THR A 1 106 ? -0.645  -11.086 8.817   1.00 11.92 ? 142 THR A O   1 
ATOM   740  C CB  . THR A 1 106 ? 1.331   -8.251  8.931   1.00 10.27 ? 142 THR A CB  1 
ATOM   741  O OG1 . THR A 1 106 ? 2.753   -8.024  8.717   1.00 10.31 ? 142 THR A OG1 1 
ATOM   742  C CG2 . THR A 1 106 ? 0.942   -8.444  10.395  1.00 13.11 ? 142 THR A CG2 1 
ATOM   743  N N   . THR A 1 107 ? -1.596  -9.165  8.059   1.00 10.55 ? 143 THR A N   1 
ATOM   744  C CA  . THR A 1 107 ? -2.956  -9.663  8.352   1.00 9.80  ? 143 THR A CA  1 
ATOM   745  C C   . THR A 1 107 ? -3.651  -10.219 7.143   1.00 9.08  ? 143 THR A C   1 
ATOM   746  O O   . THR A 1 107 ? -4.850  -10.493 7.318   1.00 10.43 ? 143 THR A O   1 
ATOM   747  C CB  . THR A 1 107 ? -3.791  -8.499  9.028   1.00 11.26 ? 143 THR A CB  1 
ATOM   748  O OG1 . THR A 1 107 ? -3.875  -7.455  8.003   1.00 9.98  ? 143 THR A OG1 1 
ATOM   749  C CG2 . THR A 1 107 ? -3.081  -7.902  10.263  1.00 12.22 ? 143 THR A CG2 1 
ATOM   750  N N   . GLY A 1 108 ? -3.065  -10.337 5.982   1.00 8.82  ? 156 GLY A N   1 
ATOM   751  C CA  . GLY A 1 108 ? -3.791  -10.882 4.840   1.00 8.44  ? 156 GLY A CA  1 
ATOM   752  C C   . GLY A 1 108 ? -4.804  -9.893  4.297   1.00 10.54 ? 156 GLY A C   1 
ATOM   753  O O   . GLY A 1 108 ? -4.467  -8.711  4.260   1.00 11.65 ? 156 GLY A O   1 
ATOM   754  N N   . TYR A 1 109 ? -5.961  -10.322 3.861   1.00 9.71  ? 157 TYR A N   1 
ATOM   755  C CA  . TYR A 1 109 ? -6.956  -9.500  3.158   1.00 9.56  ? 157 TYR A CA  1 
ATOM   756  C C   . TYR A 1 109 ? -8.054  -9.196  4.133   1.00 9.40  ? 157 TYR A C   1 
ATOM   757  O O   . TYR A 1 109 ? -8.569  -10.188 4.600   1.00 9.08  ? 157 TYR A O   1 
ATOM   758  C CB  . TYR A 1 109 ? -7.349  -10.338 1.926   1.00 9.65  ? 157 TYR A CB  1 
ATOM   759  C CG  . TYR A 1 109 ? -8.282  -9.641  0.952   1.00 9.34  ? 157 TYR A CG  1 
ATOM   760  C CD1 . TYR A 1 109 ? -7.764  -8.794  -0.024  1.00 9.18  ? 157 TYR A CD1 1 
ATOM   761  C CD2 . TYR A 1 109 ? -9.679  -9.838  1.054   1.00 9.37  ? 157 TYR A CD2 1 
ATOM   762  C CE1 . TYR A 1 109 ? -8.596  -8.144  -0.908  1.00 9.91  ? 157 TYR A CE1 1 
ATOM   763  C CE2 . TYR A 1 109 ? -10.528 -9.199  0.148   1.00 10.13 ? 157 TYR A CE2 1 
ATOM   764  C CZ  . TYR A 1 109 ? -9.980  -8.379  -0.828  1.00 10.14 ? 157 TYR A CZ  1 
ATOM   765  O OH  . TYR A 1 109 ? -10.730 -7.736  -1.765  1.00 11.26 ? 157 TYR A OH  1 
ATOM   766  N N   . GLN A 1 110 ? -8.269  -7.951  4.418   1.00 8.50  ? 158 GLN A N   1 
ATOM   767  C CA  . GLN A 1 110 ? -9.291  -7.557  5.442   1.00 9.27  ? 158 GLN A CA  1 
ATOM   768  C C   . GLN A 1 110 ? -10.192 -6.498  4.803   1.00 9.50  ? 158 GLN A C   1 
ATOM   769  O O   . GLN A 1 110 ? -9.603  -5.741  3.995   1.00 8.88  ? 158 GLN A O   1 
ATOM   770  C CB  . GLN A 1 110 ? -8.650  -6.955  6.687   1.00 9.00  ? 158 GLN A CB  1 
ATOM   771  C CG  . GLN A 1 110 ? -7.573  -7.793  7.380   1.00 10.66 ? 158 GLN A CG  1 
ATOM   772  C CD  . GLN A 1 110 ? -8.239  -9.001  7.983   1.00 14.28 ? 158 GLN A CD  1 
ATOM   773  O OE1 . GLN A 1 110 ? -9.372  -8.909  8.432   1.00 13.63 ? 158 GLN A OE1 1 
ATOM   774  N NE2 . GLN A 1 110 ? -7.522  -10.122 7.994   1.00 16.06 ? 158 GLN A NE2 1 
ATOM   775  N N   . CYS A 1 111 ? -11.471 -6.491  5.164   1.00 7.85  ? 159 CYS A N   1 
ATOM   776  C CA  . CYS A 1 111 ? -12.387 -5.507  4.557   1.00 9.03  ? 159 CYS A CA  1 
ATOM   777  C C   . CYS A 1 111 ? -13.096 -4.669  5.602   1.00 9.05  ? 159 CYS A C   1 
ATOM   778  O O   . CYS A 1 111 ? -13.078 -5.071  6.770   1.00 9.64  ? 159 CYS A O   1 
ATOM   779  C CB  . CYS A 1 111 ? -13.421 -6.246  3.705   1.00 10.53 ? 159 CYS A CB  1 
ATOM   780  S SG  . CYS A 1 111 ? -12.652 -7.326  2.432   1.00 12.08 ? 159 CYS A SG  1 
ATOM   781  N N   . GLY A 1 112 ? -13.661 -3.547  5.226   1.00 7.01  ? 160 GLY A N   1 
ATOM   782  C CA  . GLY A 1 112 ? -14.335 -2.654  6.192   1.00 6.43  ? 160 GLY A CA  1 
ATOM   783  C C   . GLY A 1 112 ? -14.918 -1.525  5.303   1.00 7.99  ? 160 GLY A C   1 
ATOM   784  O O   . GLY A 1 112 ? -15.232 -1.790  4.097   1.00 8.07  ? 160 GLY A O   1 
ATOM   785  N N   . THR A 1 113 ? -15.037 -0.344  5.917   1.00 8.35  ? 161 THR A N   1 
ATOM   786  C CA  . THR A 1 113 ? -15.598 0.752   5.071   1.00 10.58 ? 161 THR A CA  1 
ATOM   787  C C   . THR A 1 113 ? -14.699 1.964   5.331   1.00 10.09 ? 161 THR A C   1 
ATOM   788  O O   . THR A 1 113 ? -13.950 1.980   6.309   1.00 8.93  ? 161 THR A O   1 
ATOM   789  C CB  . THR A 1 113 ? -17.130 0.933   5.394   1.00 13.61 ? 161 THR A CB  1 
ATOM   790  O OG1 . THR A 1 113 ? -17.002 1.599   6.652   1.00 16.04 ? 161 THR A OG1 1 
ATOM   791  C CG2 . THR A 1 113 ? -17.956 -0.293  5.759   1.00 12.14 ? 161 THR A CG2 1 
ATOM   792  N N   . ILE A 1 114 ? -14.793 2.865   4.383   1.00 8.57  ? 162 ILE A N   1 
ATOM   793  C CA  . ILE A 1 114 ? -14.074 4.143   4.465   1.00 8.94  ? 162 ILE A CA  1 
ATOM   794  C C   . ILE A 1 114 ? -14.907 5.000   5.429   1.00 11.14 ? 162 ILE A C   1 
ATOM   795  O O   . ILE A 1 114 ? -16.148 5.092   5.277   1.00 11.51 ? 162 ILE A O   1 
ATOM   796  C CB  . ILE A 1 114 ? -14.080 4.798   3.035   1.00 10.22 ? 162 ILE A CB  1 
ATOM   797  C CG1 . ILE A 1 114 ? -13.229 3.858   2.108   1.00 10.61 ? 162 ILE A CG1 1 
ATOM   798  C CG2 . ILE A 1 114 ? -13.621 6.268   3.131   1.00 7.41  ? 162 ILE A CG2 1 
ATOM   799  C CD1 . ILE A 1 114 ? -13.111 4.358   0.640   1.00 14.67 ? 162 ILE A CD1 1 
ATOM   800  N N   . THR A 1 115 ? -14.275 5.615   6.378   1.00 11.65 ? 163 THR A N   1 
ATOM   801  C CA  . THR A 1 115 ? -14.972 6.385   7.394   1.00 13.63 ? 163 THR A CA  1 
ATOM   802  C C   . THR A 1 115 ? -14.699 7.864   7.368   1.00 14.48 ? 163 THR A C   1 
ATOM   803  O O   . THR A 1 115 ? -15.516 8.566   8.026   1.00 15.72 ? 163 THR A O   1 
ATOM   804  C CB  . THR A 1 115 ? -14.589 5.738   8.827   1.00 14.87 ? 163 THR A CB  1 
ATOM   805  O OG1 . THR A 1 115 ? -13.142 5.649   9.019   1.00 14.31 ? 163 THR A OG1 1 
ATOM   806  C CG2 . THR A 1 115 ? -15.196 4.333   8.954   1.00 14.67 ? 163 THR A CG2 1 
ATOM   807  N N   . ALA A 1 116 ? -13.602 8.208   6.735   1.00 12.52 ? 164 ALA A N   1 
ATOM   808  C CA  . ALA A 1 116 ? -13.228 9.639   6.706   1.00 13.15 ? 164 ALA A CA  1 
ATOM   809  C C   . ALA A 1 116 ? -12.100 9.865   5.706   1.00 13.23 ? 164 ALA A C   1 
ATOM   810  O O   . ALA A 1 116 ? -11.364 8.910   5.406   1.00 14.29 ? 164 ALA A O   1 
ATOM   811  C CB  . ALA A 1 116 ? -12.745 10.057  8.094   1.00 13.39 ? 164 ALA A CB  1 
ATOM   812  N N   . LYS A 1 117 ? -12.013 11.076  5.180   1.00 11.74 ? 165 LYS A N   1 
ATOM   813  C CA  . LYS A 1 117 ? -10.983 11.427  4.228   1.00 11.62 ? 165 LYS A CA  1 
ATOM   814  C C   . LYS A 1 117 ? -10.240 12.635  4.800   1.00 14.11 ? 165 LYS A C   1 
ATOM   815  O O   . LYS A 1 117 ? -10.814 13.279  5.723   1.00 12.66 ? 165 LYS A O   1 
ATOM   816  C CB  . LYS A 1 117 ? -11.736 11.855  2.944   1.00 11.66 ? 165 LYS A CB  1 
ATOM   817  C CG  . LYS A 1 117 ? -12.206 10.613  2.210   1.00 12.57 ? 165 LYS A CG  1 
ATOM   818  C CD  . LYS A 1 117 ? -12.444 10.788  0.720   1.00 12.85 ? 165 LYS A CD  1 
ATOM   819  C CE  . LYS A 1 117 ? -13.091 9.541   0.116   1.00 11.82 ? 165 LYS A CE  1 
ATOM   820  N NZ  . LYS A 1 117 ? -13.293 9.848   -1.338  1.00 14.74 ? 165 LYS A NZ  1 
ATOM   821  N N   . ASN A 1 118 ? -9.072  12.923  4.234   1.00 14.85 ? 166 ASN A N   1 
ATOM   822  C CA  . ASN A 1 118 ? -8.275  14.075  4.650   1.00 16.95 ? 166 ASN A CA  1 
ATOM   823  C C   . ASN A 1 118 ? -7.913  14.052  6.124   1.00 16.12 ? 166 ASN A C   1 
ATOM   824  O O   . ASN A 1 118 ? -8.002  15.113  6.798   1.00 16.34 ? 166 ASN A O   1 
ATOM   825  C CB  . ASN A 1 118 ? -9.026  15.355  4.282   1.00 21.86 ? 166 ASN A CB  1 
ATOM   826  C CG  . ASN A 1 118 ? -8.016  16.452  4.061   1.00 27.99 ? 166 ASN A CG  1 
ATOM   827  O OD1 . ASN A 1 118 ? -8.285  17.656  4.398   1.00 33.16 ? 166 ASN A OD1 1 
ATOM   828  N ND2 . ASN A 1 118 ? -6.829  16.251  3.513   1.00 28.90 ? 166 ASN A ND2 1 
ATOM   829  N N   . VAL A 1 119 ? -7.532  12.886  6.600   1.00 13.05 ? 167 VAL A N   1 
ATOM   830  C CA  . VAL A 1 119 ? -7.111  12.767  8.003   1.00 13.02 ? 167 VAL A CA  1 
ATOM   831  C C   . VAL A 1 119 ? -5.596  13.027  8.095   1.00 13.98 ? 167 VAL A C   1 
ATOM   832  O O   . VAL A 1 119 ? -4.837  12.699  7.147   1.00 14.13 ? 167 VAL A O   1 
ATOM   833  C CB  . VAL A 1 119 ? -7.489  11.367  8.489   1.00 13.51 ? 167 VAL A CB  1 
ATOM   834  C CG1 . VAL A 1 119 ? -6.926  11.008  9.848   1.00 12.23 ? 167 VAL A CG1 1 
ATOM   835  C CG2 . VAL A 1 119 ? -9.021  11.261  8.383   1.00 13.10 ? 167 VAL A CG2 1 
ATOM   836  N N   . THR A 1 120 ? -5.193  13.601  9.222   1.00 13.69 ? 168 THR A N   1 
ATOM   837  C CA  . THR A 1 120 ? -3.779  13.833  9.561   1.00 15.50 ? 168 THR A CA  1 
ATOM   838  C C   . THR A 1 120 ? -3.314  12.789  10.607  1.00 15.85 ? 168 THR A C   1 
ATOM   839  O O   . THR A 1 120 ? -3.930  12.604  11.679  1.00 16.45 ? 168 THR A O   1 
ATOM   840  C CB  . THR A 1 120 ? -3.383  15.255  10.195  1.00 15.45 ? 168 THR A CB  1 
ATOM   841  O OG1 . THR A 1 120 ? -3.647  16.130  9.072   1.00 16.22 ? 168 THR A OG1 1 
ATOM   842  C CG2 . THR A 1 120 ? -1.849  15.389  10.469  1.00 14.35 ? 168 THR A CG2 1 
ATOM   843  N N   . ALA A 1 121 ? -2.200  12.113  10.305  1.00 16.24 ? 169 ALA A N   1 
ATOM   844  C CA  . ALA A 1 121 ? -1.649  11.122  11.273  1.00 15.72 ? 169 ALA A CA  1 
ATOM   845  C C   . ALA A 1 121 ? -0.413  11.917  11.743  1.00 16.23 ? 169 ALA A C   1 
ATOM   846  O O   . ALA A 1 121 ? 0.347   12.524  10.952  1.00 16.46 ? 169 ALA A O   1 
ATOM   847  C CB  . ALA A 1 121 ? -1.198  9.808   10.635  1.00 14.60 ? 169 ALA A CB  1 
ATOM   848  N N   . ASN A 1 122 ? -0.224  11.912  13.026  1.00 17.26 ? 170 ASN A N   1 
ATOM   849  C CA  . ASN A 1 122 ? 0.925   12.565  13.677  1.00 18.57 ? 170 ASN A CA  1 
ATOM   850  C C   . ASN A 1 122 ? 1.928   11.475  14.002  1.00 17.00 ? 170 ASN A C   1 
ATOM   851  O O   . ASN A 1 122 ? 1.856   10.987  15.137  1.00 19.93 ? 170 ASN A O   1 
ATOM   852  C CB  . ASN A 1 122 ? 0.520   13.315  14.952  1.00 21.84 ? 170 ASN A CB  1 
ATOM   853  C CG  . ASN A 1 122 ? -0.178  14.600  14.462  1.00 24.73 ? 170 ASN A CG  1 
ATOM   854  O OD1 . ASN A 1 122 ? 0.316   15.464  13.707  1.00 27.46 ? 170 ASN A OD1 1 
ATOM   855  N ND2 . ASN A 1 122 ? -1.428  14.741  14.873  1.00 24.88 ? 170 ASN A ND2 1 
ATOM   856  N N   . TYR A 1 123 ? 2.751   11.117  13.055  1.00 15.90 ? 171 TYR A N   1 
ATOM   857  C CA  . TYR A 1 123 ? 3.762   10.056  13.278  1.00 14.84 ? 171 TYR A CA  1 
ATOM   858  C C   . TYR A 1 123 ? 4.986   10.702  13.978  1.00 16.35 ? 171 TYR A C   1 
ATOM   859  O O   . TYR A 1 123 ? 5.168   11.948  13.895  1.00 15.78 ? 171 TYR A O   1 
ATOM   860  C CB  . TYR A 1 123 ? 4.096   9.370   11.970  1.00 12.82 ? 171 TYR A CB  1 
ATOM   861  C CG  . TYR A 1 123 ? 3.025   8.619   11.226  1.00 11.57 ? 171 TYR A CG  1 
ATOM   862  C CD1 . TYR A 1 123 ? 2.012   7.896   11.852  1.00 9.74  ? 171 TYR A CD1 1 
ATOM   863  C CD2 . TYR A 1 123 ? 3.048   8.661   9.838   1.00 12.23 ? 171 TYR A CD2 1 
ATOM   864  C CE1 . TYR A 1 123 ? 1.076   7.185   11.109  1.00 12.07 ? 171 TYR A CE1 1 
ATOM   865  C CE2 . TYR A 1 123 ? 2.075   7.975   9.063   1.00 12.12 ? 171 TYR A CE2 1 
ATOM   866  C CZ  . TYR A 1 123 ? 1.125   7.202   9.710   1.00 11.45 ? 171 TYR A CZ  1 
ATOM   867  O OH  . TYR A 1 123 ? 0.227   6.487   8.988   1.00 12.50 ? 171 TYR A OH  1 
ATOM   868  N N   . ALA A 1 124 ? 5.753   9.828   14.653  1.00 14.18 ? 172 ALA A N   1 
ATOM   869  C CA  . ALA A 1 124 ? 6.946   10.359  15.345  1.00 14.35 ? 172 ALA A CA  1 
ATOM   870  C C   . ALA A 1 124 ? 7.800   11.197  14.411  1.00 13.78 ? 172 ALA A C   1 
ATOM   871  O O   . ALA A 1 124 ? 8.420   12.181  14.846  1.00 15.28 ? 172 ALA A O   1 
ATOM   872  C CB  . ALA A 1 124 ? 7.760   9.215   15.934  1.00 12.77 ? 172 ALA A CB  1 
ATOM   873  N N   . GLU A 1 125 ? 7.888   10.829  13.128  1.00 13.74 ? 174 GLU A N   1 
ATOM   874  C CA  . GLU A 1 125 ? 8.709   11.562  12.182  1.00 12.78 ? 174 GLU A CA  1 
ATOM   875  C C   . GLU A 1 125 ? 8.195   12.919  11.721  1.00 11.90 ? 174 GLU A C   1 
ATOM   876  O O   . GLU A 1 125 ? 8.953   13.742  11.208  1.00 11.03 ? 174 GLU A O   1 
ATOM   877  C CB  . GLU A 1 125 ? 8.695   10.746  10.868  1.00 15.17 ? 174 GLU A CB  1 
ATOM   878  C CG  . GLU A 1 125 ? 9.505   9.465   11.042  1.00 16.22 ? 174 GLU A CG  1 
ATOM   879  C CD  . GLU A 1 125 ? 8.640   8.322   11.462  1.00 16.90 ? 174 GLU A CD  1 
ATOM   880  O OE1 . GLU A 1 125 ? 7.517   8.432   11.889  1.00 15.16 ? 174 GLU A OE1 1 
ATOM   881  O OE2 . GLU A 1 125 ? 9.340   7.284   11.288  1.00 20.12 ? 174 GLU A OE2 1 
ATOM   882  N N   . GLY A 1 126 ? 6.907   13.074  11.825  1.00 10.96 ? 175 GLY A N   1 
ATOM   883  C CA  . GLY A 1 126 ? 6.260   14.311  11.314  1.00 11.18 ? 175 GLY A CA  1 
ATOM   884  C C   . GLY A 1 126 ? 4.870   13.904  10.887  1.00 11.48 ? 175 GLY A C   1 
ATOM   885  O O   . GLY A 1 126 ? 4.533   12.714  10.796  1.00 12.95 ? 175 GLY A O   1 
ATOM   886  N N   . ALA A 1 127 ? 4.032   14.903  10.695  1.00 11.62 ? 176 ALA A N   1 
ATOM   887  C CA  . ALA A 1 127 ? 2.634   14.742  10.280  1.00 12.93 ? 176 ALA A CA  1 
ATOM   888  C C   . ALA A 1 127 ? 2.596   14.264  8.798   1.00 9.31  ? 176 ALA A C   1 
ATOM   889  O O   . ALA A 1 127 ? 3.460   14.648  8.047   1.00 6.86  ? 176 ALA A O   1 
ATOM   890  C CB  . ALA A 1 127 ? 1.918   16.113  10.361  1.00 13.68 ? 176 ALA A CB  1 
ATOM   891  N N   . VAL A 1 128 ? 1.590   13.483  8.524   1.00 7.76  ? 177 VAL A N   1 
ATOM   892  C CA  . VAL A 1 128 ? 1.236   12.978  7.225   1.00 9.13  ? 177 VAL A CA  1 
ATOM   893  C C   . VAL A 1 128 ? -0.232  13.463  7.061   1.00 10.86 ? 177 VAL A C   1 
ATOM   894  O O   . VAL A 1 128 ? -1.113  13.128  7.893   1.00 11.14 ? 177 VAL A O   1 
ATOM   895  C CB  . VAL A 1 128 ? 1.460   11.515  6.856   1.00 9.22  ? 177 VAL A CB  1 
ATOM   896  C CG1 . VAL A 1 128 ? 0.925   11.153  5.468   1.00 6.18  ? 177 VAL A CG1 1 
ATOM   897  C CG2 . VAL A 1 128 ? 2.955   11.228  6.948   1.00 6.71  ? 177 VAL A CG2 1 
ATOM   898  N N   . ARG A 1 129 ? -0.401  14.272  6.003   1.00 11.45 ? 178 ARG A N   1 
ATOM   899  C CA  . ARG A 1 129 ? -1.773  14.807  5.859   1.00 11.96 ? 178 ARG A CA  1 
ATOM   900  C C   . ARG A 1 129 ? -2.551  14.222  4.722   1.00 11.83 ? 178 ARG A C   1 
ATOM   901  O O   . ARG A 1 129 ? -1.863  13.615  3.908   1.00 11.42 ? 178 ARG A O   1 
ATOM   902  C CB  . ARG A 1 129 ? -1.562  16.306  5.496   1.00 17.28 ? 178 ARG A CB  1 
ATOM   903  C CG  . ARG A 1 129 ? -0.969  17.049  6.686   1.00 24.84 ? 178 ARG A CG  1 
ATOM   904  C CD  . ARG A 1 129 ? -1.177  18.558  6.613   1.00 31.80 ? 178 ARG A CD  1 
ATOM   905  N NE  . ARG A 1 129 ? -1.440  18.969  8.020   1.00 38.52 ? 178 ARG A NE  1 
ATOM   906  C CZ  . ARG A 1 129 ? -0.392  19.189  8.888   1.00 42.09 ? 178 ARG A CZ  1 
ATOM   907  N NH1 . ARG A 1 129 ? 0.901   19.267  8.456   1.00 44.17 ? 178 ARG A NH1 1 
ATOM   908  N NH2 . ARG A 1 129 ? -0.589  19.266  10.229  1.00 42.78 ? 178 ARG A NH2 1 
ATOM   909  N N   . GLY A 1 130 ? -3.892  14.457  4.678   1.00 11.31 ? 179 GLY A N   1 
ATOM   910  C CA  . GLY A 1 130 ? -4.641  13.983  3.501   1.00 9.04  ? 179 GLY A CA  1 
ATOM   911  C C   . GLY A 1 130 ? -4.889  12.483  3.429   1.00 9.99  ? 179 GLY A C   1 
ATOM   912  O O   . GLY A 1 130 ? -5.291  12.066  2.314   1.00 8.87  ? 179 GLY A O   1 
ATOM   913  N N   . LEU A 1 131 ? -4.734  11.789  4.556   1.00 7.88  ? 180 LEU A N   1 
ATOM   914  C CA  . LEU A 1 131 ? -4.989  10.317  4.464   1.00 6.96  ? 180 LEU A CA  1 
ATOM   915  C C   . LEU A 1 131 ? -6.472  9.975   4.502   1.00 7.53  ? 180 LEU A C   1 
ATOM   916  O O   . LEU A 1 131 ? -7.238  10.808  5.036   1.00 6.34  ? 180 LEU A O   1 
ATOM   917  C CB  . LEU A 1 131 ? -4.199  9.685   5.617   1.00 6.85  ? 180 LEU A CB  1 
ATOM   918  C CG  . LEU A 1 131 ? -2.675  9.914   5.567   1.00 7.58  ? 180 LEU A CG  1 
ATOM   919  C CD1 . LEU A 1 131 ? -2.096  9.400   6.912   1.00 7.28  ? 180 LEU A CD1 1 
ATOM   920  C CD2 . LEU A 1 131 ? -2.038  9.055   4.445   1.00 6.22  ? 180 LEU A CD2 1 
ATOM   921  N N   . THR A 1 132 ? -6.815  8.821   3.956   1.00 5.96  ? 181 THR A N   1 
ATOM   922  C CA  . THR A 1 132 ? -8.236  8.382   3.975   1.00 8.10  ? 181 THR A CA  1 
ATOM   923  C C   . THR A 1 132 ? -8.251  7.302   5.092   1.00 11.04 ? 181 THR A C   1 
ATOM   924  O O   . THR A 1 132 ? -7.228  6.561   5.281   1.00 9.12  ? 181 THR A O   1 
ATOM   925  C CB  . THR A 1 132 ? -8.776  7.768   2.636   1.00 7.60  ? 181 THR A CB  1 
ATOM   926  O OG1 . THR A 1 132 ? -8.669  8.886   1.733   1.00 11.04 ? 181 THR A OG1 1 
ATOM   927  C CG2 . THR A 1 132 ? -10.185 7.198   2.716   1.00 7.11  ? 181 THR A CG2 1 
ATOM   928  N N   . GLN A 1 133 ? -9.347  7.290   5.867   1.00 10.50 ? 182 GLN A N   1 
ATOM   929  C CA  . GLN A 1 133 ? -9.441  6.326   6.982   1.00 9.71  ? 182 GLN A CA  1 
ATOM   930  C C   . GLN A 1 133 ? -10.521 5.270   6.700   1.00 10.32 ? 182 GLN A C   1 
ATOM   931  O O   . GLN A 1 133 ? -11.619 5.651   6.226   1.00 9.86  ? 182 GLN A O   1 
ATOM   932  C CB  . GLN A 1 133 ? -9.716  7.106   8.281   1.00 12.23 ? 182 GLN A CB  1 
ATOM   933  C CG  . GLN A 1 133 ? -10.020 6.138   9.417   1.00 14.06 ? 182 GLN A CG  1 
ATOM   934  C CD  . GLN A 1 133 ? -10.479 7.078   10.523  1.00 18.62 ? 182 GLN A CD  1 
ATOM   935  O OE1 . GLN A 1 133 ? -9.589  7.566   11.216  1.00 21.83 ? 182 GLN A OE1 1 
ATOM   936  N NE2 . GLN A 1 133 ? -11.773 7.338   10.650  1.00 18.92 ? 182 GLN A NE2 1 
ATOM   937  N N   . GLY A 1 134 ? -10.172 4.016   6.990   1.00 8.64  ? 183 GLY A N   1 
ATOM   938  C CA  . GLY A 1 134 ? -11.057 2.887   6.849   1.00 7.90  ? 183 GLY A CA  1 
ATOM   939  C C   . GLY A 1 134 ? -11.010 2.185   8.216   1.00 8.27  ? 183 GLY A C   1 
ATOM   940  O O   . GLY A 1 134 ? -10.175 2.508   9.092   1.00 7.36  ? 183 GLY A O   1 
ATOM   941  N N   . ASN A 1 135 ? -11.869 1.205   8.358   1.00 7.65  ? 184 ASN A N   1 
ATOM   942  C CA  . ASN A 1 135 ? -11.939 0.431   9.619   1.00 7.80  ? 184 ASN A CA  1 
ATOM   943  C C   . ASN A 1 135 ? -11.653 -1.030  9.346   1.00 8.39  ? 184 ASN A C   1 
ATOM   944  O O   . ASN A 1 135 ? -11.975 -1.834  10.245  1.00 9.31  ? 184 ASN A O   1 
ATOM   945  C CB  . ASN A 1 135 ? -13.218 0.722   10.414  1.00 8.12  ? 184 ASN A CB  1 
ATOM   946  C CG  . ASN A 1 135 ? -14.407 0.223   9.606   1.00 9.31  ? 184 ASN A CG  1 
ATOM   947  O OD1 . ASN A 1 135 ? -14.466 -0.515  8.618   1.00 8.46  ? 184 ASN A OD1 1 
ATOM   948  N ND2 . ASN A 1 135 ? -15.602 0.659   9.977   1.00 9.39  ? 184 ASN A ND2 1 
ATOM   949  N N   . ALA A 1 136 ? -11.022 -1.345  8.198   1.00 6.21  ? 190 ALA A N   1 
ATOM   950  C CA  . ALA A 1 136 ? -10.556 -2.724  7.959   1.00 5.83  ? 190 ALA A CA  1 
ATOM   951  C C   . ALA A 1 136 ? -9.317  -2.741  8.882   1.00 9.21  ? 190 ALA A C   1 
ATOM   952  O O   . ALA A 1 136 ? -8.641  -1.651  8.996   1.00 9.14  ? 190 ALA A O   1 
ATOM   953  C CB  . ALA A 1 136 ? -10.065 -2.790  6.516   1.00 5.08  ? 190 ALA A CB  1 
ATOM   954  N N   . CYS A 1 137 ? -8.982  -3.825  9.570   1.00 7.04  ? 191 CYS A N   1 
ATOM   955  C CA  . CYS A 1 137 ? -7.828  -3.886  10.465  1.00 7.26  ? 191 CYS A CA  1 
ATOM   956  C C   . CYS A 1 137 ? -6.552  -4.101  9.652   1.00 8.00  ? 191 CYS A C   1 
ATOM   957  O O   . CYS A 1 137 ? -6.656  -4.514  8.474   1.00 8.66  ? 191 CYS A O   1 
ATOM   958  C CB  . CYS A 1 137 ? -8.037  -4.916  11.562  1.00 7.80  ? 191 CYS A CB  1 
ATOM   959  S SG  . CYS A 1 137 ? -7.856  -6.670  11.095  1.00 10.35 ? 191 CYS A SG  1 
ATOM   960  N N   . MET A 1 138 ? -5.427  -3.826  10.288  1.00 7.69  ? 192 MET A N   1 
ATOM   961  C CA  . MET A 1 138 ? -4.107  -3.846  9.622   1.00 8.42  ? 192 MET A CA  1 
ATOM   962  C C   . MET A 1 138 ? -3.072  -4.104  10.736  1.00 7.60  ? 192 MET A C   1 
ATOM   963  O O   . MET A 1 138 ? -3.417  -3.778  11.869  1.00 5.57  ? 192 MET A O   1 
ATOM   964  C CB  . MET A 1 138 ? -3.798  -2.412  9.207   1.00 11.36 ? 192 MET A CB  1 
ATOM   965  C CG  . MET A 1 138 ? -3.279  -2.342  7.843   1.00 16.83 ? 192 MET A CG  1 
ATOM   966  S SD  . MET A 1 138 ? -3.220  -0.627  7.184   1.00 19.42 ? 192 MET A SD  1 
ATOM   967  C CE  . MET A 1 138 ? -2.551  0.243   8.566   1.00 17.26 ? 192 MET A CE  1 
ATOM   968  N N   . GLY A 1 139 A -1.901  -4.561  10.393  1.00 5.79  ? 192 GLY A N   1 
ATOM   969  C CA  . GLY A 1 139 A -0.829  -4.825  11.313  1.00 8.53  ? 192 GLY A CA  1 
ATOM   970  C C   . GLY A 1 139 A 0.518   -4.308  10.817  1.00 7.19  ? 192 GLY A C   1 
ATOM   971  O O   . GLY A 1 139 A 0.706   -3.953  9.653   1.00 9.07  ? 192 GLY A O   1 
ATOM   972  N N   . ARG A 1 140 B 1.538   -4.274  11.629  1.00 6.77  ? 192 ARG A N   1 
ATOM   973  C CA  . ARG A 1 140 B 2.904   -3.896  11.334  1.00 8.68  ? 192 ARG A CA  1 
ATOM   974  C C   . ARG A 1 140 B 3.349   -4.857  10.219  1.00 8.47  ? 192 ARG A C   1 
ATOM   975  O O   . ARG A 1 140 B 3.312   -6.081  10.349  1.00 8.01  ? 192 ARG A O   1 
ATOM   976  C CB  . ARG A 1 140 B 3.732   -4.150  12.600  1.00 10.89 ? 192 ARG A CB  1 
ATOM   977  C CG  . ARG A 1 140 B 3.795   -2.983  13.617  1.00 15.42 ? 192 ARG A CG  1 
ATOM   978  C CD  . ARG A 1 140 B 4.714   -3.597  14.677  1.00 18.90 ? 192 ARG A CD  1 
ATOM   979  N NE  . ARG A 1 140 B 4.394   -2.880  15.884  1.00 23.27 ? 192 ARG A NE  1 
ATOM   980  C CZ  . ARG A 1 140 B 4.350   -3.586  17.023  1.00 25.51 ? 192 ARG A CZ  1 
ATOM   981  N NH1 . ARG A 1 140 B 4.802   -4.819  17.180  1.00 24.46 ? 192 ARG A NH1 1 
ATOM   982  N NH2 . ARG A 1 140 B 3.790   -2.835  17.974  1.00 27.91 ? 192 ARG A NH2 1 
ATOM   983  N N   . GLY A 1 141 ? 3.762   -4.250  9.084   1.00 9.91  ? 193 GLY A N   1 
ATOM   984  C CA  . GLY A 1 141 ? 4.193   -5.110  7.946   1.00 9.97  ? 193 GLY A CA  1 
ATOM   985  C C   . GLY A 1 141 ? 3.179   -4.958  6.789   1.00 10.66 ? 193 GLY A C   1 
ATOM   986  O O   . GLY A 1 141 ? 3.585   -5.337  5.656   1.00 10.43 ? 193 GLY A O   1 
ATOM   987  N N   . ASP A 1 142 ? 1.974   -4.485  7.063   1.00 7.94  ? 194 ASP A N   1 
ATOM   988  C CA  . ASP A 1 142 ? 0.973   -4.317  6.008   1.00 8.43  ? 194 ASP A CA  1 
ATOM   989  C C   . ASP A 1 142 ? 1.177   -2.991  5.193   1.00 10.63 ? 194 ASP A C   1 
ATOM   990  O O   . ASP A 1 142 ? 0.510   -2.855  4.131   1.00 10.45 ? 194 ASP A O   1 
ATOM   991  C CB  . ASP A 1 142 ? -0.474  -4.310  6.635   1.00 7.53  ? 194 ASP A CB  1 
ATOM   992  C CG  . ASP A 1 142 ? -0.916  -5.720  7.045   1.00 8.64  ? 194 ASP A CG  1 
ATOM   993  O OD1 . ASP A 1 142 ? -0.487  -6.769  6.459   1.00 4.97  ? 194 ASP A OD1 1 
ATOM   994  O OD2 . ASP A 1 142 ? -1.689  -5.742  8.029   1.00 7.31  ? 194 ASP A OD2 1 
ATOM   995  N N   . SER A 1 143 ? 2.006   -2.117  5.737   1.00 8.63  ? 195 SER A N   1 
ATOM   996  C CA  . SER A 1 143 ? 2.204   -0.794  5.107   1.00 8.05  ? 195 SER A CA  1 
ATOM   997  C C   . SER A 1 143 ? 2.621   -0.975  3.657   1.00 6.87  ? 195 SER A C   1 
ATOM   998  O O   . SER A 1 143 ? 3.394   -1.877  3.403   1.00 4.94  ? 195 SER A O   1 
ATOM   999  C CB  . SER A 1 143 ? 3.397   -0.088  5.763   1.00 8.85  ? 195 SER A CB  1 
ATOM   1000 O OG  . SER A 1 143 ? 3.050   0.160   7.126   1.00 13.07 ? 195 SER A OG  1 
ATOM   1001 N N   . GLY A 1 144 ? 2.148   -0.054  2.839   1.00 7.28  ? 196 GLY A N   1 
ATOM   1002 C CA  . GLY A 1 144 ? 2.472   -0.078  1.419   1.00 4.83  ? 196 GLY A CA  1 
ATOM   1003 C C   . GLY A 1 144 ? 1.455   -0.989  0.710   1.00 5.83  ? 196 GLY A C   1 
ATOM   1004 O O   . GLY A 1 144 ? 1.393   -0.763  -0.535  1.00 7.10  ? 196 GLY A O   1 
ATOM   1005 N N   . GLY A 1 145 ? 0.734   -1.833  1.444   1.00 2.00  ? 197 GLY A N   1 
ATOM   1006 C CA  . GLY A 1 145 ? -0.149  -2.719  0.691   1.00 4.38  ? 197 GLY A CA  1 
ATOM   1007 C C   . GLY A 1 145 ? -1.373  -2.052  0.058   1.00 6.32  ? 197 GLY A C   1 
ATOM   1008 O O   . GLY A 1 145 ? -1.839  -0.931  0.390   1.00 6.69  ? 197 GLY A O   1 
ATOM   1009 N N   . SER A 1 146 ? -1.980  -2.827  -0.797  1.00 5.80  ? 198 SER A N   1 
ATOM   1010 C CA  . SER A 1 146 ? -3.161  -2.360  -1.567  1.00 7.56  ? 198 SER A CA  1 
ATOM   1011 C C   . SER A 1 146 ? -4.446  -2.106  -0.780  1.00 7.30  ? 198 SER A C   1 
ATOM   1012 O O   . SER A 1 146 ? -4.725  -3.005  0.021   1.00 8.84  ? 198 SER A O   1 
ATOM   1013 C CB  . SER A 1 146 ? -3.541  -3.443  -2.609  1.00 4.85  ? 198 SER A CB  1 
ATOM   1014 O OG  . SER A 1 146 ? -2.405  -4.197  -3.005  1.00 3.36  ? 198 SER A OG  1 
ATOM   1015 N N   . TRP A 1 147 ? -5.132  -1.049  -1.128  1.00 4.82  ? 199 TRP A N   1 
ATOM   1016 C CA  . TRP A 1 147 ? -6.499  -0.810  -0.600  1.00 4.67  ? 199 TRP A CA  1 
ATOM   1017 C C   . TRP A 1 147 ? -7.348  -0.836  -1.911  1.00 5.22  ? 199 TRP A C   1 
ATOM   1018 O O   . TRP A 1 147 ? -6.959  -0.062  -2.828  1.00 6.12  ? 199 TRP A O   1 
ATOM   1019 C CB  . TRP A 1 147 ? -6.693  0.463   0.156   1.00 4.92  ? 199 TRP A CB  1 
ATOM   1020 C CG  . TRP A 1 147 ? -6.230  0.342   1.597   1.00 5.92  ? 199 TRP A CG  1 
ATOM   1021 C CD1 . TRP A 1 147 ? -4.938  0.258   2.021   1.00 5.10  ? 199 TRP A CD1 1 
ATOM   1022 C CD2 . TRP A 1 147 ? -7.055  0.417   2.752   1.00 6.32  ? 199 TRP A CD2 1 
ATOM   1023 N NE1 . TRP A 1 147 ? -4.919  0.258   3.408   1.00 7.53  ? 199 TRP A NE1 1 
ATOM   1024 C CE2 . TRP A 1 147 ? -6.209  0.344   3.875   1.00 6.35  ? 199 TRP A CE2 1 
ATOM   1025 C CE3 . TRP A 1 147 ? -8.440  0.513   2.940   1.00 9.20  ? 199 TRP A CE3 1 
ATOM   1026 C CZ2 . TRP A 1 147 ? -6.684  0.355   5.170   1.00 7.38  ? 199 TRP A CZ2 1 
ATOM   1027 C CZ3 . TRP A 1 147 ? -8.944  0.536   4.266   1.00 7.60  ? 199 TRP A CZ3 1 
ATOM   1028 C CH2 . TRP A 1 147 ? -8.072  0.459   5.350   1.00 7.26  ? 199 TRP A CH2 1 
ATOM   1029 N N   . ILE A 1 148 ? -8.349  -1.671  -2.020  1.00 3.24  ? 200 ILE A N   1 
ATOM   1030 C CA  . ILE A 1 148 ? -9.098  -1.801  -3.254  1.00 4.46  ? 200 ILE A CA  1 
ATOM   1031 C C   . ILE A 1 148 ? -10.531 -2.218  -2.967  1.00 6.54  ? 200 ILE A C   1 
ATOM   1032 O O   . ILE A 1 148 ? -10.715 -2.823  -1.872  1.00 6.32  ? 200 ILE A O   1 
ATOM   1033 C CB  . ILE A 1 148 ? -8.353  -2.982  -4.033  1.00 4.27  ? 200 ILE A CB  1 
ATOM   1034 C CG1 . ILE A 1 148 ? -8.976  -3.096  -5.442  1.00 6.20  ? 200 ILE A CG1 1 
ATOM   1035 C CG2 . ILE A 1 148 ? -8.453  -4.367  -3.357  1.00 3.93  ? 200 ILE A CG2 1 
ATOM   1036 C CD1 . ILE A 1 148 ? -8.004  -3.750  -6.486  1.00 7.86  ? 200 ILE A CD1 1 
ATOM   1037 N N   . THR A 1 149 ? -11.420 -1.893  -3.889  1.00 6.91  ? 201 THR A N   1 
ATOM   1038 C CA  . THR A 1 149 ? -12.838 -2.271  -3.718  1.00 9.66  ? 201 THR A CA  1 
ATOM   1039 C C   . THR A 1 149 ? -12.965 -3.638  -4.343  1.00 12.59 ? 201 THR A C   1 
ATOM   1040 O O   . THR A 1 149 ? -12.091 -4.056  -5.102  1.00 12.91 ? 201 THR A O   1 
ATOM   1041 C CB  . THR A 1 149 ? -13.845 -1.229  -4.319  1.00 10.31 ? 201 THR A CB  1 
ATOM   1042 O OG1 . THR A 1 149 ? -13.545 -1.355  -5.748  1.00 10.71 ? 201 THR A OG1 1 
ATOM   1043 C CG2 . THR A 1 149 ? -13.631 0.238   -3.807  1.00 10.09 ? 201 THR A CG2 1 
ATOM   1044 N N   . SER A 1 150 ? -14.025 -4.368  -3.984  1.00 16.74 ? 202 SER A N   1 
ATOM   1045 C CA  . SER A 1 150 ? -14.241 -5.741  -4.503  1.00 19.54 ? 202 SER A CA  1 
ATOM   1046 C C   . SER A 1 150 ? -14.478 -5.638  -6.001  1.00 18.49 ? 202 SER A C   1 
ATOM   1047 O O   . SER A 1 150 ? -14.153 -6.635  -6.670  1.00 21.63 ? 202 SER A O   1 
ATOM   1048 C CB  . SER A 1 150 ? -15.312 -6.399  -3.697  1.00 23.17 ? 202 SER A CB  1 
ATOM   1049 O OG  . SER A 1 150 ? -16.464 -5.590  -4.101  1.00 29.57 ? 202 SER A OG  1 
ATOM   1050 N N   . ALA A 1 151 ? -14.880 -4.468  -6.436  1.00 16.72 ? 203 ALA A N   1 
ATOM   1051 C CA  . ALA A 1 151 ? -15.035 -4.252  -7.878  1.00 16.63 ? 203 ALA A CA  1 
ATOM   1052 C C   . ALA A 1 151 ? -13.705 -3.979  -8.563  1.00 15.61 ? 203 ALA A C   1 
ATOM   1053 O O   . ALA A 1 151 ? -13.815 -3.731  -9.777  1.00 18.36 ? 203 ALA A O   1 
ATOM   1054 C CB  . ALA A 1 151 ? -15.945 -3.103  -8.274  1.00 18.22 ? 203 ALA A CB  1 
ATOM   1055 N N   . GLY A 1 152 ? -12.574 -3.928  -7.878  1.00 12.86 ? 207 GLY A N   1 
ATOM   1056 C CA  . GLY A 1 152 ? -11.315 -3.713  -8.560  1.00 9.07  ? 207 GLY A CA  1 
ATOM   1057 C C   . GLY A 1 152 ? -10.835 -2.316  -8.734  1.00 8.10  ? 207 GLY A C   1 
ATOM   1058 O O   . GLY A 1 152 ? -9.935  -2.104  -9.552  1.00 8.70  ? 207 GLY A O   1 
ATOM   1059 N N   . GLN A 1 153 ? -11.448 -1.383  -8.041  1.00 8.47  ? 208 GLN A N   1 
ATOM   1060 C CA  . GLN A 1 153 ? -11.017 0.047   -8.114  1.00 6.60  ? 208 GLN A CA  1 
ATOM   1061 C C   . GLN A 1 153 ? -10.002 0.246   -6.962  1.00 6.67  ? 208 GLN A C   1 
ATOM   1062 O O   . GLN A 1 153 ? -10.331 0.155   -5.762  1.00 6.72  ? 208 GLN A O   1 
ATOM   1063 C CB  . GLN A 1 153 ? -12.251 0.890   -7.991  1.00 7.52  ? 208 GLN A CB  1 
ATOM   1064 C CG  . GLN A 1 153 ? -13.255 0.639   -9.130  1.00 9.14  ? 208 GLN A CG  1 
ATOM   1065 C CD  . GLN A 1 153 ? -12.634 0.940   -10.483 1.00 9.83  ? 208 GLN A CD  1 
ATOM   1066 O OE1 . GLN A 1 153 ? -11.824 1.809   -10.702 1.00 10.90 ? 208 GLN A OE1 1 
ATOM   1067 N NE2 . GLN A 1 153 ? -13.076 0.132   -11.472 1.00 11.54 ? 208 GLN A NE2 1 
ATOM   1068 N N   . ALA A 1 154 ? -8.758  0.437   -7.386  1.00 5.05  ? 209 ALA A N   1 
ATOM   1069 C CA  . ALA A 1 154 ? -7.611  0.637   -6.473  1.00 4.16  ? 209 ALA A CA  1 
ATOM   1070 C C   . ALA A 1 154 ? -7.765  1.996   -5.807  1.00 5.06  ? 209 ALA A C   1 
ATOM   1071 O O   . ALA A 1 154 ? -7.924  3.075   -6.468  1.00 7.59  ? 209 ALA A O   1 
ATOM   1072 C CB  . ALA A 1 154 ? -6.438  0.608   -7.429  1.00 2.00  ? 209 ALA A CB  1 
ATOM   1073 N N   . GLN A 1 155 ? -7.713  2.040   -4.508  1.00 4.87  ? 210 GLN A N   1 
ATOM   1074 C CA  . GLN A 1 155 ? -7.902  3.288   -3.717  1.00 6.59  ? 210 GLN A CA  1 
ATOM   1075 C C   . GLN A 1 155 ? -6.595  3.931   -3.166  1.00 8.66  ? 210 GLN A C   1 
ATOM   1076 O O   . GLN A 1 155 ? -6.599  5.196   -3.069  1.00 7.54  ? 210 GLN A O   1 
ATOM   1077 C CB  . GLN A 1 155 ? -8.746  2.950   -2.500  1.00 6.05  ? 210 GLN A CB  1 
ATOM   1078 C CG  . GLN A 1 155 ? -10.117 2.377   -2.850  1.00 7.93  ? 210 GLN A CG  1 
ATOM   1079 C CD  . GLN A 1 155 ? -10.852 3.360   -3.758  1.00 9.08  ? 210 GLN A CD  1 
ATOM   1080 O OE1 . GLN A 1 155 ? -11.174 4.466   -3.320  1.00 10.07 ? 210 GLN A OE1 1 
ATOM   1081 N NE2 . GLN A 1 155 ? -11.159 2.920   -4.984  1.00 7.97  ? 210 GLN A NE2 1 
ATOM   1082 N N   . GLY A 1 156 ? -5.597  3.098   -2.811  1.00 6.32  ? 211 GLY A N   1 
ATOM   1083 C CA  . GLY A 1 156 ? -4.365  3.711   -2.297  1.00 7.21  ? 211 GLY A CA  1 
ATOM   1084 C C   . GLY A 1 156 ? -3.514  2.663   -1.586  1.00 7.17  ? 211 GLY A C   1 
ATOM   1085 O O   . GLY A 1 156 ? -3.778  1.443   -1.814  1.00 7.06  ? 211 GLY A O   1 
ATOM   1086 N N   . VAL A 1 157 ? -2.495  3.194   -0.907  1.00 7.06  ? 212 VAL A N   1 
ATOM   1087 C CA  . VAL A 1 157 ? -1.539  2.238   -0.239  1.00 5.41  ? 212 VAL A CA  1 
ATOM   1088 C C   . VAL A 1 157 ? -1.553  2.544   1.251   1.00 5.11  ? 212 VAL A C   1 
ATOM   1089 O O   . VAL A 1 157 ? -1.654  3.688   1.678   1.00 4.66  ? 212 VAL A O   1 
ATOM   1090 C CB  . VAL A 1 157 ? -0.141  2.405   -0.859  1.00 6.84  ? 212 VAL A CB  1 
ATOM   1091 C CG1 . VAL A 1 157 ? 0.001   1.952   -2.295  1.00 7.76  ? 212 VAL A CG1 1 
ATOM   1092 C CG2 . VAL A 1 157 ? 0.314   3.874   -0.728  1.00 4.89  ? 212 VAL A CG2 1 
ATOM   1093 N N   . ALA A 1 158 ? -1.465  1.440   1.993   1.00 5.90  ? 213 ALA A N   1 
ATOM   1094 C CA  . ALA A 1 158 ? -1.470  1.508   3.471   1.00 5.00  ? 213 ALA A CA  1 
ATOM   1095 C C   . ALA A 1 158 ? -0.304  2.320   4.047   1.00 4.92  ? 213 ALA A C   1 
ATOM   1096 O O   . ALA A 1 158 ? 0.865   2.130   3.708   1.00 3.34  ? 213 ALA A O   1 
ATOM   1097 C CB  . ALA A 1 158 ? -1.473  0.102   4.061   1.00 2.00  ? 213 ALA A CB  1 
ATOM   1098 N N   . SER A 1 159 ? -0.685  3.209   4.982   1.00 4.72  ? 214 SER A N   1 
ATOM   1099 C CA  . SER A 1 159 ? 0.283   4.070   5.657   1.00 5.79  ? 214 SER A CA  1 
ATOM   1100 C C   . SER A 1 159 ? 0.387   3.671   7.155   1.00 6.47  ? 214 SER A C   1 
ATOM   1101 O O   . SER A 1 159 ? 1.537   3.400   7.542   1.00 6.40  ? 214 SER A O   1 
ATOM   1102 C CB  . SER A 1 159 ? -0.250  5.521   5.682   1.00 5.61  ? 214 SER A CB  1 
ATOM   1103 O OG  . SER A 1 159 ? 0.808   6.321   6.300   1.00 7.13  ? 214 SER A OG  1 
ATOM   1104 N N   . GLY A 1 160 ? -0.754  3.693   7.866   1.00 6.63  ? 215 GLY A N   1 
ATOM   1105 C CA  . GLY A 1 160 ? -0.531  3.375   9.332   1.00 6.15  ? 215 GLY A CA  1 
ATOM   1106 C C   . GLY A 1 160 ? -1.869  3.333   10.039  1.00 7.45  ? 215 GLY A C   1 
ATOM   1107 O O   . GLY A 1 160 ? -2.898  3.315   9.291   1.00 7.45  ? 215 GLY A O   1 
ATOM   1108 N N   . GLY A 1 161 ? -1.781  3.306   11.363  1.00 6.47  ? 216 GLY A N   1 
ATOM   1109 C CA  . GLY A 1 161 ? -3.019  3.194   12.163  1.00 10.37 ? 216 GLY A CA  1 
ATOM   1110 C C   . GLY A 1 161 ? -2.758  3.016   13.670  1.00 9.45  ? 216 GLY A C   1 
ATOM   1111 O O   . GLY A 1 161 ? -1.604  3.116   14.081  1.00 9.03  ? 216 GLY A O   1 
ATOM   1112 N N   . ASN A 1 162 ? -3.860  2.794   14.390  1.00 9.17  ? 217 ASN A N   1 
ATOM   1113 C CA  . ASN A 1 162 ? -3.739  2.667   15.871  1.00 10.06 ? 217 ASN A CA  1 
ATOM   1114 C C   . ASN A 1 162 ? -3.395  1.242   16.254  1.00 10.62 ? 217 ASN A C   1 
ATOM   1115 O O   . ASN A 1 162 ? -4.247  0.469   16.692  1.00 12.50 ? 217 ASN A O   1 
ATOM   1116 C CB  . ASN A 1 162 ? -4.981  3.285   16.450  1.00 9.71  ? 217 ASN A CB  1 
ATOM   1117 C CG  . ASN A 1 162 ? -6.257  2.540   16.026  1.00 11.61 ? 217 ASN A CG  1 
ATOM   1118 O OD1 . ASN A 1 162 ? -6.497  1.893   14.974  1.00 11.33 ? 217 ASN A OD1 1 
ATOM   1119 N ND2 . ASN A 1 162 ? -7.134  2.635   17.038  1.00 10.69 ? 217 ASN A ND2 1 
ATOM   1120 N N   . VAL A 1 163 A -2.132  0.952   16.073  1.00 12.53 ? 217 VAL A N   1 
ATOM   1121 C CA  . VAL A 1 163 A -1.565  -0.375  16.349  1.00 14.52 ? 217 VAL A CA  1 
ATOM   1122 C C   . VAL A 1 163 A -1.713  -0.607  17.853  1.00 15.36 ? 217 VAL A C   1 
ATOM   1123 O O   . VAL A 1 163 A -1.399  0.332   18.586  1.00 15.60 ? 217 VAL A O   1 
ATOM   1124 C CB  . VAL A 1 163 A -0.113  -0.421  15.839  1.00 13.80 ? 217 VAL A CB  1 
ATOM   1125 C CG1 . VAL A 1 163 A 0.893   0.462   16.589  1.00 16.56 ? 217 VAL A CG1 1 
ATOM   1126 C CG2 . VAL A 1 163 A 0.556   -1.776  16.004  1.00 15.51 ? 217 VAL A CG2 1 
ATOM   1127 N N   . GLN A 1 164 B -2.138  -1.785  18.276  1.00 15.21 ? 217 GLN A N   1 
ATOM   1128 C CA  . GLN A 1 164 B -2.241  -2.158  19.709  1.00 13.18 ? 217 GLN A CA  1 
ATOM   1129 C C   . GLN A 1 164 B -0.940  -2.909  20.040  1.00 13.16 ? 217 GLN A C   1 
ATOM   1130 O O   . GLN A 1 164 B -0.004  -3.158  19.245  1.00 11.32 ? 217 GLN A O   1 
ATOM   1131 C CB  . GLN A 1 164 B -3.471  -3.062  19.907  1.00 13.17 ? 217 GLN A CB  1 
ATOM   1132 C CG  . GLN A 1 164 B -4.697  -2.336  19.372  1.00 15.18 ? 217 GLN A CG  1 
ATOM   1133 C CD  . GLN A 1 164 B -4.954  -1.035  20.146  1.00 18.59 ? 217 GLN A CD  1 
ATOM   1134 O OE1 . GLN A 1 164 B -5.196  -1.032  21.351  1.00 20.53 ? 217 GLN A OE1 1 
ATOM   1135 N NE2 . GLN A 1 164 B -4.940  0.202   19.583  1.00 18.09 ? 217 GLN A NE2 1 
ATOM   1136 N N   . SER A 1 165 C -0.903  -3.404  21.272  1.00 13.27 ? 217 SER A N   1 
ATOM   1137 C CA  . SER A 1 165 C 0.297   -4.131  21.746  1.00 14.37 ? 217 SER A CA  1 
ATOM   1138 C C   . SER A 1 165 C 0.563   -5.406  20.960  1.00 13.57 ? 217 SER A C   1 
ATOM   1139 O O   . SER A 1 165 C 1.753   -5.822  20.952  1.00 14.28 ? 217 SER A O   1 
ATOM   1140 C CB  . SER A 1 165 C 0.241   -4.218  23.278  1.00 16.79 ? 217 SER A CB  1 
ATOM   1141 O OG  . SER A 1 165 C -0.782  -5.154  23.644  1.00 20.59 ? 217 SER A OG  1 
ATOM   1142 N N   . ASN A 1 166 D -0.416  -6.010  20.327  1.00 9.61  ? 217 ASN A N   1 
ATOM   1143 C CA  . ASN A 1 166 D -0.168  -7.246  19.583  1.00 9.65  ? 217 ASN A CA  1 
ATOM   1144 C C   . ASN A 1 166 D 0.297   -6.919  18.155  1.00 9.50  ? 217 ASN A C   1 
ATOM   1145 O O   . ASN A 1 166 D 0.390   -7.882  17.374  1.00 8.62  ? 217 ASN A O   1 
ATOM   1146 C CB  . ASN A 1 166 D -1.452  -8.055  19.625  1.00 9.26  ? 217 ASN A CB  1 
ATOM   1147 C CG  . ASN A 1 166 D -2.555  -7.410  18.811  1.00 11.23 ? 217 ASN A CG  1 
ATOM   1148 O OD1 . ASN A 1 166 D -2.537  -6.199  18.465  1.00 10.41 ? 217 ASN A OD1 1 
ATOM   1149 N ND2 . ASN A 1 166 D -3.597  -8.189  18.490  1.00 10.85 ? 217 ASN A ND2 1 
ATOM   1150 N N   . GLY A 1 167 E 0.580   -5.656  17.882  1.00 8.43  ? 217 GLY A N   1 
ATOM   1151 C CA  . GLY A 1 167 E 1.065   -5.312  16.529  1.00 6.90  ? 217 GLY A CA  1 
ATOM   1152 C C   . GLY A 1 167 E -0.017  -5.065  15.477  1.00 7.28  ? 217 GLY A C   1 
ATOM   1153 O O   . GLY A 1 167 E 0.410   -4.835  14.342  1.00 7.79  ? 217 GLY A O   1 
ATOM   1154 N N   . ASN A 1 168 ? -1.294  -5.107  15.765  1.00 6.84  ? 218 ASN A N   1 
ATOM   1155 C CA  . ASN A 1 168 ? -2.337  -4.819  14.756  1.00 6.80  ? 218 ASN A CA  1 
ATOM   1156 C C   . ASN A 1 168 ? -3.444  -4.108  15.517  1.00 8.47  ? 218 ASN A C   1 
ATOM   1157 O O   . ASN A 1 168 ? -3.370  -3.878  16.731  1.00 7.95  ? 218 ASN A O   1 
ATOM   1158 C CB  . ASN A 1 168 ? -2.716  -6.104  14.061  1.00 6.28  ? 218 ASN A CB  1 
ATOM   1159 C CG  . ASN A 1 168 ? -3.289  -7.134  14.967  1.00 6.60  ? 218 ASN A CG  1 
ATOM   1160 O OD1 . ASN A 1 168 ? -4.360  -6.953  15.551  1.00 8.87  ? 218 ASN A OD1 1 
ATOM   1161 N ND2 . ASN A 1 168 ? -2.670  -8.297  15.113  1.00 6.22  ? 218 ASN A ND2 1 
ATOM   1162 N N   . ASN A 1 169 ? -4.540  -3.829  14.867  1.00 9.41  ? 219 ASN A N   1 
ATOM   1163 C CA  . ASN A 1 169 ? -5.744  -3.228  15.425  1.00 9.07  ? 219 ASN A CA  1 
ATOM   1164 C C   . ASN A 1 169 ? -6.870  -4.233  15.132  1.00 9.30  ? 219 ASN A C   1 
ATOM   1165 O O   . ASN A 1 169 ? -8.030  -3.825  15.181  1.00 7.62  ? 219 ASN A O   1 
ATOM   1166 C CB  . ASN A 1 169 ? -6.016  -1.764  15.045  1.00 8.47  ? 219 ASN A CB  1 
ATOM   1167 C CG  . ASN A 1 169 ? -6.192  -1.522  13.525  1.00 8.61  ? 219 ASN A CG  1 
ATOM   1168 O OD1 . ASN A 1 169 ? -6.361  -2.459  12.711  1.00 8.40  ? 219 ASN A OD1 1 
ATOM   1169 N ND2 . ASN A 1 169 ? -6.187  -0.274  13.070  1.00 8.01  ? 219 ASN A ND2 1 
ATOM   1170 N N   . CYS A 1 170 ? -6.598  -5.491  14.854  1.00 10.09 ? 220 CYS A N   1 
ATOM   1171 C CA  . CYS A 1 170 ? -7.615  -6.491  14.600  1.00 10.74 ? 220 CYS A CA  1 
ATOM   1172 C C   . CYS A 1 170 ? -8.246  -6.942  15.920  1.00 12.34 ? 220 CYS A C   1 
ATOM   1173 O O   . CYS A 1 170 ? -9.342  -7.460  15.719  1.00 14.84 ? 220 CYS A O   1 
ATOM   1174 C CB  . CYS A 1 170 ? -6.986  -7.694  13.877  1.00 10.71 ? 220 CYS A CB  1 
ATOM   1175 S SG  . CYS A 1 170 ? -6.276  -7.232  12.238  1.00 10.90 ? 220 CYS A SG  1 
ATOM   1176 N N   . GLY A 1 171 ? -7.704  -6.818  17.104  1.00 12.44 ? 221 GLY A N   1 
ATOM   1177 C CA  . GLY A 1 171 ? -8.417  -7.352  18.278  1.00 12.77 ? 221 GLY A CA  1 
ATOM   1178 C C   . GLY A 1 171 ? -9.291  -6.274  18.912  1.00 17.62 ? 221 GLY A C   1 
ATOM   1179 O O   . GLY A 1 171 ? -9.656  -6.482  20.092  1.00 18.92 ? 221 GLY A O   1 
ATOM   1180 N N   . ILE A 1 172 A -9.565  -5.122  18.281  1.00 17.26 ? 221 ILE A N   1 
ATOM   1181 C CA  . ILE A 1 172 A -10.401 -4.065  18.834  1.00 16.15 ? 221 ILE A CA  1 
ATOM   1182 C C   . ILE A 1 172 A -11.546 -3.969  17.811  1.00 18.16 ? 221 ILE A C   1 
ATOM   1183 O O   . ILE A 1 172 A -11.324 -4.397  16.679  1.00 19.15 ? 221 ILE A O   1 
ATOM   1184 C CB  . ILE A 1 172 A -9.739  -2.705  19.078  1.00 15.17 ? 221 ILE A CB  1 
ATOM   1185 C CG1 . ILE A 1 172 A -9.111  -2.165  17.791  1.00 14.61 ? 221 ILE A CG1 1 
ATOM   1186 C CG2 . ILE A 1 172 A -8.757  -2.788  20.257  1.00 14.29 ? 221 ILE A CG2 1 
ATOM   1187 C CD1 . ILE A 1 172 A -8.757  -0.642  17.903  1.00 15.07 ? 221 ILE A CD1 1 
ATOM   1188 N N   . PRO A 1 173 B -12.665 -3.458  18.253  1.00 19.50 ? 221 PRO A N   1 
ATOM   1189 C CA  . PRO A 1 173 B -13.852 -3.389  17.381  1.00 19.38 ? 221 PRO A CA  1 
ATOM   1190 C C   . PRO A 1 173 B -13.700 -2.435  16.221  1.00 17.41 ? 221 PRO A C   1 
ATOM   1191 O O   . PRO A 1 173 B -12.998 -1.463  16.405  1.00 15.85 ? 221 PRO A O   1 
ATOM   1192 C CB  . PRO A 1 173 B -14.969 -3.186  18.371  1.00 19.28 ? 221 PRO A CB  1 
ATOM   1193 C CG  . PRO A 1 173 B -14.345 -2.686  19.653  1.00 19.54 ? 221 PRO A CG  1 
ATOM   1194 C CD  . PRO A 1 173 B -12.880 -2.943  19.622  1.00 19.03 ? 221 PRO A CD  1 
ATOM   1195 N N   . ALA A 1 174 C -14.352 -2.716  15.113  1.00 16.24 ? 221 ALA A N   1 
ATOM   1196 C CA  . ALA A 1 174 C -14.262 -1.888  13.894  1.00 15.63 ? 221 ALA A CA  1 
ATOM   1197 C C   . ALA A 1 174 C -14.467 -0.437  14.216  1.00 14.88 ? 221 ALA A C   1 
ATOM   1198 O O   . ALA A 1 174 C -13.772 0.453   13.751  1.00 15.52 ? 221 ALA A O   1 
ATOM   1199 C CB  . ALA A 1 174 C -15.199 -2.412  12.845  1.00 13.89 ? 221 ALA A CB  1 
ATOM   1200 N N   . SER A 1 175 ? -15.394 -0.161  15.072  1.00 16.86 ? 222 SER A N   1 
ATOM   1201 C CA  . SER A 1 175 ? -15.776 1.187   15.511  1.00 19.06 ? 222 SER A CA  1 
ATOM   1202 C C   . SER A 1 175 ? -14.564 1.890   16.105  1.00 19.39 ? 222 SER A C   1 
ATOM   1203 O O   . SER A 1 175 ? -14.614 3.130   16.073  1.00 21.69 ? 222 SER A O   1 
ATOM   1204 C CB  . SER A 1 175 ? -16.931 1.278   16.518  1.00 20.79 ? 222 SER A CB  1 
ATOM   1205 O OG  . SER A 1 175 ? -16.667 0.588   17.794  1.00 23.18 ? 222 SER A OG  1 
ATOM   1206 N N   . GLN A 1 176 ? -13.588 1.191   16.609  1.00 19.31 ? 223 GLN A N   1 
ATOM   1207 C CA  . GLN A 1 176 ? -12.453 1.855   17.245  1.00 18.09 ? 223 GLN A CA  1 
ATOM   1208 C C   . GLN A 1 176 ? -11.209 1.796   16.409  1.00 16.75 ? 223 GLN A C   1 
ATOM   1209 O O   . GLN A 1 176 ? -10.160 2.206   16.933  1.00 14.73 ? 223 GLN A O   1 
ATOM   1210 C CB  . GLN A 1 176 ? -12.214 1.090   18.541  1.00 22.87 ? 223 GLN A CB  1 
ATOM   1211 C CG  . GLN A 1 176 ? -13.270 1.385   19.632  1.00 29.44 ? 223 GLN A CG  1 
ATOM   1212 C CD  . GLN A 1 176 ? -12.979 0.424   20.793  1.00 34.53 ? 223 GLN A CD  1 
ATOM   1213 O OE1 . GLN A 1 176 ? -11.783 0.188   21.134  1.00 37.88 ? 223 GLN A OE1 1 
ATOM   1214 N NE2 . GLN A 1 176 ? -14.034 -0.157  21.370  1.00 35.49 ? 223 GLN A NE2 1 
ATOM   1215 N N   . ARG A 1 177 ? -11.312 1.264   15.189  1.00 13.93 ? 224 ARG A N   1 
ATOM   1216 C CA  . ARG A 1 177 ? -10.035 1.189   14.426  1.00 12.37 ? 224 ARG A CA  1 
ATOM   1217 C C   . ARG A 1 177 ? -9.768  2.420   13.580  1.00 12.48 ? 224 ARG A C   1 
ATOM   1218 O O   . ARG A 1 177 ? -10.789 2.899   13.053  1.00 13.74 ? 224 ARG A O   1 
ATOM   1219 C CB  . ARG A 1 177 ? -10.130 0.042   13.424  1.00 10.84 ? 224 ARG A CB  1 
ATOM   1220 C CG  . ARG A 1 177 ? -10.265 -1.295  14.110  1.00 10.08 ? 224 ARG A CG  1 
ATOM   1221 C CD  . ARG A 1 177 ? -10.378 -2.332  13.041  1.00 11.96 ? 224 ARG A CD  1 
ATOM   1222 N NE  . ARG A 1 177 ? -10.880 -3.502  13.729  1.00 12.73 ? 224 ARG A NE  1 
ATOM   1223 C CZ  . ARG A 1 177 ? -11.627 -4.415  13.153  1.00 14.67 ? 224 ARG A CZ  1 
ATOM   1224 N NH1 . ARG A 1 177 ? -12.122 -4.243  11.938  1.00 15.26 ? 224 ARG A NH1 1 
ATOM   1225 N NH2 . ARG A 1 177 ? -11.858 -5.550  13.817  1.00 15.36 ? 224 ARG A NH2 1 
ATOM   1226 N N   . SER A 1 178 ? -8.529  2.778   13.449  1.00 12.15 ? 225 SER A N   1 
ATOM   1227 C CA  . SER A 1 178 ? -8.173  3.873   12.520  1.00 13.56 ? 225 SER A CA  1 
ATOM   1228 C C   . SER A 1 178 ? -7.050  3.245   11.661  1.00 11.77 ? 225 SER A C   1 
ATOM   1229 O O   . SER A 1 178 ? -5.955  3.060   12.229  1.00 12.49 ? 225 SER A O   1 
ATOM   1230 C CB  . SER A 1 178 ? -7.617  5.095   13.220  1.00 15.08 ? 225 SER A CB  1 
ATOM   1231 O OG  . SER A 1 178 ? -7.287  6.005   12.166  1.00 17.53 ? 225 SER A OG  1 
ATOM   1232 N N   . SER A 1 179 ? -7.331  2.901   10.433  1.00 8.54  ? 226 SER A N   1 
ATOM   1233 C CA  . SER A 1 179 ? -6.381  2.326   9.496   1.00 8.41  ? 226 SER A CA  1 
ATOM   1234 C C   . SER A 1 179 ? -6.308  3.355   8.353   1.00 8.55  ? 226 SER A C   1 
ATOM   1235 O O   . SER A 1 179 ? -7.369  3.520   7.678   1.00 9.70  ? 226 SER A O   1 
ATOM   1236 C CB  . SER A 1 179 ? -6.805  0.929   8.996   1.00 7.45  ? 226 SER A CB  1 
ATOM   1237 O OG  . SER A 1 179 ? -6.864  -0.005  10.058  1.00 9.24  ? 226 SER A OG  1 
ATOM   1238 N N   . LEU A 1 180 ? -5.137  3.937   8.108   1.00 7.81  ? 227 LEU A N   1 
ATOM   1239 C CA  . LEU A 1 180 ? -5.015  4.978   7.080   1.00 8.01  ? 227 LEU A CA  1 
ATOM   1240 C C   . LEU A 1 180 ? -4.214  4.540   5.849   1.00 8.51  ? 227 LEU A C   1 
ATOM   1241 O O   . LEU A 1 180 ? -3.254  3.770   5.985   1.00 6.89  ? 227 LEU A O   1 
ATOM   1242 C CB  . LEU A 1 180 ? -4.303  6.127   7.781   1.00 8.37  ? 227 LEU A CB  1 
ATOM   1243 C CG  . LEU A 1 180 ? -4.800  6.482   9.203   1.00 11.04 ? 227 LEU A CG  1 
ATOM   1244 C CD1 . LEU A 1 180 ? -3.753  7.299   9.988   1.00 10.34 ? 227 LEU A CD1 1 
ATOM   1245 C CD2 . LEU A 1 180 ? -6.170  7.146   9.060   1.00 9.97  ? 227 LEU A CD2 1 
ATOM   1246 N N   . PHE A 1 181 ? -4.648  5.099   4.722   1.00 6.32  ? 228 PHE A N   1 
ATOM   1247 C CA  . PHE A 1 181 ? -4.010  4.859   3.429   1.00 7.09  ? 228 PHE A CA  1 
ATOM   1248 C C   . PHE A 1 181 ? -3.806  6.202   2.690   1.00 7.89  ? 228 PHE A C   1 
ATOM   1249 O O   . PHE A 1 181 ? -4.603  7.151   2.916   1.00 8.03  ? 228 PHE A O   1 
ATOM   1250 C CB  . PHE A 1 181 ? -4.807  3.889   2.589   1.00 6.43  ? 228 PHE A CB  1 
ATOM   1251 C CG  . PHE A 1 181 ? -6.202  4.194   2.081   1.00 7.62  ? 228 PHE A CG  1 
ATOM   1252 C CD1 . PHE A 1 181 ? -6.337  4.899   0.861   1.00 7.28  ? 228 PHE A CD1 1 
ATOM   1253 C CD2 . PHE A 1 181 ? -7.317  3.764   2.754   1.00 5.57  ? 228 PHE A CD2 1 
ATOM   1254 C CE1 . PHE A 1 181 ? -7.603  5.108   0.342   1.00 8.92  ? 228 PHE A CE1 1 
ATOM   1255 C CE2 . PHE A 1 181 ? -8.592  3.970   2.230   1.00 6.06  ? 228 PHE A CE2 1 
ATOM   1256 C CZ  . PHE A 1 181 ? -8.763  4.627   1.009   1.00 7.12  ? 228 PHE A CZ  1 
ATOM   1257 N N   . GLU A 1 182 ? -2.785  6.172   1.863   1.00 5.91  ? 229 GLU A N   1 
ATOM   1258 C CA  . GLU A 1 182 ? -2.436  7.312   1.009   1.00 7.32  ? 229 GLU A CA  1 
ATOM   1259 C C   . GLU A 1 182 ? -3.232  7.135   -0.276  1.00 5.46  ? 229 GLU A C   1 
ATOM   1260 O O   . GLU A 1 182 ? -3.123  6.016   -0.831  1.00 5.53  ? 229 GLU A O   1 
ATOM   1261 C CB  . GLU A 1 182 ? -0.922  7.254   0.700   1.00 7.15  ? 229 GLU A CB  1 
ATOM   1262 C CG  . GLU A 1 182 ? -0.282  8.190   -0.308  1.00 7.32  ? 229 GLU A CG  1 
ATOM   1263 C CD  . GLU A 1 182 ? -0.128  9.618   0.223   1.00 8.72  ? 229 GLU A CD  1 
ATOM   1264 O OE1 . GLU A 1 182 ? -1.039  10.190  0.855   1.00 9.88  ? 229 GLU A OE1 1 
ATOM   1265 O OE2 . GLU A 1 182 ? 0.993   10.191  0.025   1.00 8.52  ? 229 GLU A OE2 1 
ATOM   1266 N N   . ARG A 1 183 ? -3.971  8.097   -0.732  1.00 5.15  ? 230 ARG A N   1 
ATOM   1267 C CA  . ARG A 1 183 ? -4.763  8.027   -2.005  1.00 5.76  ? 230 ARG A CA  1 
ATOM   1268 C C   . ARG A 1 183 ? -3.906  7.656   -3.180  1.00 5.85  ? 230 ARG A C   1 
ATOM   1269 O O   . ARG A 1 183 ? -2.779  8.140   -3.205  1.00 4.84  ? 230 ARG A O   1 
ATOM   1270 C CB  . ARG A 1 183 ? -5.341  9.424   -2.361  1.00 4.70  ? 230 ARG A CB  1 
ATOM   1271 C CG  . ARG A 1 183 ? -6.375  9.765   -1.270  1.00 6.72  ? 230 ARG A CG  1 
ATOM   1272 C CD  . ARG A 1 183 ? -6.919  11.150  -1.376  1.00 9.23  ? 230 ARG A CD  1 
ATOM   1273 N NE  . ARG A 1 183 ? -7.413  11.410  -2.731  1.00 13.58 ? 230 ARG A NE  1 
ATOM   1274 C CZ  . ARG A 1 183 ? -6.859  12.387  -3.464  1.00 15.83 ? 230 ARG A CZ  1 
ATOM   1275 N NH1 . ARG A 1 183 ? -5.933  13.233  -3.023  1.00 15.00 ? 230 ARG A NH1 1 
ATOM   1276 N NH2 . ARG A 1 183 ? -7.248  12.469  -4.742  1.00 17.26 ? 230 ARG A NH2 1 
ATOM   1277 N N   . LEU A 1 184 ? -4.270  6.789   -4.082  1.00 6.25  ? 231 LEU A N   1 
ATOM   1278 C CA  . LEU A 1 184 ? -3.412  6.427   -5.229  1.00 5.17  ? 231 LEU A CA  1 
ATOM   1279 C C   . LEU A 1 184 ? -3.382  7.537   -6.263  1.00 6.47  ? 231 LEU A C   1 
ATOM   1280 O O   . LEU A 1 184 ? -2.319  7.728   -6.839  1.00 7.68  ? 231 LEU A O   1 
ATOM   1281 C CB  . LEU A 1 184 ? -4.106  5.140   -5.784  1.00 5.47  ? 231 LEU A CB  1 
ATOM   1282 C CG  . LEU A 1 184 ? -3.363  4.516   -6.967  1.00 7.47  ? 231 LEU A CG  1 
ATOM   1283 C CD1 . LEU A 1 184 ? -1.894  4.184   -6.768  1.00 6.17  ? 231 LEU A CD1 1 
ATOM   1284 C CD2 . LEU A 1 184 ? -4.065  3.275   -7.520  1.00 4.29  ? 231 LEU A CD2 1 
ATOM   1285 N N   . GLN A 1 185 ? -4.480  8.226   -6.548  1.00 8.48  ? 232 GLN A N   1 
ATOM   1286 C CA  . GLN A 1 185 ? -4.505  9.255   -7.607  1.00 11.42 ? 232 GLN A CA  1 
ATOM   1287 C C   . GLN A 1 185 ? -3.340  10.204  -7.631  1.00 9.87  ? 232 GLN A C   1 
ATOM   1288 O O   . GLN A 1 185 ? -2.674  10.246  -8.667  1.00 11.26 ? 232 GLN A O   1 
ATOM   1289 C CB  . GLN A 1 185 ? -5.854  9.927   -7.815  1.00 14.04 ? 232 GLN A CB  1 
ATOM   1290 C CG  . GLN A 1 185 ? -6.749  9.014   -8.682  1.00 22.02 ? 232 GLN A CG  1 
ATOM   1291 C CD  . GLN A 1 185 ? -8.195  9.460   -8.531  1.00 26.74 ? 232 GLN A CD  1 
ATOM   1292 O OE1 . GLN A 1 185 ? -8.510  10.612  -8.095  1.00 31.33 ? 232 GLN A OE1 1 
ATOM   1293 N NE2 . GLN A 1 185 ? -9.201  8.626   -8.823  1.00 26.79 ? 232 GLN A NE2 1 
ATOM   1294 N N   . PRO A 1 186 ? -3.045  10.886  -6.562  1.00 9.62  ? 233 PRO A N   1 
ATOM   1295 C CA  . PRO A 1 186 ? -1.920  11.822  -6.519  1.00 9.70  ? 233 PRO A CA  1 
ATOM   1296 C C   . PRO A 1 186 ? -0.577  11.153  -6.707  1.00 9.46  ? 233 PRO A C   1 
ATOM   1297 O O   . PRO A 1 186 ? 0.400   11.806  -7.157  1.00 9.25  ? 233 PRO A O   1 
ATOM   1298 C CB  . PRO A 1 186 ? -2.126  12.555  -5.190  1.00 10.71 ? 233 PRO A CB  1 
ATOM   1299 C CG  . PRO A 1 186 ? -2.861  11.585  -4.347  1.00 11.00 ? 233 PRO A CG  1 
ATOM   1300 C CD  . PRO A 1 186 ? -3.837  10.876  -5.322  1.00 9.32  ? 233 PRO A CD  1 
ATOM   1301 N N   . ILE A 1 187 ? -0.459  9.893   -6.340  1.00 7.68  ? 234 ILE A N   1 
ATOM   1302 C CA  . ILE A 1 187 ? 0.829   9.186   -6.544  1.00 7.60  ? 234 ILE A CA  1 
ATOM   1303 C C   . ILE A 1 187 ? 0.985   8.963   -8.083  1.00 7.54  ? 234 ILE A C   1 
ATOM   1304 O O   . ILE A 1 187 ? 2.115   9.150   -8.570  1.00 8.86  ? 234 ILE A O   1 
ATOM   1305 C CB  . ILE A 1 187 ? 0.889   7.781   -5.796  1.00 6.46  ? 234 ILE A CB  1 
ATOM   1306 C CG1 . ILE A 1 187 ? 0.532   7.901   -4.291  1.00 6.46  ? 234 ILE A CG1 1 
ATOM   1307 C CG2 . ILE A 1 187 ? 2.285   7.105   -6.081  1.00 3.19  ? 234 ILE A CG2 1 
ATOM   1308 C CD1 . ILE A 1 187 ? 0.520   6.532   -3.501  1.00 4.94  ? 234 ILE A CD1 1 
ATOM   1309 N N   . LEU A 1 188 ? -0.059  8.513   -8.781  1.00 5.29  ? 235 LEU A N   1 
ATOM   1310 C CA  . LEU A 1 188 ? 0.070   8.275   -10.212 1.00 5.78  ? 235 LEU A CA  1 
ATOM   1311 C C   . LEU A 1 188 ? 0.429   9.550   -10.989 1.00 5.09  ? 235 LEU A C   1 
ATOM   1312 O O   . LEU A 1 188 ? 1.281   9.463   -11.888 1.00 5.91  ? 235 LEU A O   1 
ATOM   1313 C CB  . LEU A 1 188 ? -1.300  7.726   -10.695 1.00 7.87  ? 235 LEU A CB  1 
ATOM   1314 C CG  . LEU A 1 188 ? -1.833  6.409   -10.134 1.00 10.64 ? 235 LEU A CG  1 
ATOM   1315 C CD1 . LEU A 1 188 ? -3.205  6.039   -10.646 1.00 9.33  ? 235 LEU A CD1 1 
ATOM   1316 C CD2 . LEU A 1 188 ? -0.893  5.262   -10.515 1.00 10.15 ? 235 LEU A CD2 1 
ATOM   1317 N N   . SER A 1 189 A -0.247  10.655  -10.643 1.00 3.99  ? 235 SER A N   1 
ATOM   1318 C CA  . SER A 1 189 A 0.068   11.874  -11.388 1.00 6.55  ? 235 SER A CA  1 
ATOM   1319 C C   . SER A 1 189 A 1.415   12.434  -10.920 1.00 7.61  ? 235 SER A C   1 
ATOM   1320 O O   . SER A 1 189 A 2.131   12.890  -11.846 1.00 9.43  ? 235 SER A O   1 
ATOM   1321 C CB  . SER A 1 189 A -1.141  12.770  -11.372 1.00 6.39  ? 235 SER A CB  1 
ATOM   1322 O OG  . SER A 1 189 A -1.211  13.205  -10.003 1.00 7.59  ? 235 SER A OG  1 
ATOM   1323 N N   . GLN A 1 190 ? 1.751   12.411  -9.660  1.00 6.62  ? 236 GLN A N   1 
ATOM   1324 C CA  . GLN A 1 190 ? 3.046   12.947  -9.226  1.00 8.63  ? 236 GLN A CA  1 
ATOM   1325 C C   . GLN A 1 190 ? 4.191   12.251  -9.968  1.00 9.53  ? 236 GLN A C   1 
ATOM   1326 O O   . GLN A 1 190 ? 5.145   12.952  -10.408 1.00 11.17 ? 236 GLN A O   1 
ATOM   1327 C CB  . GLN A 1 190 ? 3.247   12.826  -7.710  1.00 9.22  ? 236 GLN A CB  1 
ATOM   1328 C CG  . GLN A 1 190 ? 4.653   13.418  -7.461  1.00 11.81 ? 236 GLN A CG  1 
ATOM   1329 C CD  . GLN A 1 190 ? 4.873   13.530  -5.990  1.00 12.95 ? 236 GLN A CD  1 
ATOM   1330 O OE1 . GLN A 1 190 ? 4.044   13.324  -5.129  1.00 14.76 ? 236 GLN A OE1 1 
ATOM   1331 N NE2 . GLN A 1 190 ? 6.122   13.805  -5.629  1.00 15.72 ? 236 GLN A NE2 1 
ATOM   1332 N N   . TYR A 1 191 ? 4.148   10.933  -10.181 1.00 7.17  ? 237 TYR A N   1 
ATOM   1333 C CA  . TYR A 1 191 ? 5.281   10.257  -10.877 1.00 5.95  ? 237 TYR A CA  1 
ATOM   1334 C C   . TYR A 1 191 ? 5.011   9.859   -12.311 1.00 6.63  ? 237 TYR A C   1 
ATOM   1335 O O   . TYR A 1 191 ? 5.896   9.158   -12.832 1.00 6.18  ? 237 TYR A O   1 
ATOM   1336 C CB  . TYR A 1 191 ? 5.683   9.019   -10.041 1.00 7.28  ? 237 TYR A CB  1 
ATOM   1337 C CG  . TYR A 1 191 ? 6.087   9.367   -8.609  1.00 8.13  ? 237 TYR A CG  1 
ATOM   1338 C CD1 . TYR A 1 191 ? 7.147   10.224  -8.378  1.00 7.85  ? 237 TYR A CD1 1 
ATOM   1339 C CD2 . TYR A 1 191 ? 5.428   8.826   -7.512  1.00 10.83 ? 237 TYR A CD2 1 
ATOM   1340 C CE1 . TYR A 1 191 ? 7.518   10.568  -7.091  1.00 10.49 ? 237 TYR A CE1 1 
ATOM   1341 C CE2 . TYR A 1 191 ? 5.814   9.097   -6.189  1.00 11.76 ? 237 TYR A CE2 1 
ATOM   1342 C CZ  . TYR A 1 191 ? 6.873   10.001  -5.998  1.00 11.67 ? 237 TYR A CZ  1 
ATOM   1343 O OH  . TYR A 1 191 ? 7.335   10.409  -4.780  1.00 12.19 ? 237 TYR A OH  1 
ATOM   1344 N N   . GLY A 1 192 ? 3.855   10.285  -12.847 1.00 7.17  ? 238 GLY A N   1 
ATOM   1345 C CA  . GLY A 1 192 ? 3.587   9.950   -14.281 1.00 8.45  ? 238 GLY A CA  1 
ATOM   1346 C C   . GLY A 1 192 ? 3.428   8.440   -14.446 1.00 8.88  ? 238 GLY A C   1 
ATOM   1347 O O   . GLY A 1 192 ? 3.892   7.907   -15.497 1.00 9.79  ? 238 GLY A O   1 
ATOM   1348 N N   . LEU A 1 193 ? 2.797   7.753   -13.471 1.00 7.50  ? 239 LEU A N   1 
ATOM   1349 C CA  . LEU A 1 193 ? 2.672   6.287   -13.651 1.00 7.59  ? 239 LEU A CA  1 
ATOM   1350 C C   . LEU A 1 193 ? 1.332   5.855   -14.228 1.00 7.03  ? 239 LEU A C   1 
ATOM   1351 O O   . LEU A 1 193 ? 0.331   6.603   -14.005 1.00 6.20  ? 239 LEU A O   1 
ATOM   1352 C CB  . LEU A 1 193 ? 2.804   5.674   -12.219 1.00 5.59  ? 239 LEU A CB  1 
ATOM   1353 C CG  . LEU A 1 193 ? 4.064   6.108   -11.466 1.00 6.06  ? 239 LEU A CG  1 
ATOM   1354 C CD1 . LEU A 1 193 ? 4.052   5.601   -10.031 1.00 6.37  ? 239 LEU A CD1 1 
ATOM   1355 C CD2 . LEU A 1 193 ? 5.286   5.517   -12.195 1.00 7.30  ? 239 LEU A CD2 1 
ATOM   1356 N N   . SER A 1 194 ? 1.312   4.675   -14.830 1.00 7.06  ? 240 SER A N   1 
ATOM   1357 C CA  . SER A 1 194 ? 0.013   4.139   -15.301 1.00 9.17  ? 240 SER A CA  1 
ATOM   1358 C C   . SER A 1 194 ? -0.245  2.821   -14.570 1.00 8.79  ? 240 SER A C   1 
ATOM   1359 O O   . SER A 1 194 ? 0.704   2.021   -14.484 1.00 8.64  ? 240 SER A O   1 
ATOM   1360 C CB  . SER A 1 194 ? 0.008   3.772   -16.798 1.00 12.46 ? 240 SER A CB  1 
ATOM   1361 O OG  . SER A 1 194 ? 0.116   5.112   -17.378 1.00 18.95 ? 240 SER A OG  1 
ATOM   1362 N N   . LEU A 1 195 ? -1.455  2.612   -14.119 1.00 8.22  ? 241 LEU A N   1 
ATOM   1363 C CA  . LEU A 1 195 ? -1.749  1.360   -13.372 1.00 8.84  ? 241 LEU A CA  1 
ATOM   1364 C C   . LEU A 1 195 ? -1.802  0.162   -14.293 1.00 8.68  ? 241 LEU A C   1 
ATOM   1365 O O   . LEU A 1 195 ? -2.331  0.418   -15.402 1.00 9.98  ? 241 LEU A O   1 
ATOM   1366 C CB  . LEU A 1 195 ? -3.159  1.630   -12.797 1.00 8.79  ? 241 LEU A CB  1 
ATOM   1367 C CG  . LEU A 1 195 ? -3.580  0.794   -11.610 1.00 10.75 ? 241 LEU A CG  1 
ATOM   1368 C CD1 . LEU A 1 195 ? -2.646  0.745   -10.376 1.00 8.43  ? 241 LEU A CD1 1 
ATOM   1369 C CD2 . LEU A 1 195 ? -4.911  1.486   -11.208 1.00 10.94 ? 241 LEU A CD2 1 
ATOM   1370 N N   . VAL A 1 196 ? -1.370  -1.002  -13.928 1.00 7.44  ? 242 VAL A N   1 
ATOM   1371 C CA  . VAL A 1 196 ? -1.525  -2.173  -14.831 1.00 7.21  ? 242 VAL A CA  1 
ATOM   1372 C C   . VAL A 1 196 ? -2.912  -2.711  -14.559 1.00 9.51  ? 242 VAL A C   1 
ATOM   1373 O O   . VAL A 1 196 ? -3.149  -2.948  -13.327 1.00 7.83  ? 242 VAL A O   1 
ATOM   1374 C CB  . VAL A 1 196 ? -0.414  -3.135  -14.394 1.00 8.72  ? 242 VAL A CB  1 
ATOM   1375 C CG1 . VAL A 1 196 ? -0.583  -4.487  -15.078 1.00 9.18  ? 242 VAL A CG1 1 
ATOM   1376 C CG2 . VAL A 1 196 ? 0.974   -2.531  -14.649 1.00 6.26  ? 242 VAL A CG2 1 
ATOM   1377 N N   . THR A 1 197 ? -3.802  -2.874  -15.513 1.00 9.49  ? 243 THR A N   1 
ATOM   1378 C CA  . THR A 1 197 ? -5.189  -3.393  -15.238 1.00 8.75  ? 243 THR A CA  1 
ATOM   1379 C C   . THR A 1 197 ? -5.517  -4.637  -16.017 1.00 7.77  ? 243 THR A C   1 
ATOM   1380 O O   . THR A 1 197 ? -4.763  -4.981  -16.918 1.00 8.13  ? 243 THR A O   1 
ATOM   1381 C CB  . THR A 1 197 ? -6.275  -2.276  -15.439 1.00 9.02  ? 243 THR A CB  1 
ATOM   1382 O OG1 . THR A 1 197 ? -6.122  -1.918  -16.888 1.00 9.43  ? 243 THR A OG1 1 
ATOM   1383 C CG2 . THR A 1 197 ? -5.963  -1.057  -14.546 1.00 10.10 ? 243 THR A CG2 1 
ATOM   1384 N N   . GLY A 1 198 ? -6.541  -5.381  -15.715 1.00 8.42  ? 244 GLY A N   1 
ATOM   1385 C CA  . GLY A 1 198 ? -6.869  -6.625  -16.409 1.00 8.97  ? 244 GLY A CA  1 
ATOM   1386 C C   . GLY A 1 198 ? -8.372  -6.816  -16.472 1.00 11.77 ? 244 GLY A C   1 
ATOM   1387 O O   . GLY A 1 198 ? -8.771  -7.975  -16.660 1.00 14.99 ? 244 GLY A O   1 
ATOM   1388 O OXT . GLY A 1 198 ? -9.140  -5.877  -16.343 1.00 14.80 ? 244 GLY A OXT 1 
ATOM   1389 N N   . ALA B 2 2   ? -1.530  6.732   16.411  1.00 28.47 ? 4   ALA P N   1 
ATOM   1390 C CA  . ALA B 2 2   ? -1.069  6.341   15.072  1.00 25.36 ? 4   ALA P CA  1 
ATOM   1391 C C   . ALA B 2 2   ? 0.425   6.181   14.805  1.00 22.36 ? 4   ALA P C   1 
ATOM   1392 O O   . ALA B 2 2   ? 1.257   7.050   15.154  1.00 23.63 ? 4   ALA P O   1 
ATOM   1393 C CB  . ALA B 2 2   ? -1.475  7.286   13.956  1.00 27.58 ? 4   ALA P CB  1 
ATOM   1394 N N   . ALA B 2 3   ? 0.708   5.064   14.149  1.00 18.01 ? 3   ALA P N   1 
ATOM   1395 C CA  . ALA B 2 3   ? 2.130   4.814   13.821  1.00 14.59 ? 3   ALA P CA  1 
ATOM   1396 C C   . ALA B 2 3   ? 2.096   4.214   12.424  1.00 12.87 ? 3   ALA P C   1 
ATOM   1397 O O   . ALA B 2 3   ? 1.081   3.606   12.088  1.00 11.08 ? 3   ALA P O   1 
ATOM   1398 C CB  . ALA B 2 3   ? 2.697   3.822   14.823  1.00 15.05 ? 3   ALA P CB  1 
ATOM   1399 N N   . PRO B 2 4   ? 3.204   4.416   11.754  1.00 12.65 ? 2   PRO P N   1 
ATOM   1400 C CA  . PRO B 2 4   ? 3.361   3.808   10.409  1.00 12.77 ? 2   PRO P CA  1 
ATOM   1401 C C   . PRO B 2 4   ? 3.440   2.277   10.571  1.00 14.12 ? 2   PRO P C   1 
ATOM   1402 O O   . PRO B 2 4   ? 4.032   1.845   11.604  1.00 15.40 ? 2   PRO P O   1 
ATOM   1403 C CB  . PRO B 2 4   ? 4.740   4.332   9.988   1.00 11.02 ? 2   PRO P CB  1 
ATOM   1404 C CG  . PRO B 2 4   ? 4.997   5.531   10.871  1.00 13.07 ? 2   PRO P CG  1 
ATOM   1405 C CD  . PRO B 2 4   ? 4.430   5.093   12.225  1.00 11.66 ? 2   PRO P CD  1 
HETATM 1406 N N   . BNO B 2 5   ? 2.934   1.507   9.628   1.00 13.51 ? 1   BNO P N   1 
HETATM 1407 C CA  . BNO B 2 5   ? 3.044   0.031   9.660   1.00 15.12 ? 1   BNO P CA  1 
HETATM 1408 C CB  . BNO B 2 5   ? 1.633   -0.560  9.775   1.00 15.78 ? 1   BNO P CB  1 
HETATM 1409 C CG  . BNO B 2 5   ? 0.905   -0.228  11.054  1.00 15.14 ? 1   BNO P CG  1 
HETATM 1410 C CD  . BNO B 2 5   ? -0.517  -0.796  10.923  1.00 17.37 ? 1   BNO P CD  1 
HETATM 1411 C CE  . BNO B 2 5   ? -1.447  -0.400  12.071  1.00 16.92 ? 1   BNO P CE  1 
HETATM 1412 B B   . BNO B 2 5   ? 3.817   -0.476  8.394   1.00 12.97 ? 1   BNO P B   1 
HETATM 1413 O O1  . BNO B 2 5   ? 3.790   -1.931  8.180   1.00 12.57 ? 1   BNO P O1  1 
HETATM 1414 O O2  . BNO B 2 5   ? 5.217   0.101   8.324   1.00 13.14 ? 1   BNO P O2  1 
HETATM 1415 S S   . SO4 C 3 .   ? -4.937  15.246  -6.329  0.76 25.30 ? 1   SO4 A S   1 
HETATM 1416 O O1  . SO4 C 3 .   ? -4.923  16.614  -6.909  0.98 28.17 ? 1   SO4 A O1  1 
HETATM 1417 O O2  . SO4 C 3 .   ? -4.753  15.356  -4.860  0.86 24.99 ? 1   SO4 A O2  1 
HETATM 1418 O O3  . SO4 C 3 .   ? -6.152  14.434  -6.553  0.13 27.25 ? 1   SO4 A O3  1 
HETATM 1419 O O4  . SO4 C 3 .   ? -3.832  14.473  -7.017  0.42 26.26 ? 1   SO4 A O4  1 
HETATM 1420 O O   . HOH D 4 .   ? 5.414   -7.557  -16.964 0.93 12.07 ? 245 HOH A O   1 
HETATM 1421 O O   . HOH D 4 .   ? -14.499 2.882   -7.141  0.87 31.43 ? 246 HOH A O   1 
HETATM 1422 O O   . HOH D 4 .   ? -15.566 2.810   -11.518 0.93 8.00  ? 247 HOH A O   1 
HETATM 1423 O O   . HOH D 4 .   ? -2.214  -3.541  3.497   0.99 7.61  ? 248 HOH A O   1 
HETATM 1424 O O   . HOH D 4 .   ? 20.889  -4.251  0.593   0.90 22.99 ? 249 HOH A O   1 
HETATM 1425 O O   . HOH D 4 .   ? -8.304  -3.665  -17.717 0.81 20.66 ? 250 HOH A O   1 
HETATM 1426 O O   . HOH D 4 .   ? 14.052  -8.775  6.964   1.00 17.19 ? 251 HOH A O   1 
HETATM 1427 O O   . HOH D 4 .   ? 12.909  0.833   5.713   0.72 28.60 ? 252 HOH A O   1 
HETATM 1428 O O   . HOH D 4 .   ? 11.820  -2.008  -15.732 0.91 13.30 ? 253 HOH A O   1 
HETATM 1429 O O   . HOH D 4 .   ? -10.141 4.577   -13.579 0.77 14.11 ? 254 HOH A O   1 
HETATM 1430 O O   . HOH D 4 .   ? -5.989  4.479   -13.433 0.85 11.44 ? 255 HOH A O   1 
HETATM 1431 O O   . HOH D 4 .   ? -9.822  8.344   -0.733  1.00 7.93  ? 256 HOH A O   1 
HETATM 1432 O O   . HOH D 4 .   ? -12.222 -7.064  -9.897  0.67 13.02 ? 257 HOH A O   1 
HETATM 1433 O O   . HOH D 4 .   ? -3.672  4.560   -14.581 0.90 12.10 ? 258 HOH A O   1 
HETATM 1434 O O   . HOH D 4 .   ? 9.492   -11.816 -0.314  0.70 17.27 ? 259 HOH A O   1 
HETATM 1435 O O   . HOH D 4 .   ? -16.383 -4.331  3.719   1.00 26.74 ? 260 HOH A O   1 
HETATM 1436 O O   . HOH D 4 .   ? 14.196  -0.513  -16.765 0.79 39.65 ? 261 HOH A O   1 
HETATM 1437 O O   . HOH D 4 .   ? 7.141   17.178  5.778   0.71 26.90 ? 262 HOH A O   1 
HETATM 1438 O O   . HOH D 4 .   ? 12.134  -13.951 -5.915  0.83 24.35 ? 263 HOH A O   1 
HETATM 1439 O O   . HOH D 4 .   ? -12.086 9.021   -9.050  0.85 17.80 ? 264 HOH A O   1 
HETATM 1440 O O   . HOH D 4 .   ? -10.960 -5.989  9.237   1.00 17.37 ? 265 HOH A O   1 
HETATM 1441 O O   . HOH D 4 .   ? 3.426   4.085   -18.614 0.68 14.57 ? 266 HOH A O   1 
HETATM 1442 O O   . HOH D 4 .   ? -2.606  -10.561 1.477   0.77 15.92 ? 267 HOH A O   1 
HETATM 1443 O O   . HOH D 4 .   ? 5.418   16.682  8.264   0.81 15.60 ? 268 HOH A O   1 
HETATM 1444 O O   . HOH D 4 .   ? 10.481  12.961  1.748   0.64 12.62 ? 269 HOH A O   1 
HETATM 1445 O O   . HOH D 4 .   ? 9.249   12.044  -4.602  0.90 19.81 ? 270 HOH A O   1 
HETATM 1446 O O   . HOH D 4 .   ? 7.937   -15.319 -11.266 1.00 26.25 ? 271 HOH A O   1 
HETATM 1447 O O   . HOH D 4 .   ? -7.142  -11.605 -11.120 0.56 2.00  ? 272 HOH A O   1 
HETATM 1448 O O   . HOH D 4 .   ? -3.490  10.715  0.498   0.99 6.68  ? 273 HOH A O   1 
HETATM 1449 O O   . HOH D 4 .   ? -13.466 -8.863  -1.846  1.00 33.33 ? 274 HOH A O   1 
HETATM 1450 O O   . HOH D 4 .   ? 12.191  11.232  -4.235  0.55 3.13  ? 275 HOH A O   1 
HETATM 1451 O O   . HOH D 4 .   ? -10.526 12.999  -2.016  0.85 30.57 ? 276 HOH A O   1 
HETATM 1452 O O   . HOH D 4 .   ? -12.381 -8.662  6.682   0.67 9.32  ? 277 HOH A O   1 
HETATM 1453 O O   . HOH D 4 .   ? 2.561   6.454   -17.436 0.73 14.96 ? 278 HOH A O   1 
HETATM 1454 O O   . HOH D 4 .   ? 11.606  13.340  9.805   0.65 14.95 ? 279 HOH A O   1 
HETATM 1455 O O   . HOH D 4 .   ? -5.068  16.173  6.380   0.98 18.47 ? 280 HOH A O   1 
HETATM 1456 O O   . HOH D 4 .   ? 15.488  9.425   0.572   0.70 17.92 ? 281 HOH A O   1 
HETATM 1457 O O   . HOH D 4 .   ? -3.732  13.765  -9.378  0.76 14.19 ? 282 HOH A O   1 
HETATM 1458 O O   . HOH D 4 .   ? -4.010  -12.693 1.401   0.99 12.25 ? 283 HOH A O   1 
HETATM 1459 O O   . HOH D 4 .   ? -3.975  10.556  -11.222 0.73 15.54 ? 284 HOH A O   1 
HETATM 1460 O O   . HOH D 4 .   ? -8.195  -13.991 2.437   0.87 10.35 ? 285 HOH A O   1 
HETATM 1461 O O   . HOH D 4 .   ? 10.150  9.364   -10.227 0.89 14.42 ? 286 HOH A O   1 
HETATM 1462 O O   . HOH D 4 .   ? -3.077  -15.053 -3.917  0.77 15.87 ? 287 HOH A O   1 
HETATM 1463 O O   . HOH D 4 .   ? -0.611  12.681  1.704   1.00 9.71  ? 288 HOH A O   1 
HETATM 1464 O O   . HOH D 4 .   ? -11.158 -12.530 -4.510  0.59 26.64 ? 289 HOH A O   1 
HETATM 1465 O O   . HOH D 4 .   ? -2.015  -14.454 -0.016  0.94 31.41 ? 290 HOH A O   1 
HETATM 1466 O O   . HOH D 4 .   ? -6.063  -13.340 3.668   0.58 7.05  ? 291 HOH A O   1 
HETATM 1467 O O   . HOH D 4 .   ? -6.054  3.170   20.357  0.93 45.05 ? 292 HOH A O   1 
HETATM 1468 O O   . HOH D 4 .   ? -12.001 5.557   14.835  0.82 34.25 ? 293 HOH A O   1 
HETATM 1469 O O   . HOH D 4 .   ? -15.521 0.112   -6.781  0.99 14.98 ? 294 HOH A O   1 
HETATM 1470 O O   . HOH D 4 .   ? 18.688  1.157   5.863   0.55 20.14 ? 295 HOH A O   1 
HETATM 1471 O O   . HOH D 4 .   ? -12.401 3.181   -13.470 0.74 9.80  ? 296 HOH A O   1 
HETATM 1472 O O   . HOH D 4 .   ? 8.819   -0.196  7.755   0.63 28.89 ? 297 HOH A O   1 
HETATM 1473 O O   . HOH D 4 .   ? -18.155 7.826   8.275   0.62 25.37 ? 298 HOH A O   1 
HETATM 1474 O O   . HOH D 4 .   ? 20.221  -2.310  5.921   0.78 13.91 ? 299 HOH A O   1 
HETATM 1475 O O   . HOH D 4 .   ? -11.498 6.046   -1.240  0.66 14.67 ? 300 HOH A O   1 
HETATM 1476 O O   . HOH D 4 .   ? 4.284   -4.781  20.483  0.96 27.15 ? 301 HOH A O   1 
HETATM 1477 O O   . HOH D 4 .   ? -8.946  -10.291 11.493  0.79 35.80 ? 302 HOH A O   1 
HETATM 1478 O O   . HOH D 4 .   ? -20.374 9.575   1.349   0.41 14.00 ? 303 HOH A O   1 
HETATM 1479 O O   . HOH D 4 .   ? 14.887  -10.232 5.511   0.87 29.72 ? 304 HOH A O   1 
HETATM 1480 O O   . HOH D 4 .   ? 12.533  -10.714 0.219   0.95 28.34 ? 305 HOH A O   1 
HETATM 1481 O O   . HOH D 4 .   ? -6.343  -9.744  16.857  0.49 15.77 ? 306 HOH A O   1 
HETATM 1482 O O   . HOH D 4 .   ? 11.216  11.789  15.323  0.50 7.71  ? 307 HOH A O   1 
HETATM 1483 O O   . HOH D 4 .   ? 0.189   -8.400  13.933  0.75 21.20 ? 308 HOH A O   1 
HETATM 1484 O O   . HOH D 4 .   ? 15.992  3.002   3.660   0.90 38.35 ? 309 HOH A O   1 
HETATM 1485 O O   . HOH D 4 .   ? -17.879 -2.060  15.939  0.65 38.53 ? 310 HOH A O   1 
HETATM 1486 O O   . HOH D 4 .   ? 8.569   15.399  3.492   0.84 28.86 ? 311 HOH A O   1 
HETATM 1487 O O   . HOH D 4 .   ? 7.349   14.301  -9.630  0.56 27.23 ? 312 HOH A O   1 
HETATM 1488 O O   . HOH D 4 .   ? -2.220  6.929   -14.409 0.73 5.39  ? 313 HOH A O   1 
HETATM 1489 O O   . HOH D 4 .   ? -3.186  -6.314  21.916  1.00 29.44 ? 314 HOH A O   1 
HETATM 1490 O O   . HOH D 4 .   ? 13.304  1.103   -18.393 0.86 23.48 ? 315 HOH A O   1 
HETATM 1491 O O   . HOH D 4 .   ? 6.630   -15.603 -14.213 0.82 20.55 ? 316 HOH A O   1 
HETATM 1492 O O   . HOH D 4 .   ? -14.526 12.845  6.072   0.47 4.55  ? 317 HOH A O   1 
HETATM 1493 O O   . HOH D 4 .   ? -2.374  10.922  15.065  0.66 23.37 ? 318 HOH A O   1 
HETATM 1494 O O   . HOH D 4 .   ? 3.689   -12.218 0.819   0.73 17.78 ? 319 HOH A O   1 
HETATM 1495 O O   . HOH D 4 .   ? 0.127   -11.380 1.070   0.55 12.24 ? 320 HOH A O   1 
HETATM 1496 O O   . HOH D 4 .   ? -11.623 -9.837  -9.371  0.69 21.29 ? 321 HOH A O   1 
HETATM 1497 O O   . HOH D 4 .   ? 9.957   16.867  5.687   0.47 27.04 ? 322 HOH A O   1 
HETATM 1498 O O   . HOH D 4 .   ? -1.300  14.607  -2.370  0.72 11.19 ? 323 HOH A O   1 
HETATM 1499 O O   . HOH D 4 .   ? -11.104 -17.993 -5.999  0.59 33.69 ? 324 HOH A O   1 
HETATM 1500 O O   . HOH D 4 .   ? 18.762  4.566   0.467   0.71 22.85 ? 325 HOH A O   1 
HETATM 1501 O O   . HOH D 4 .   ? -0.714  -12.459 4.004   0.63 20.66 ? 326 HOH A O   1 
HETATM 1502 O O   . HOH D 4 .   ? -9.062  13.432  0.156   0.81 23.90 ? 327 HOH A O   1 
HETATM 1503 O O   . HOH D 4 .   ? -0.215  -14.267 -3.797  0.56 25.75 ? 328 HOH A O   1 
HETATM 1504 O O   . HOH D 4 .   ? -8.544  -12.544 5.489   0.94 49.06 ? 329 HOH A O   1 
HETATM 1505 O O   . HOH D 4 .   ? 16.858  -4.138  -16.287 1.00 35.67 ? 330 HOH A O   1 
HETATM 1506 O O   . HOH D 4 .   ? 12.889  -12.894 -8.888  0.71 26.61 ? 331 HOH A O   1 
HETATM 1507 O O   . HOH D 4 .   ? 12.314  6.064   6.019   0.70 32.53 ? 332 HOH A O   1 
HETATM 1508 O O   . HOH D 4 .   ? -8.502  -13.936 -11.619 0.51 10.32 ? 333 HOH A O   1 
HETATM 1509 O O   . HOH D 4 .   ? 6.410   -12.102 -1.240  0.75 18.69 ? 334 HOH A O   1 
HETATM 1510 O O   . HOH D 4 .   ? -5.511  -5.491  17.986  0.96 13.46 ? 335 HOH A O   1 
HETATM 1511 O O   . HOH D 4 .   ? -8.025  11.587  2.055   1.00 8.54  ? 336 HOH A O   1 
HETATM 1512 O O   . HOH D 4 .   ? -18.863 5.800   7.188   0.59 30.25 ? 337 HOH A O   1 
HETATM 1513 O O   . HOH D 4 .   ? 15.917  -10.229 2.562   0.61 19.79 ? 338 HOH A O   1 
HETATM 1514 O O   . HOH D 4 .   ? -7.141  7.908   -5.360  1.00 10.05 ? 339 HOH A O   1 
HETATM 1515 O O   . HOH D 4 .   ? -12.935 7.584   -12.515 0.71 32.88 ? 340 HOH A O   1 
HETATM 1516 O O   . HOH D 4 .   ? 15.222  -0.992  5.738   0.64 23.41 ? 341 HOH A O   1 
HETATM 1517 O O   . HOH D 4 .   ? 14.692  3.146   5.763   0.43 21.45 ? 342 HOH A O   1 
HETATM 1518 O O   . HOH D 4 .   ? -1.263  -4.700  -8.837  0.86 2.41  ? 343 HOH A O   1 
HETATM 1519 O O   . HOH D 4 .   ? 7.132   -2.386  8.043   1.00 26.50 ? 344 HOH A O   1 
HETATM 1520 O O   . HOH D 4 .   ? 0.456   0.257   -17.795 1.00 38.78 ? 345 HOH A O   1 
HETATM 1521 O O   . HOH D 4 .   ? 9.218   -13.327 -12.374 0.70 39.30 ? 346 HOH A O   1 
HETATM 1522 O O   . HOH D 4 .   ? 0.257   -13.295 -0.559  0.81 30.20 ? 347 HOH A O   1 
HETATM 1523 O O   . HOH D 4 .   ? -3.226  -7.173  -18.080 0.69 35.83 ? 348 HOH A O   1 
HETATM 1524 O O   . HOH D 4 .   ? -14.006 -10.781 1.809   0.98 37.52 ? 349 HOH A O   1 
HETATM 1525 O O   . HOH D 4 .   ? -15.501 -3.933  -1.621  0.86 31.16 ? 350 HOH A O   1 
HETATM 1526 O O   . HOH D 4 .   ? 4.709   7.306   15.365  0.94 12.81 ? 351 HOH A O   1 
HETATM 1527 O O   . HOH D 4 .   ? -16.544 11.424  -0.059  1.00 23.60 ? 352 HOH A O   1 
HETATM 1528 O O   . HOH D 4 .   ? 10.480  5.787   -16.693 0.92 25.06 ? 353 HOH A O   1 
HETATM 1529 O O   . HOH D 4 .   ? -12.452 4.151   10.958  0.85 19.22 ? 354 HOH A O   1 
HETATM 1530 O O   . HOH D 4 .   ? 15.891  -6.130  0.775   0.89 8.37  ? 355 HOH A O   1 
HETATM 1531 O O   . HOH D 4 .   ? 4.446   -0.122  16.106  0.96 35.71 ? 356 HOH A O   1 
HETATM 1532 O O   . HOH D 4 .   ? -2.120  14.288  0.179   0.44 9.15  ? 357 HOH A O   1 
HETATM 1533 O O   . HOH D 4 .   ? 14.737  -11.031 -9.382  0.66 28.96 ? 358 HOH A O   1 
HETATM 1534 O O   . HOH D 4 .   ? -13.368 0.230   -14.643 1.00 38.70 ? 359 HOH A O   1 
HETATM 1535 O O   . HOH D 4 .   ? -8.300  5.837   -6.250  1.00 12.96 ? 360 HOH A O   1 
HETATM 1536 O O   . HOH D 4 .   ? -17.247 -1.917  -5.094  0.75 34.24 ? 361 HOH A O   1 
HETATM 1537 O O   . HOH D 4 .   ? -9.112  6.549   -2.542  0.87 29.68 ? 362 HOH A O   1 
HETATM 1538 O O   . HOH D 4 .   ? 11.040  12.001  -8.931  0.76 32.92 ? 363 HOH A O   1 
HETATM 1539 O O   . HOH D 4 .   ? 11.295  -11.163 2.540   0.81 38.53 ? 364 HOH A O   1 
HETATM 1540 O O   . HOH D 4 .   ? 2.514   -8.798  -17.345 0.61 32.82 ? 365 HOH A O   1 
HETATM 1541 O O   . HOH D 4 .   ? -7.166  -10.003 -16.728 0.68 27.25 ? 366 HOH A O   1 
HETATM 1542 O O   . HOH D 4 .   ? -14.660 9.308   -7.793  0.41 18.07 ? 367 HOH A O   1 
HETATM 1543 O O   . HOH D 4 .   ? -5.665  -5.768  20.919  0.85 22.92 ? 368 HOH A O   1 
HETATM 1544 O O   . HOH D 4 .   ? 11.012  13.411  -1.058  0.46 11.63 ? 369 HOH A O   1 
HETATM 1545 O O   . HOH D 4 .   ? 5.516   -13.242 -6.231  0.83 26.42 ? 370 HOH A O   1 
HETATM 1546 O O   . HOH D 4 .   ? 11.940  12.078  5.713   0.63 30.71 ? 371 HOH A O   1 
HETATM 1547 O O   . HOH D 4 .   ? 6.447   -13.807 -3.491  0.44 14.46 ? 372 HOH A O   1 
HETATM 1548 O O   . HOH D 4 .   ? 13.809  10.442  -6.698  0.67 23.17 ? 373 HOH A O   1 
HETATM 1549 O O   . HOH D 4 .   ? -21.075 7.758   5.025   0.72 59.29 ? 374 HOH A O   1 
HETATM 1550 O O   . HOH D 4 .   ? -12.087 -12.663 0.874   1.00 47.95 ? 375 HOH A O   1 
HETATM 1551 O O   . HOH D 4 .   ? 21.603  -10.640 0.438   0.51 31.90 ? 376 HOH A O   1 
HETATM 1552 O O   . HOH D 4 .   ? -6.482  5.798   18.425  0.51 27.52 ? 377 HOH A O   1 
HETATM 1553 O O   . HOH D 4 .   ? 8.287   10.436  -15.259 0.61 42.55 ? 378 HOH A O   1 
HETATM 1554 O O   . HOH D 4 .   ? 4.307   -7.925  12.247  0.49 15.89 ? 379 HOH A O   1 
HETATM 1555 O O   . HOH D 4 .   ? -22.067 3.148   1.004   0.58 34.70 ? 380 HOH A O   1 
HETATM 1556 O O   . HOH D 4 .   ? -1.983  -2.926  -10.861 0.97 2.00  ? 381 HOH A O   1 
HETATM 1557 O O   . HOH D 4 .   ? 1.393   4.986   2.877   0.88 48.30 ? 382 HOH A O   1 
HETATM 1558 O O   . HOH D 4 .   ? 12.315  8.088   7.300   0.62 41.00 ? 383 HOH A O   1 
HETATM 1559 O O   . HOH D 4 .   ? -15.340 -1.791  -11.018 1.00 40.91 ? 384 HOH A O   1 
HETATM 1560 O O   . HOH D 4 .   ? 7.292   -4.254  10.012  1.00 42.17 ? 385 HOH A O   1 
HETATM 1561 O O   . HOH D 4 .   ? -6.945  -5.082  -20.075 0.90 39.15 ? 386 HOH A O   1 
HETATM 1562 O O   . HOH D 4 .   ? -2.275  3.250   18.999  0.74 29.58 ? 387 HOH A O   1 
HETATM 1563 O O   . HOH D 4 .   ? 12.909  8.416   -11.424 0.48 29.21 ? 388 HOH A O   1 
HETATM 1564 O O   . HOH D 4 .   ? -2.794  -2.090  23.189  1.00 41.09 ? 389 HOH A O   1 
HETATM 1565 O O   . HOH D 4 .   ? -16.636 -2.712  9.066   0.41 11.06 ? 390 HOH A O   1 
HETATM 1566 O O   . HOH D 4 .   ? -11.191 -11.158 4.682   0.84 40.49 ? 391 HOH A O   1 
HETATM 1567 O O   . HOH D 4 .   ? -13.662 -10.262 4.588   0.90 37.12 ? 392 HOH A O   1 
HETATM 1568 O O   . HOH D 4 .   ? -14.207 -6.404  11.754  1.00 36.55 ? 393 HOH A O   1 
HETATM 1569 O O   . HOH D 4 .   ? -5.157  -11.548 -17.413 1.00 50.04 ? 394 HOH A O   1 
HETATM 1570 O O   . HOH D 4 .   ? -13.129 -6.920  18.562  0.86 42.39 ? 395 HOH A O   1 
HETATM 1571 O O   . HOH D 4 .   ? -16.132 -5.163  15.120  0.55 24.63 ? 396 HOH A O   1 
HETATM 1572 O O   . HOH D 4 .   ? -14.229 -3.953  9.355   0.60 30.62 ? 397 HOH A O   1 
HETATM 1573 O O   . HOH D 4 .   ? -5.194  -11.744 10.267  0.77 49.54 ? 398 HOH A O   1 
HETATM 1574 O O   . HOH D 4 .   ? -2.605  -13.112 9.233   0.62 29.74 ? 399 HOH A O   1 
HETATM 1575 O O   . HOH D 4 .   ? -7.267  14.688  10.972  0.50 18.86 ? 400 HOH A O   1 
HETATM 1576 O O   . HOH D 4 .   ? -4.914  10.158  13.036  0.71 37.24 ? 401 HOH A O   1 
HETATM 1577 O O   . HOH D 4 .   ? 14.309  -0.242  -12.832 0.68 35.33 ? 402 HOH A O   1 
HETATM 1578 O O   . HOH D 4 .   ? -2.182  1.788   22.305  0.49 32.56 ? 403 HOH A O   1 
HETATM 1579 O O   . HOH D 4 .   ? -5.969  -3.696  22.572  0.54 22.00 ? 404 HOH A O   1 
HETATM 1580 O O   . HOH D 4 .   ? 5.086   -10.673 11.681  0.73 33.11 ? 405 HOH A O   1 
HETATM 1581 O O   . HOH D 4 .   ? 6.191   -6.881  9.959   0.70 35.68 ? 406 HOH A O   1 
HETATM 1582 O O   . HOH D 4 .   ? -5.065  13.882  -0.376  0.83 30.72 ? 407 HOH A O   1 
HETATM 1583 O O   . HOH D 4 .   ? 5.256   -13.420 3.424   0.69 27.59 ? 408 HOH A O   1 
HETATM 1584 O O   . HOH D 4 .   ? 17.025  11.389  -6.577  0.71 32.33 ? 409 HOH A O   1 
HETATM 1585 O O   . HOH D 4 .   ? 16.931  4.703   -8.072  0.74 39.89 ? 410 HOH A O   1 
HETATM 1586 O O   . HOH D 4 .   ? 8.985   15.155  -4.443  0.41 22.67 ? 411 HOH A O   1 
HETATM 1587 O O   . HOH D 4 .   ? 16.151  -12.323 9.113   0.41 12.45 ? 412 HOH A O   1 
HETATM 1588 O O   . HOH D 4 .   ? 3.441   -13.752 -6.229  0.35 12.15 ? 413 HOH A O   1 
HETATM 1589 O O   . HOH D 4 .   ? 19.960  -10.736 -2.613  0.45 18.32 ? 414 HOH A O   1 
HETATM 1590 O O   . HOH D 4 .   ? -14.958 2.914   12.744  0.55 22.43 ? 415 HOH A O   1 
HETATM 1591 O O   . HOH E 4 .   ? 8.948   2.322   10.375  0.93 37.58 ? 87  HOH P O   1 
HETATM 1592 O O   . HOH E 4 .   ? 6.736   1.035   10.802  0.83 28.63 ? 90  HOH P O   1 
HETATM 1593 O O   . HOH E 4 .   ? 4.424   0.379   13.894  1.00 33.02 ? 103 HOH P O   1 
# 
